data_7BHN
# 
_entry.id   7BHN 
# 
_audit_conform.dict_name       mmcif_pdbx.dic 
_audit_conform.dict_version    5.397 
_audit_conform.dict_location   http://mmcif.pdb.org/dictionaries/ascii/mmcif_pdbx.dic 
# 
loop_
_database_2.database_id 
_database_2.database_code 
_database_2.pdbx_database_accession 
_database_2.pdbx_DOI 
PDB   7BHN         pdb_00007bhn 10.2210/pdb7bhn/pdb 
WWPDB D_1292113414 ?            ?                   
# 
loop_
_pdbx_audit_revision_history.ordinal 
_pdbx_audit_revision_history.data_content_type 
_pdbx_audit_revision_history.major_revision 
_pdbx_audit_revision_history.minor_revision 
_pdbx_audit_revision_history.revision_date 
1 'Structure model' 1 0 2021-07-21 
2 'Structure model' 1 1 2021-08-04 
3 'Structure model' 1 2 2024-01-31 
4 'Structure model' 1 3 2024-10-16 
# 
_pdbx_audit_revision_details.ordinal             1 
_pdbx_audit_revision_details.revision_ordinal    1 
_pdbx_audit_revision_details.data_content_type   'Structure model' 
_pdbx_audit_revision_details.provider            repository 
_pdbx_audit_revision_details.type                'Initial release' 
_pdbx_audit_revision_details.description         ? 
_pdbx_audit_revision_details.details             ? 
# 
loop_
_pdbx_audit_revision_group.ordinal 
_pdbx_audit_revision_group.revision_ordinal 
_pdbx_audit_revision_group.data_content_type 
_pdbx_audit_revision_group.group 
1 2 'Structure model' 'Database references'    
2 3 'Structure model' 'Data collection'        
3 3 'Structure model' 'Database references'    
4 3 'Structure model' 'Refinement description' 
5 4 'Structure model' 'Structure summary'      
# 
loop_
_pdbx_audit_revision_category.ordinal 
_pdbx_audit_revision_category.revision_ordinal 
_pdbx_audit_revision_category.data_content_type 
_pdbx_audit_revision_category.category 
1 2 'Structure model' citation                      
2 2 'Structure model' citation_author               
3 3 'Structure model' chem_comp_atom                
4 3 'Structure model' chem_comp_bond                
5 3 'Structure model' database_2                    
6 3 'Structure model' pdbx_initial_refinement_model 
7 4 'Structure model' pdbx_entry_details            
8 4 'Structure model' pdbx_modification_feature     
# 
loop_
_pdbx_audit_revision_item.ordinal 
_pdbx_audit_revision_item.revision_ordinal 
_pdbx_audit_revision_item.data_content_type 
_pdbx_audit_revision_item.item 
1  2 'Structure model' '_citation.country'                            
2  2 'Structure model' '_citation.journal_abbrev'                     
3  2 'Structure model' '_citation.journal_id_CSD'                     
4  2 'Structure model' '_citation.journal_id_ISSN'                    
5  2 'Structure model' '_citation.journal_volume'                     
6  2 'Structure model' '_citation.page_first'                         
7  2 'Structure model' '_citation.page_last'                          
8  2 'Structure model' '_citation.pdbx_database_id_DOI'               
9  2 'Structure model' '_citation.pdbx_database_id_PubMed'            
10 2 'Structure model' '_citation.year'                               
11 2 'Structure model' '_citation_author.identifier_ORCID'            
12 2 'Structure model' '_citation_author.name'                        
13 3 'Structure model' '_database_2.pdbx_DOI'                         
14 3 'Structure model' '_database_2.pdbx_database_accession'          
15 4 'Structure model' '_pdbx_entry_details.has_protein_modification' 
# 
_pdbx_database_status.status_code                     REL 
_pdbx_database_status.status_code_sf                  REL 
_pdbx_database_status.status_code_mr                  ? 
_pdbx_database_status.entry_id                        7BHN 
_pdbx_database_status.recvd_initial_deposition_date   2021-01-11 
_pdbx_database_status.SG_entry                        N 
_pdbx_database_status.deposit_site                    PDBE 
_pdbx_database_status.process_site                    PDBE 
_pdbx_database_status.status_code_cs                  ? 
_pdbx_database_status.status_code_nmr_data            ? 
_pdbx_database_status.methods_development_category    ? 
_pdbx_database_status.pdb_format_compatible           Y 
# 
loop_
_pdbx_database_related.db_name 
_pdbx_database_related.details 
_pdbx_database_related.db_id 
_pdbx_database_related.content_type 
PDB 'resting state'                                  7BHK unspecified 
PDB '0.2 s after mixing with N-acetyl-D-glucosamine' 7BHL unspecified 
PDB '0.7 s after mixing with N-acetyl-D-glucosamine' 7BHM unspecified 
# 
loop_
_audit_author.name 
_audit_author.pdbx_ordinal 
_audit_author.identifier_ORCID 
'Butryn, A.'    1 ? 
'Orville, A.M.' 2 ? 
# 
_citation.abstract                  ? 
_citation.abstract_id_CAS           ? 
_citation.book_id_ISBN              ? 
_citation.book_publisher            ? 
_citation.book_publisher_city       ? 
_citation.book_title                ? 
_citation.coordinate_linkage        ? 
_citation.country                   UK 
_citation.database_id_Medline       ? 
_citation.details                   ? 
_citation.id                        primary 
_citation.journal_abbrev            'Nat Commun' 
_citation.journal_id_ASTM           ? 
_citation.journal_id_CSD            ? 
_citation.journal_id_ISSN           2041-1723 
_citation.journal_full              ? 
_citation.journal_issue             ? 
_citation.journal_volume            12 
_citation.language                  ? 
_citation.page_first                4461 
_citation.page_last                 4461 
_citation.title                     'An on-demand, drop-on-drop method for studying enzyme catalysis by serial crystallography.' 
_citation.year                      2021 
_citation.database_id_CSD           ? 
_citation.pdbx_database_id_DOI      10.1038/s41467-021-24757-7 
_citation.pdbx_database_id_PubMed   34294694 
_citation.unpublished_flag          ? 
# 
loop_
_citation_author.citation_id 
_citation_author.name 
_citation_author.ordinal 
_citation_author.identifier_ORCID 
primary 'Butryn, A.'      1  0000-0002-5227-4770 
primary 'Simon, P.S.'     2  0000-0002-2859-4475 
primary 'Aller, P.'       3  0000-0002-1793-7030 
primary 'Hinchliffe, P.'  4  ?                   
primary 'Massad, R.N.'    5  ?                   
primary 'Leen, G.'        6  ?                   
primary 'Tooke, C.L.'     7  ?                   
primary 'Bogacz, I.'      8  ?                   
primary 'Kim, I.S.'       9  ?                   
primary 'Bhowmick, A.'    10 ?                   
primary 'Brewster, A.S.'  11 0000-0002-0908-7822 
primary 'Devenish, N.E.'  12 ?                   
primary 'Brem, J.'        13 0000-0002-0137-3226 
primary 'Kamps, J.J.A.G.' 14 0000-0001-8646-1796 
primary 'Lang, P.A.'      15 0000-0003-3187-1469 
primary 'Rabe, P.'        16 ?                   
primary 'Axford, D.'      17 0000-0001-7694-8525 
primary 'Beale, J.H.'     18 ?                   
primary 'Davy, B.'        19 ?                   
primary 'Ebrahim, A.'     20 ?                   
primary 'Orlans, J.'      21 0000-0002-6933-2287 
primary 'Storm, S.L.S.'   22 0000-0001-9223-5576 
primary 'Zhou, T.'        23 ?                   
primary 'Owada, S.'       24 ?                   
primary 'Tanaka, R.'      25 ?                   
primary 'Tono, K.'        26 ?                   
primary 'Evans, G.'       27 0000-0002-6079-2201 
primary 'Owen, R.L.'      28 0000-0002-2104-7057 
primary 'Houle, F.A.'     29 ?                   
primary 'Sauter, N.K.'    30 0000-0003-2786-6552 
primary 'Schofield, C.J.' 31 0000-0002-0290-6565 
primary 'Spencer, J.'     32 0000-0002-4602-0571 
primary 'Yachandra, V.K.' 33 ?                   
primary 'Yano, J.'        34 0000-0001-6308-9071 
primary 'Kern, J.F.'      35 0000-0002-7272-1603 
primary 'Orville, A.M.'   36 0000-0002-7803-1777 
# 
loop_
_entity.id 
_entity.type 
_entity.src_method 
_entity.pdbx_description 
_entity.formula_weight 
_entity.pdbx_number_of_molecules 
_entity.pdbx_ec 
_entity.pdbx_mutation 
_entity.pdbx_fragment 
_entity.details 
1 polymer     nat Lysozyme                                  14331.160 1  3.2.1.17 ? ? ? 
2 non-polymer syn 2-acetamido-2-deoxy-alpha-D-glucopyranose 221.208   1  ?        ? ? ? 
3 non-polymer syn 'CHLORIDE ION'                            35.453    4  ?        ? ? ? 
4 non-polymer syn 'SODIUM ION'                              22.990    1  ?        ? ? ? 
5 water       nat water                                     18.015    78 ?        ? ? ? 
# 
_entity_poly.entity_id                      1 
_entity_poly.type                           'polypeptide(L)' 
_entity_poly.nstd_linkage                   no 
_entity_poly.nstd_monomer                   no 
_entity_poly.pdbx_seq_one_letter_code       
;KVFGRCELAAAMKRHGLDNYRGYSLGNWVCAAKFESNFNTQATNRNTDGSTDYGILQINSRWWCNDGRTPGSRNLCNIPC
SALLSSDITASVNCAKKIVSDGNGMNAWVAWRNRCKGTDVQAWIRGCRL
;
_entity_poly.pdbx_seq_one_letter_code_can   
;KVFGRCELAAAMKRHGLDNYRGYSLGNWVCAAKFESNFNTQATNRNTDGSTDYGILQINSRWWCNDGRTPGSRNLCNIPC
SALLSSDITASVNCAKKIVSDGNGMNAWVAWRNRCKGTDVQAWIRGCRL
;
_entity_poly.pdbx_strand_id                 A 
_entity_poly.pdbx_target_identifier         ? 
# 
loop_
_pdbx_entity_nonpoly.entity_id 
_pdbx_entity_nonpoly.name 
_pdbx_entity_nonpoly.comp_id 
2 2-acetamido-2-deoxy-alpha-D-glucopyranose NDG 
3 'CHLORIDE ION'                            CL  
4 'SODIUM ION'                              NA  
5 water                                     HOH 
# 
loop_
_entity_poly_seq.entity_id 
_entity_poly_seq.num 
_entity_poly_seq.mon_id 
_entity_poly_seq.hetero 
1 1   LYS n 
1 2   VAL n 
1 3   PHE n 
1 4   GLY n 
1 5   ARG n 
1 6   CYS n 
1 7   GLU n 
1 8   LEU n 
1 9   ALA n 
1 10  ALA n 
1 11  ALA n 
1 12  MET n 
1 13  LYS n 
1 14  ARG n 
1 15  HIS n 
1 16  GLY n 
1 17  LEU n 
1 18  ASP n 
1 19  ASN n 
1 20  TYR n 
1 21  ARG n 
1 22  GLY n 
1 23  TYR n 
1 24  SER n 
1 25  LEU n 
1 26  GLY n 
1 27  ASN n 
1 28  TRP n 
1 29  VAL n 
1 30  CYS n 
1 31  ALA n 
1 32  ALA n 
1 33  LYS n 
1 34  PHE n 
1 35  GLU n 
1 36  SER n 
1 37  ASN n 
1 38  PHE n 
1 39  ASN n 
1 40  THR n 
1 41  GLN n 
1 42  ALA n 
1 43  THR n 
1 44  ASN n 
1 45  ARG n 
1 46  ASN n 
1 47  THR n 
1 48  ASP n 
1 49  GLY n 
1 50  SER n 
1 51  THR n 
1 52  ASP n 
1 53  TYR n 
1 54  GLY n 
1 55  ILE n 
1 56  LEU n 
1 57  GLN n 
1 58  ILE n 
1 59  ASN n 
1 60  SER n 
1 61  ARG n 
1 62  TRP n 
1 63  TRP n 
1 64  CYS n 
1 65  ASN n 
1 66  ASP n 
1 67  GLY n 
1 68  ARG n 
1 69  THR n 
1 70  PRO n 
1 71  GLY n 
1 72  SER n 
1 73  ARG n 
1 74  ASN n 
1 75  LEU n 
1 76  CYS n 
1 77  ASN n 
1 78  ILE n 
1 79  PRO n 
1 80  CYS n 
1 81  SER n 
1 82  ALA n 
1 83  LEU n 
1 84  LEU n 
1 85  SER n 
1 86  SER n 
1 87  ASP n 
1 88  ILE n 
1 89  THR n 
1 90  ALA n 
1 91  SER n 
1 92  VAL n 
1 93  ASN n 
1 94  CYS n 
1 95  ALA n 
1 96  LYS n 
1 97  LYS n 
1 98  ILE n 
1 99  VAL n 
1 100 SER n 
1 101 ASP n 
1 102 GLY n 
1 103 ASN n 
1 104 GLY n 
1 105 MET n 
1 106 ASN n 
1 107 ALA n 
1 108 TRP n 
1 109 VAL n 
1 110 ALA n 
1 111 TRP n 
1 112 ARG n 
1 113 ASN n 
1 114 ARG n 
1 115 CYS n 
1 116 LYS n 
1 117 GLY n 
1 118 THR n 
1 119 ASP n 
1 120 VAL n 
1 121 GLN n 
1 122 ALA n 
1 123 TRP n 
1 124 ILE n 
1 125 ARG n 
1 126 GLY n 
1 127 CYS n 
1 128 ARG n 
1 129 LEU n 
# 
_entity_src_nat.entity_id                  1 
_entity_src_nat.pdbx_src_id                1 
_entity_src_nat.pdbx_alt_source_flag       sample 
_entity_src_nat.pdbx_beg_seq_num           1 
_entity_src_nat.pdbx_end_seq_num           129 
_entity_src_nat.common_name                Chicken 
_entity_src_nat.pdbx_organism_scientific   'Gallus gallus' 
_entity_src_nat.pdbx_ncbi_taxonomy_id      9031 
_entity_src_nat.genus                      ? 
_entity_src_nat.species                    ? 
_entity_src_nat.strain                     ? 
_entity_src_nat.tissue                     ? 
_entity_src_nat.tissue_fraction            ? 
_entity_src_nat.pdbx_secretion             ? 
_entity_src_nat.pdbx_fragment              ? 
_entity_src_nat.pdbx_variant               ? 
_entity_src_nat.pdbx_cell_line             ? 
_entity_src_nat.pdbx_atcc                  ? 
_entity_src_nat.pdbx_cellular_location     ? 
_entity_src_nat.pdbx_organ                 ? 
_entity_src_nat.pdbx_organelle             ? 
_entity_src_nat.pdbx_cell                  ? 
_entity_src_nat.pdbx_plasmid_name          ? 
_entity_src_nat.pdbx_plasmid_details       ? 
_entity_src_nat.details                    ? 
# 
loop_
_chem_comp.id 
_chem_comp.type 
_chem_comp.mon_nstd_flag 
_chem_comp.name 
_chem_comp.pdbx_synonyms 
_chem_comp.formula 
_chem_comp.formula_weight 
ALA 'L-peptide linking'           y ALANINE                                   ? 'C3 H7 N O2'     89.093  
ARG 'L-peptide linking'           y ARGININE                                  ? 'C6 H15 N4 O2 1' 175.209 
ASN 'L-peptide linking'           y ASPARAGINE                                ? 'C4 H8 N2 O3'    132.118 
ASP 'L-peptide linking'           y 'ASPARTIC ACID'                           ? 'C4 H7 N O4'     133.103 
CL  non-polymer                   . 'CHLORIDE ION'                            ? 'Cl -1'          35.453  
CYS 'L-peptide linking'           y CYSTEINE                                  ? 'C3 H7 N O2 S'   121.158 
GLN 'L-peptide linking'           y GLUTAMINE                                 ? 'C5 H10 N2 O3'   146.144 
GLU 'L-peptide linking'           y 'GLUTAMIC ACID'                           ? 'C5 H9 N O4'     147.129 
GLY 'peptide linking'             y GLYCINE                                   ? 'C2 H5 N O2'     75.067  
HIS 'L-peptide linking'           y HISTIDINE                                 ? 'C6 H10 N3 O2 1' 156.162 
HOH non-polymer                   . WATER                                     ? 'H2 O'           18.015  
ILE 'L-peptide linking'           y ISOLEUCINE                                ? 'C6 H13 N O2'    131.173 
LEU 'L-peptide linking'           y LEUCINE                                   ? 'C6 H13 N O2'    131.173 
LYS 'L-peptide linking'           y LYSINE                                    ? 'C6 H15 N2 O2 1' 147.195 
MET 'L-peptide linking'           y METHIONINE                                ? 'C5 H11 N O2 S'  149.211 
NA  non-polymer                   . 'SODIUM ION'                              ? 'Na 1'           22.990  
NDG 'D-saccharide, alpha linking' . 2-acetamido-2-deoxy-alpha-D-glucopyranose 
;N-acetyl-alpha-D-glucosamine; 2-acetamido-2-deoxy-alpha-D-glucose; 2-acetamido-2-deoxy-D-glucose; 2-acetamido-2-deoxy-glucose; 2-(ACETYLAMINO)-2-DEOXY-A-D-GLUCOPYRANOSE
;
'C8 H15 N O6'    221.208 
PHE 'L-peptide linking'           y PHENYLALANINE                             ? 'C9 H11 N O2'    165.189 
PRO 'L-peptide linking'           y PROLINE                                   ? 'C5 H9 N O2'     115.130 
SER 'L-peptide linking'           y SERINE                                    ? 'C3 H7 N O3'     105.093 
THR 'L-peptide linking'           y THREONINE                                 ? 'C4 H9 N O3'     119.119 
TRP 'L-peptide linking'           y TRYPTOPHAN                                ? 'C11 H12 N2 O2'  204.225 
TYR 'L-peptide linking'           y TYROSINE                                  ? 'C9 H11 N O3'    181.189 
VAL 'L-peptide linking'           y VALINE                                    ? 'C5 H11 N O2'    117.146 
# 
loop_
_pdbx_chem_comp_identifier.comp_id 
_pdbx_chem_comp_identifier.type 
_pdbx_chem_comp_identifier.program 
_pdbx_chem_comp_identifier.program_version 
_pdbx_chem_comp_identifier.identifier 
NDG 'CONDENSED IUPAC CARBOHYDRATE SYMBOL' GMML     1.0 DGlcpNAca                      
NDG 'COMMON NAME'                         GMML     1.0 N-acetyl-a-D-glucopyranosamine 
NDG 'IUPAC CARBOHYDRATE SYMBOL'           PDB-CARE 1.0 a-D-GlcpNAc                    
NDG 'SNFG CARBOHYDRATE SYMBOL'            GMML     1.0 GlcNAc                         
# 
loop_
_pdbx_poly_seq_scheme.asym_id 
_pdbx_poly_seq_scheme.entity_id 
_pdbx_poly_seq_scheme.seq_id 
_pdbx_poly_seq_scheme.mon_id 
_pdbx_poly_seq_scheme.ndb_seq_num 
_pdbx_poly_seq_scheme.pdb_seq_num 
_pdbx_poly_seq_scheme.auth_seq_num 
_pdbx_poly_seq_scheme.pdb_mon_id 
_pdbx_poly_seq_scheme.auth_mon_id 
_pdbx_poly_seq_scheme.pdb_strand_id 
_pdbx_poly_seq_scheme.pdb_ins_code 
_pdbx_poly_seq_scheme.hetero 
A 1 1   LYS 1   1   1   LYS LYS A . n 
A 1 2   VAL 2   2   2   VAL VAL A . n 
A 1 3   PHE 3   3   3   PHE PHE A . n 
A 1 4   GLY 4   4   4   GLY GLY A . n 
A 1 5   ARG 5   5   5   ARG ARG A . n 
A 1 6   CYS 6   6   6   CYS CYS A . n 
A 1 7   GLU 7   7   7   GLU GLU A . n 
A 1 8   LEU 8   8   8   LEU LEU A . n 
A 1 9   ALA 9   9   9   ALA ALA A . n 
A 1 10  ALA 10  10  10  ALA ALA A . n 
A 1 11  ALA 11  11  11  ALA ALA A . n 
A 1 12  MET 12  12  12  MET MET A . n 
A 1 13  LYS 13  13  13  LYS LYS A . n 
A 1 14  ARG 14  14  14  ARG ARG A . n 
A 1 15  HIS 15  15  15  HIS HIS A . n 
A 1 16  GLY 16  16  16  GLY GLY A . n 
A 1 17  LEU 17  17  17  LEU LEU A . n 
A 1 18  ASP 18  18  18  ASP ASP A . n 
A 1 19  ASN 19  19  19  ASN ASN A . n 
A 1 20  TYR 20  20  20  TYR TYR A . n 
A 1 21  ARG 21  21  21  ARG ARG A . n 
A 1 22  GLY 22  22  22  GLY GLY A . n 
A 1 23  TYR 23  23  23  TYR TYR A . n 
A 1 24  SER 24  24  24  SER SER A . n 
A 1 25  LEU 25  25  25  LEU LEU A . n 
A 1 26  GLY 26  26  26  GLY GLY A . n 
A 1 27  ASN 27  27  27  ASN ASN A . n 
A 1 28  TRP 28  28  28  TRP TRP A . n 
A 1 29  VAL 29  29  29  VAL VAL A . n 
A 1 30  CYS 30  30  30  CYS CYS A . n 
A 1 31  ALA 31  31  31  ALA ALA A . n 
A 1 32  ALA 32  32  32  ALA ALA A . n 
A 1 33  LYS 33  33  33  LYS LYS A . n 
A 1 34  PHE 34  34  34  PHE PHE A . n 
A 1 35  GLU 35  35  35  GLU GLU A . n 
A 1 36  SER 36  36  36  SER SER A . n 
A 1 37  ASN 37  37  37  ASN ASN A . n 
A 1 38  PHE 38  38  38  PHE PHE A . n 
A 1 39  ASN 39  39  39  ASN ASN A . n 
A 1 40  THR 40  40  40  THR THR A . n 
A 1 41  GLN 41  41  41  GLN GLN A . n 
A 1 42  ALA 42  42  42  ALA ALA A . n 
A 1 43  THR 43  43  43  THR THR A . n 
A 1 44  ASN 44  44  44  ASN ASN A . n 
A 1 45  ARG 45  45  45  ARG ARG A . n 
A 1 46  ASN 46  46  46  ASN ASN A . n 
A 1 47  THR 47  47  47  THR THR A . n 
A 1 48  ASP 48  48  48  ASP ASP A . n 
A 1 49  GLY 49  49  49  GLY GLY A . n 
A 1 50  SER 50  50  50  SER SER A . n 
A 1 51  THR 51  51  51  THR THR A . n 
A 1 52  ASP 52  52  52  ASP ASP A . n 
A 1 53  TYR 53  53  53  TYR TYR A . n 
A 1 54  GLY 54  54  54  GLY GLY A . n 
A 1 55  ILE 55  55  55  ILE ILE A . n 
A 1 56  LEU 56  56  56  LEU LEU A . n 
A 1 57  GLN 57  57  57  GLN GLN A . n 
A 1 58  ILE 58  58  58  ILE ILE A . n 
A 1 59  ASN 59  59  59  ASN ASN A . n 
A 1 60  SER 60  60  60  SER SER A . n 
A 1 61  ARG 61  61  61  ARG ARG A . n 
A 1 62  TRP 62  62  62  TRP TRP A . n 
A 1 63  TRP 63  63  63  TRP TRP A . n 
A 1 64  CYS 64  64  64  CYS CYS A . n 
A 1 65  ASN 65  65  65  ASN ASN A . n 
A 1 66  ASP 66  66  66  ASP ASP A . n 
A 1 67  GLY 67  67  67  GLY GLY A . n 
A 1 68  ARG 68  68  68  ARG ARG A . n 
A 1 69  THR 69  69  69  THR THR A . n 
A 1 70  PRO 70  70  70  PRO PRO A . n 
A 1 71  GLY 71  71  71  GLY GLY A . n 
A 1 72  SER 72  72  72  SER SER A . n 
A 1 73  ARG 73  73  73  ARG ARG A . n 
A 1 74  ASN 74  74  74  ASN ASN A . n 
A 1 75  LEU 75  75  75  LEU LEU A . n 
A 1 76  CYS 76  76  76  CYS CYS A . n 
A 1 77  ASN 77  77  77  ASN ASN A . n 
A 1 78  ILE 78  78  78  ILE ILE A . n 
A 1 79  PRO 79  79  79  PRO PRO A . n 
A 1 80  CYS 80  80  80  CYS CYS A . n 
A 1 81  SER 81  81  81  SER SER A . n 
A 1 82  ALA 82  82  82  ALA ALA A . n 
A 1 83  LEU 83  83  83  LEU LEU A . n 
A 1 84  LEU 84  84  84  LEU LEU A . n 
A 1 85  SER 85  85  85  SER SER A . n 
A 1 86  SER 86  86  86  SER SER A . n 
A 1 87  ASP 87  87  87  ASP ASP A . n 
A 1 88  ILE 88  88  88  ILE ILE A . n 
A 1 89  THR 89  89  89  THR THR A . n 
A 1 90  ALA 90  90  90  ALA ALA A . n 
A 1 91  SER 91  91  91  SER SER A . n 
A 1 92  VAL 92  92  92  VAL VAL A . n 
A 1 93  ASN 93  93  93  ASN ASN A . n 
A 1 94  CYS 94  94  94  CYS CYS A . n 
A 1 95  ALA 95  95  95  ALA ALA A . n 
A 1 96  LYS 96  96  96  LYS LYS A . n 
A 1 97  LYS 97  97  97  LYS LYS A . n 
A 1 98  ILE 98  98  98  ILE ILE A . n 
A 1 99  VAL 99  99  99  VAL VAL A . n 
A 1 100 SER 100 100 100 SER SER A . n 
A 1 101 ASP 101 101 101 ASP ASP A . n 
A 1 102 GLY 102 102 102 GLY GLY A . n 
A 1 103 ASN 103 103 103 ASN ASN A . n 
A 1 104 GLY 104 104 104 GLY GLY A . n 
A 1 105 MET 105 105 105 MET MET A . n 
A 1 106 ASN 106 106 106 ASN ASN A . n 
A 1 107 ALA 107 107 107 ALA ALA A . n 
A 1 108 TRP 108 108 108 TRP TRP A . n 
A 1 109 VAL 109 109 109 VAL VAL A . n 
A 1 110 ALA 110 110 110 ALA ALA A . n 
A 1 111 TRP 111 111 111 TRP TRP A . n 
A 1 112 ARG 112 112 112 ARG ARG A . n 
A 1 113 ASN 113 113 113 ASN ASN A . n 
A 1 114 ARG 114 114 114 ARG ARG A . n 
A 1 115 CYS 115 115 115 CYS CYS A . n 
A 1 116 LYS 116 116 116 LYS LYS A . n 
A 1 117 GLY 117 117 117 GLY GLY A . n 
A 1 118 THR 118 118 118 THR THR A . n 
A 1 119 ASP 119 119 119 ASP ASP A . n 
A 1 120 VAL 120 120 120 VAL VAL A . n 
A 1 121 GLN 121 121 121 GLN GLN A . n 
A 1 122 ALA 122 122 122 ALA ALA A . n 
A 1 123 TRP 123 123 123 TRP TRP A . n 
A 1 124 ILE 124 124 124 ILE ILE A . n 
A 1 125 ARG 125 125 125 ARG ARG A . n 
A 1 126 GLY 126 126 126 GLY GLY A . n 
A 1 127 CYS 127 127 127 CYS CYS A . n 
A 1 128 ARG 128 128 128 ARG ARG A . n 
A 1 129 LEU 129 129 129 LEU LEU A . n 
# 
_pdbx_entity_instance_feature.ordinal        1 
_pdbx_entity_instance_feature.comp_id        NDG 
_pdbx_entity_instance_feature.asym_id        ? 
_pdbx_entity_instance_feature.seq_num        ? 
_pdbx_entity_instance_feature.auth_comp_id   NDG 
_pdbx_entity_instance_feature.auth_asym_id   ? 
_pdbx_entity_instance_feature.auth_seq_num   ? 
_pdbx_entity_instance_feature.feature_type   'SUBJECT OF INVESTIGATION' 
_pdbx_entity_instance_feature.details        ? 
# 
loop_
_pdbx_nonpoly_scheme.asym_id 
_pdbx_nonpoly_scheme.entity_id 
_pdbx_nonpoly_scheme.mon_id 
_pdbx_nonpoly_scheme.ndb_seq_num 
_pdbx_nonpoly_scheme.pdb_seq_num 
_pdbx_nonpoly_scheme.auth_seq_num 
_pdbx_nonpoly_scheme.pdb_mon_id 
_pdbx_nonpoly_scheme.auth_mon_id 
_pdbx_nonpoly_scheme.pdb_strand_id 
_pdbx_nonpoly_scheme.pdb_ins_code 
B 2 NDG 1  201 201 NDG NDG A . 
C 3 CL  1  202 202 CL  CL  A . 
D 3 CL  1  203 203 CL  CL  A . 
E 3 CL  1  204 204 CL  CL  A . 
F 3 CL  1  205 205 CL  CL  A . 
G 4 NA  1  206 206 NA  NA  A . 
H 5 HOH 1  301 308 HOH HOH A . 
H 5 HOH 2  302 346 HOH HOH A . 
H 5 HOH 3  303 333 HOH HOH A . 
H 5 HOH 4  304 343 HOH HOH A . 
H 5 HOH 5  305 316 HOH HOH A . 
H 5 HOH 6  306 301 HOH HOH A . 
H 5 HOH 7  307 329 HOH HOH A . 
H 5 HOH 8  308 313 HOH HOH A . 
H 5 HOH 9  309 369 HOH HOH A . 
H 5 HOH 10 310 303 HOH HOH A . 
H 5 HOH 11 311 349 HOH HOH A . 
H 5 HOH 12 312 305 HOH HOH A . 
H 5 HOH 13 313 357 HOH HOH A . 
H 5 HOH 14 314 319 HOH HOH A . 
H 5 HOH 15 315 353 HOH HOH A . 
H 5 HOH 16 316 322 HOH HOH A . 
H 5 HOH 17 317 331 HOH HOH A . 
H 5 HOH 18 318 361 HOH HOH A . 
H 5 HOH 19 319 334 HOH HOH A . 
H 5 HOH 20 320 325 HOH HOH A . 
H 5 HOH 21 321 338 HOH HOH A . 
H 5 HOH 22 322 378 HOH HOH A . 
H 5 HOH 23 323 341 HOH HOH A . 
H 5 HOH 24 324 327 HOH HOH A . 
H 5 HOH 25 325 360 HOH HOH A . 
H 5 HOH 26 326 330 HOH HOH A . 
H 5 HOH 27 327 321 HOH HOH A . 
H 5 HOH 28 328 317 HOH HOH A . 
H 5 HOH 29 329 347 HOH HOH A . 
H 5 HOH 30 330 367 HOH HOH A . 
H 5 HOH 31 331 304 HOH HOH A . 
H 5 HOH 32 332 309 HOH HOH A . 
H 5 HOH 33 333 302 HOH HOH A . 
H 5 HOH 34 334 314 HOH HOH A . 
H 5 HOH 35 335 320 HOH HOH A . 
H 5 HOH 36 336 339 HOH HOH A . 
H 5 HOH 37 337 345 HOH HOH A . 
H 5 HOH 38 338 352 HOH HOH A . 
H 5 HOH 39 339 344 HOH HOH A . 
H 5 HOH 40 340 318 HOH HOH A . 
H 5 HOH 41 341 373 HOH HOH A . 
H 5 HOH 42 342 335 HOH HOH A . 
H 5 HOH 43 343 355 HOH HOH A . 
H 5 HOH 44 344 307 HOH HOH A . 
H 5 HOH 45 345 376 HOH HOH A . 
H 5 HOH 46 346 372 HOH HOH A . 
H 5 HOH 47 347 375 HOH HOH A . 
H 5 HOH 48 348 311 HOH HOH A . 
H 5 HOH 49 349 336 HOH HOH A . 
H 5 HOH 50 350 348 HOH HOH A . 
H 5 HOH 51 351 359 HOH HOH A . 
H 5 HOH 52 352 315 HOH HOH A . 
H 5 HOH 53 353 323 HOH HOH A . 
H 5 HOH 54 354 326 HOH HOH A . 
H 5 HOH 55 355 306 HOH HOH A . 
H 5 HOH 56 356 328 HOH HOH A . 
H 5 HOH 57 357 364 HOH HOH A . 
H 5 HOH 58 358 312 HOH HOH A . 
H 5 HOH 59 359 340 HOH HOH A . 
H 5 HOH 60 360 332 HOH HOH A . 
H 5 HOH 61 361 366 HOH HOH A . 
H 5 HOH 62 362 337 HOH HOH A . 
H 5 HOH 63 363 310 HOH HOH A . 
H 5 HOH 64 364 342 HOH HOH A . 
H 5 HOH 65 365 368 HOH HOH A . 
H 5 HOH 66 366 350 HOH HOH A . 
H 5 HOH 67 367 351 HOH HOH A . 
H 5 HOH 68 368 374 HOH HOH A . 
H 5 HOH 69 369 371 HOH HOH A . 
H 5 HOH 70 370 324 HOH HOH A . 
H 5 HOH 71 371 362 HOH HOH A . 
H 5 HOH 72 372 365 HOH HOH A . 
H 5 HOH 73 373 354 HOH HOH A . 
H 5 HOH 74 374 377 HOH HOH A . 
H 5 HOH 75 375 356 HOH HOH A . 
H 5 HOH 76 376 358 HOH HOH A . 
H 5 HOH 77 377 363 HOH HOH A . 
H 5 HOH 78 378 370 HOH HOH A . 
# 
loop_
_pdbx_unobs_or_zero_occ_atoms.id 
_pdbx_unobs_or_zero_occ_atoms.PDB_model_num 
_pdbx_unobs_or_zero_occ_atoms.polymer_flag 
_pdbx_unobs_or_zero_occ_atoms.occupancy_flag 
_pdbx_unobs_or_zero_occ_atoms.auth_asym_id 
_pdbx_unobs_or_zero_occ_atoms.auth_comp_id 
_pdbx_unobs_or_zero_occ_atoms.auth_seq_id 
_pdbx_unobs_or_zero_occ_atoms.PDB_ins_code 
_pdbx_unobs_or_zero_occ_atoms.auth_atom_id 
_pdbx_unobs_or_zero_occ_atoms.label_alt_id 
_pdbx_unobs_or_zero_occ_atoms.label_asym_id 
_pdbx_unobs_or_zero_occ_atoms.label_comp_id 
_pdbx_unobs_or_zero_occ_atoms.label_seq_id 
_pdbx_unobs_or_zero_occ_atoms.label_atom_id 
1  1 Y 1 A LYS 97  ? CG  ? A LYS 97  CG  
2  1 Y 1 A LYS 97  ? CD  ? A LYS 97  CD  
3  1 Y 1 A LYS 97  ? CE  ? A LYS 97  CE  
4  1 Y 1 A LYS 97  ? NZ  ? A LYS 97  NZ  
5  1 Y 1 A ARG 125 ? CG  ? A ARG 125 CG  
6  1 Y 1 A ARG 125 ? CD  ? A ARG 125 CD  
7  1 Y 1 A ARG 125 ? NE  ? A ARG 125 NE  
8  1 Y 1 A ARG 125 ? CZ  ? A ARG 125 CZ  
9  1 Y 1 A ARG 125 ? NH1 ? A ARG 125 NH1 
10 1 Y 1 A ARG 125 ? NH2 ? A ARG 125 NH2 
# 
loop_
_software.citation_id 
_software.classification 
_software.compiler_name 
_software.compiler_version 
_software.contact_author 
_software.contact_author_email 
_software.date 
_software.description 
_software.dependencies 
_software.hardware 
_software.language 
_software.location 
_software.mods 
_software.name 
_software.os 
_software.os_version 
_software.type 
_software.version 
_software.pdbx_ordinal 
? 'data processing' ? ? ? ? ? ? ? ? ? ? ? cctbx.xfel ? ? ? .           1 
? phasing           ? ? ? ? ? ? ? ? ? ? ? PHASER     ? ? ? .           2 
? refinement        ? ? ? ? ? ? ? ? ? ? ? PHENIX     ? ? ? 1.18.1_3865 3 
# 
_cell.angle_alpha                  90.000 
_cell.angle_alpha_esd              ? 
_cell.angle_beta                   90.000 
_cell.angle_beta_esd               ? 
_cell.angle_gamma                  90.000 
_cell.angle_gamma_esd              ? 
_cell.entry_id                     7BHN 
_cell.details                      ? 
_cell.formula_units_Z              ? 
_cell.length_a                     78.804 
_cell.length_a_esd                 ? 
_cell.length_b                     78.804 
_cell.length_b_esd                 ? 
_cell.length_c                     38.002 
_cell.length_c_esd                 ? 
_cell.volume                       235995.096 
_cell.volume_esd                   ? 
_cell.Z_PDB                        8 
_cell.reciprocal_angle_alpha       ? 
_cell.reciprocal_angle_beta        ? 
_cell.reciprocal_angle_gamma       ? 
_cell.reciprocal_angle_alpha_esd   ? 
_cell.reciprocal_angle_beta_esd    ? 
_cell.reciprocal_angle_gamma_esd   ? 
_cell.reciprocal_length_a          ? 
_cell.reciprocal_length_b          ? 
_cell.reciprocal_length_c          ? 
_cell.reciprocal_length_a_esd      ? 
_cell.reciprocal_length_b_esd      ? 
_cell.reciprocal_length_c_esd      ? 
_cell.pdbx_unique_axis             ? 
# 
_symmetry.entry_id                         7BHN 
_symmetry.cell_setting                     ? 
_symmetry.Int_Tables_number                96 
_symmetry.space_group_name_Hall            'P 4nw 2abw' 
_symmetry.space_group_name_H-M             'P 43 21 2' 
_symmetry.pdbx_full_space_group_name_H-M   ? 
# 
_exptl.absorpt_coefficient_mu     ? 
_exptl.absorpt_correction_T_max   ? 
_exptl.absorpt_correction_T_min   ? 
_exptl.absorpt_correction_type    ? 
_exptl.absorpt_process_details    ? 
_exptl.entry_id                   7BHN 
_exptl.crystals_number            1 
_exptl.details                    ? 
_exptl.method                     'X-RAY DIFFRACTION' 
_exptl.method_details             ? 
# 
_exptl_crystal.colour                      ? 
_exptl_crystal.density_diffrn              ? 
_exptl_crystal.density_Matthews            2.06 
_exptl_crystal.density_method              ? 
_exptl_crystal.density_percent_sol         40.25 
_exptl_crystal.description                 ? 
_exptl_crystal.F_000                       ? 
_exptl_crystal.id                          1 
_exptl_crystal.preparation                 ? 
_exptl_crystal.size_max                    ? 
_exptl_crystal.size_mid                    ? 
_exptl_crystal.size_min                    ? 
_exptl_crystal.size_rad                    ? 
_exptl_crystal.colour_lustre               ? 
_exptl_crystal.colour_modifier             ? 
_exptl_crystal.colour_primary              ? 
_exptl_crystal.density_meas                ? 
_exptl_crystal.density_meas_esd            ? 
_exptl_crystal.density_meas_gt             ? 
_exptl_crystal.density_meas_lt             ? 
_exptl_crystal.density_meas_temp           ? 
_exptl_crystal.density_meas_temp_esd       ? 
_exptl_crystal.density_meas_temp_gt        ? 
_exptl_crystal.density_meas_temp_lt        ? 
_exptl_crystal.pdbx_crystal_image_url      ? 
_exptl_crystal.pdbx_crystal_image_format   ? 
_exptl_crystal.pdbx_mosaicity              ? 
_exptl_crystal.pdbx_mosaicity_esd          ? 
# 
_exptl_crystal_grow.apparatus       ? 
_exptl_crystal_grow.atmosphere      ? 
_exptl_crystal_grow.crystal_id      1 
_exptl_crystal_grow.details         ? 
_exptl_crystal_grow.method          'BATCH MODE' 
_exptl_crystal_grow.method_ref      ? 
_exptl_crystal_grow.pH              ? 
_exptl_crystal_grow.pressure        ? 
_exptl_crystal_grow.pressure_esd    ? 
_exptl_crystal_grow.seeding         ? 
_exptl_crystal_grow.seeding_ref     ? 
_exptl_crystal_grow.temp            295 
_exptl_crystal_grow.temp_details    ? 
_exptl_crystal_grow.temp_esd        ? 
_exptl_crystal_grow.time            ? 
_exptl_crystal_grow.pdbx_details    '1 M citric acid, 20% (w/v) NaCl, 5% (w/v) PEG 6000, pH 3.0' 
_exptl_crystal_grow.pdbx_pH_range   ? 
# 
_diffrn.ambient_environment              ? 
_diffrn.ambient_temp                     308 
_diffrn.ambient_temp_details             ? 
_diffrn.ambient_temp_esd                 ? 
_diffrn.crystal_id                       1 
_diffrn.crystal_support                  ? 
_diffrn.crystal_treatment                ? 
_diffrn.details                          ? 
_diffrn.id                               1 
_diffrn.ambient_pressure                 ? 
_diffrn.ambient_pressure_esd             ? 
_diffrn.ambient_pressure_gt              ? 
_diffrn.ambient_pressure_lt              ? 
_diffrn.ambient_temp_gt                  ? 
_diffrn.ambient_temp_lt                  ? 
_diffrn.pdbx_serial_crystal_experiment   Y 
# 
_diffrn_detector.details                      ? 
_diffrn_detector.detector                     CCD 
_diffrn_detector.diffrn_id                    1 
_diffrn_detector.type                         'RAYONIX MX300-HS' 
_diffrn_detector.area_resol_mean              ? 
_diffrn_detector.dtime                        ? 
_diffrn_detector.pdbx_frames_total            ? 
_diffrn_detector.pdbx_collection_time_total   ? 
_diffrn_detector.pdbx_collection_date         2019-07-11 
_diffrn_detector.pdbx_frequency               ? 
# 
_diffrn_radiation.collimation                      ? 
_diffrn_radiation.diffrn_id                        1 
_diffrn_radiation.filter_edge                      ? 
_diffrn_radiation.inhomogeneity                    ? 
_diffrn_radiation.monochromator                    ? 
_diffrn_radiation.polarisn_norm                    ? 
_diffrn_radiation.polarisn_ratio                   ? 
_diffrn_radiation.probe                            ? 
_diffrn_radiation.type                             ? 
_diffrn_radiation.xray_symbol                      ? 
_diffrn_radiation.wavelength_id                    1 
_diffrn_radiation.pdbx_monochromatic_or_laue_m_l   M 
_diffrn_radiation.pdbx_wavelength_list             ? 
_diffrn_radiation.pdbx_wavelength                  ? 
_diffrn_radiation.pdbx_diffrn_protocol             'SINGLE WAVELENGTH' 
_diffrn_radiation.pdbx_analyzer                    ? 
_diffrn_radiation.pdbx_scattering_type             x-ray 
# 
_diffrn_radiation_wavelength.id           1 
_diffrn_radiation_wavelength.wavelength   1.24 
_diffrn_radiation_wavelength.wt           1.0 
# 
_diffrn_source.current                     ? 
_diffrn_source.details                     ? 
_diffrn_source.diffrn_id                   1 
_diffrn_source.power                       ? 
_diffrn_source.size                        ? 
_diffrn_source.source                      'FREE ELECTRON LASER' 
_diffrn_source.target                      ? 
_diffrn_source.type                        'SACLA BEAMLINE BL2' 
_diffrn_source.voltage                     ? 
_diffrn_source.take-off_angle              ? 
_diffrn_source.pdbx_wavelength_list        1.24 
_diffrn_source.pdbx_wavelength             ? 
_diffrn_source.pdbx_synchrotron_beamline   BL2 
_diffrn_source.pdbx_synchrotron_site       SACLA 
# 
_reflns.B_iso_Wilson_estimate            23.38 
_reflns.entry_id                         7BHN 
_reflns.data_reduction_details           ? 
_reflns.data_reduction_method            ? 
_reflns.d_resolution_high                1.45 
_reflns.d_resolution_low                 55.72 
_reflns.details                          ? 
_reflns.limit_h_max                      ? 
_reflns.limit_h_min                      ? 
_reflns.limit_k_max                      ? 
_reflns.limit_k_min                      ? 
_reflns.limit_l_max                      ? 
_reflns.limit_l_min                      ? 
_reflns.number_all                       ? 
_reflns.number_obs                       21782 
_reflns.observed_criterion               ? 
_reflns.observed_criterion_F_max         ? 
_reflns.observed_criterion_F_min         ? 
_reflns.observed_criterion_I_max         ? 
_reflns.observed_criterion_I_min         ? 
_reflns.observed_criterion_sigma_F       ? 
_reflns.observed_criterion_sigma_I       ? 
_reflns.percent_possible_obs             100 
_reflns.R_free_details                   ? 
_reflns.Rmerge_F_all                     ? 
_reflns.Rmerge_F_obs                     ? 
_reflns.Friedel_coverage                 ? 
_reflns.number_gt                        ? 
_reflns.threshold_expression             ? 
_reflns.pdbx_redundancy                  125.38 
_reflns.pdbx_Rmerge_I_obs                ? 
_reflns.pdbx_Rmerge_I_all                ? 
_reflns.pdbx_Rsym_value                  ? 
_reflns.pdbx_netI_over_av_sigmaI         ? 
_reflns.pdbx_netI_over_sigmaI            68.773 
_reflns.pdbx_res_netI_over_av_sigmaI_2   ? 
_reflns.pdbx_res_netI_over_sigmaI_2      ? 
_reflns.pdbx_chi_squared                 ? 
_reflns.pdbx_scaling_rejects             ? 
_reflns.pdbx_d_res_high_opt              ? 
_reflns.pdbx_d_res_low_opt               ? 
_reflns.pdbx_d_res_opt_method            ? 
_reflns.phase_calculation_details        ? 
_reflns.pdbx_Rrim_I_all                  ? 
_reflns.pdbx_Rpim_I_all                  ? 
_reflns.pdbx_d_opt                       ? 
_reflns.pdbx_number_measured_all         ? 
_reflns.pdbx_diffrn_id                   1 
_reflns.pdbx_ordinal                     1 
_reflns.pdbx_CC_half                     0.98 
_reflns.pdbx_CC_star                     ? 
_reflns.pdbx_R_split                     0.136 
# 
_reflns_shell.d_res_high                  1.450 
_reflns_shell.d_res_low                   1.475 
_reflns_shell.meanI_over_sigI_all         ? 
_reflns_shell.meanI_over_sigI_obs         0.648 
_reflns_shell.number_measured_all         ? 
_reflns_shell.number_measured_obs         ? 
_reflns_shell.number_possible             ? 
_reflns_shell.number_unique_all           ? 
_reflns_shell.number_unique_obs           1056 
_reflns_shell.percent_possible_all        ? 
_reflns_shell.percent_possible_obs        ? 
_reflns_shell.Rmerge_F_all                ? 
_reflns_shell.Rmerge_F_obs                ? 
_reflns_shell.Rmerge_I_all                ? 
_reflns_shell.Rmerge_I_obs                ? 
_reflns_shell.meanI_over_sigI_gt          ? 
_reflns_shell.meanI_over_uI_all           ? 
_reflns_shell.meanI_over_uI_gt            ? 
_reflns_shell.number_measured_gt          ? 
_reflns_shell.number_unique_gt            ? 
_reflns_shell.percent_possible_gt         ? 
_reflns_shell.Rmerge_F_gt                 ? 
_reflns_shell.Rmerge_I_gt                 ? 
_reflns_shell.pdbx_redundancy             ? 
_reflns_shell.pdbx_Rsym_value             ? 
_reflns_shell.pdbx_chi_squared            ? 
_reflns_shell.pdbx_netI_over_sigmaI_all   ? 
_reflns_shell.pdbx_netI_over_sigmaI_obs   ? 
_reflns_shell.pdbx_Rrim_I_all             ? 
_reflns_shell.pdbx_Rpim_I_all             ? 
_reflns_shell.pdbx_rejects                ? 
_reflns_shell.pdbx_ordinal                1 
_reflns_shell.pdbx_diffrn_id              1 
_reflns_shell.pdbx_CC_half                0.034 
_reflns_shell.pdbx_CC_star                ? 
_reflns_shell.pdbx_R_split                1.228 
# 
_refine.aniso_B[1][1]                            ? 
_refine.aniso_B[1][2]                            ? 
_refine.aniso_B[1][3]                            ? 
_refine.aniso_B[2][2]                            ? 
_refine.aniso_B[2][3]                            ? 
_refine.aniso_B[3][3]                            ? 
_refine.B_iso_max                                ? 
_refine.B_iso_mean                               27.13 
_refine.B_iso_min                                ? 
_refine.correlation_coeff_Fo_to_Fc               ? 
_refine.correlation_coeff_Fo_to_Fc_free          ? 
_refine.details                                  ? 
_refine.diff_density_max                         ? 
_refine.diff_density_max_esd                     ? 
_refine.diff_density_min                         ? 
_refine.diff_density_min_esd                     ? 
_refine.diff_density_rms                         ? 
_refine.diff_density_rms_esd                     ? 
_refine.entry_id                                 7BHN 
_refine.pdbx_refine_id                           'X-RAY DIFFRACTION' 
_refine.ls_abs_structure_details                 ? 
_refine.ls_abs_structure_Flack                   ? 
_refine.ls_abs_structure_Flack_esd               ? 
_refine.ls_abs_structure_Rogers                  ? 
_refine.ls_abs_structure_Rogers_esd              ? 
_refine.ls_d_res_high                            1.45 
_refine.ls_d_res_low                             34.23 
_refine.ls_extinction_coef                       ? 
_refine.ls_extinction_coef_esd                   ? 
_refine.ls_extinction_expression                 ? 
_refine.ls_extinction_method                     ? 
_refine.ls_goodness_of_fit_all                   ? 
_refine.ls_goodness_of_fit_all_esd               ? 
_refine.ls_goodness_of_fit_obs                   ? 
_refine.ls_goodness_of_fit_obs_esd               ? 
_refine.ls_hydrogen_treatment                    ? 
_refine.ls_matrix_type                           ? 
_refine.ls_number_constraints                    ? 
_refine.ls_number_parameters                     ? 
_refine.ls_number_reflns_all                     ? 
_refine.ls_number_reflns_obs                     21738 
_refine.ls_number_reflns_R_free                  1079 
_refine.ls_number_reflns_R_work                  20659 
_refine.ls_number_restraints                     ? 
_refine.ls_percent_reflns_obs                    99.80 
_refine.ls_percent_reflns_R_free                 4.96 
_refine.ls_R_factor_all                          ? 
_refine.ls_R_factor_obs                          0.1820 
_refine.ls_R_factor_R_free                       0.1941 
_refine.ls_R_factor_R_free_error                 ? 
_refine.ls_R_factor_R_free_error_details         ? 
_refine.ls_R_factor_R_work                       0.1811 
_refine.ls_R_Fsqd_factor_obs                     ? 
_refine.ls_R_I_factor_obs                        ? 
_refine.ls_redundancy_reflns_all                 ? 
_refine.ls_redundancy_reflns_obs                 ? 
_refine.ls_restrained_S_all                      ? 
_refine.ls_restrained_S_obs                      ? 
_refine.ls_shift_over_esd_max                    ? 
_refine.ls_shift_over_esd_mean                   ? 
_refine.ls_structure_factor_coef                 ? 
_refine.ls_weighting_details                     ? 
_refine.ls_weighting_scheme                      ? 
_refine.ls_wR_factor_all                         ? 
_refine.ls_wR_factor_obs                         ? 
_refine.ls_wR_factor_R_free                      ? 
_refine.ls_wR_factor_R_work                      ? 
_refine.occupancy_max                            ? 
_refine.occupancy_min                            ? 
_refine.solvent_model_details                    'FLAT BULK SOLVENT MODEL' 
_refine.solvent_model_param_bsol                 ? 
_refine.solvent_model_param_ksol                 ? 
_refine.pdbx_R_complete                          ? 
_refine.ls_R_factor_gt                           ? 
_refine.ls_goodness_of_fit_gt                    ? 
_refine.ls_goodness_of_fit_ref                   ? 
_refine.ls_shift_over_su_max                     ? 
_refine.ls_shift_over_su_max_lt                  ? 
_refine.ls_shift_over_su_mean                    ? 
_refine.ls_shift_over_su_mean_lt                 ? 
_refine.pdbx_ls_sigma_I                          ? 
_refine.pdbx_ls_sigma_F                          1.33 
_refine.pdbx_ls_sigma_Fsqd                       ? 
_refine.pdbx_data_cutoff_high_absF               ? 
_refine.pdbx_data_cutoff_high_rms_absF           ? 
_refine.pdbx_data_cutoff_low_absF                ? 
_refine.pdbx_isotropic_thermal_model             ? 
_refine.pdbx_ls_cross_valid_method               'FREE R-VALUE' 
_refine.pdbx_method_to_determine_struct          'MOLECULAR REPLACEMENT' 
_refine.pdbx_starting_model                      4ETA 
_refine.pdbx_stereochemistry_target_values       'GeoStd + Monomer Library + CDL v1.2' 
_refine.pdbx_R_Free_selection_details            ? 
_refine.pdbx_stereochem_target_val_spec_case     ? 
_refine.pdbx_overall_ESU_R                       ? 
_refine.pdbx_overall_ESU_R_Free                  ? 
_refine.pdbx_solvent_vdw_probe_radii             1.1100 
_refine.pdbx_solvent_ion_probe_radii             ? 
_refine.pdbx_solvent_shrinkage_radii             0.9000 
_refine.pdbx_real_space_R                        ? 
_refine.pdbx_density_correlation                 ? 
_refine.pdbx_pd_number_of_powder_patterns        ? 
_refine.pdbx_pd_number_of_points                 ? 
_refine.pdbx_pd_meas_number_of_points            ? 
_refine.pdbx_pd_proc_ls_prof_R_factor            ? 
_refine.pdbx_pd_proc_ls_prof_wR_factor           ? 
_refine.pdbx_pd_Marquardt_correlation_coeff      ? 
_refine.pdbx_pd_Fsqrd_R_factor                   ? 
_refine.pdbx_pd_ls_matrix_band_width             ? 
_refine.pdbx_overall_phase_error                 25.4417 
_refine.pdbx_overall_SU_R_free_Cruickshank_DPI   ? 
_refine.pdbx_overall_SU_R_free_Blow_DPI          ? 
_refine.pdbx_overall_SU_R_Blow_DPI               ? 
_refine.pdbx_TLS_residual_ADP_flag               ? 
_refine.pdbx_diffrn_id                           1 
_refine.overall_SU_B                             ? 
_refine.overall_SU_ML                            0.2266 
_refine.overall_SU_R_Cruickshank_DPI             ? 
_refine.overall_SU_R_free                        ? 
_refine.overall_FOM_free_R_set                   ? 
_refine.overall_FOM_work_R_set                   ? 
_refine.pdbx_average_fsc_overall                 ? 
_refine.pdbx_average_fsc_work                    ? 
_refine.pdbx_average_fsc_free                    ? 
# 
_refine_hist.pdbx_refine_id                   'X-RAY DIFFRACTION' 
_refine_hist.cycle_id                         LAST 
_refine_hist.details                          ? 
_refine_hist.d_res_high                       1.45 
_refine_hist.d_res_low                        34.23 
_refine_hist.number_atoms_solvent             78 
_refine_hist.number_atoms_total               1088 
_refine_hist.number_reflns_all                ? 
_refine_hist.number_reflns_obs                ? 
_refine_hist.number_reflns_R_free             ? 
_refine_hist.number_reflns_R_work             ? 
_refine_hist.R_factor_all                     ? 
_refine_hist.R_factor_obs                     ? 
_refine_hist.R_factor_R_free                  ? 
_refine_hist.R_factor_R_work                  ? 
_refine_hist.pdbx_number_residues_total       ? 
_refine_hist.pdbx_B_iso_mean_ligand           ? 
_refine_hist.pdbx_B_iso_mean_solvent          ? 
_refine_hist.pdbx_number_atoms_protein        990 
_refine_hist.pdbx_number_atoms_nucleic_acid   0 
_refine_hist.pdbx_number_atoms_ligand         20 
_refine_hist.pdbx_number_atoms_lipid          ? 
_refine_hist.pdbx_number_atoms_carb           ? 
_refine_hist.pdbx_pseudo_atom_details         ? 
# 
loop_
_refine_ls_restr.pdbx_refine_id 
_refine_ls_restr.criterion 
_refine_ls_restr.dev_ideal 
_refine_ls_restr.dev_ideal_target 
_refine_ls_restr.number 
_refine_ls_restr.rejects 
_refine_ls_restr.type 
_refine_ls_restr.weight 
_refine_ls_restr.pdbx_restraint_function 
'X-RAY DIFFRACTION' ? 0.0051  ? 1091 ? f_bond_d           ? ? 
'X-RAY DIFFRACTION' ? 0.7651  ? 1489 ? f_angle_d          ? ? 
'X-RAY DIFFRACTION' ? 0.0786  ? 158  ? f_chiral_restr     ? ? 
'X-RAY DIFFRACTION' ? 0.0035  ? 198  ? f_plane_restr      ? ? 
'X-RAY DIFFRACTION' ? 11.7716 ? 397  ? f_dihedral_angle_d ? ? 
# 
loop_
_refine_ls_shell.pdbx_refine_id 
_refine_ls_shell.d_res_high 
_refine_ls_shell.d_res_low 
_refine_ls_shell.number_reflns_all 
_refine_ls_shell.number_reflns_obs 
_refine_ls_shell.number_reflns_R_free 
_refine_ls_shell.number_reflns_R_work 
_refine_ls_shell.percent_reflns_obs 
_refine_ls_shell.percent_reflns_R_free 
_refine_ls_shell.R_factor_all 
_refine_ls_shell.R_factor_obs 
_refine_ls_shell.R_factor_R_free 
_refine_ls_shell.R_factor_R_free_error 
_refine_ls_shell.R_factor_R_work 
_refine_ls_shell.redundancy_reflns_all 
_refine_ls_shell.redundancy_reflns_obs 
_refine_ls_shell.wR_factor_all 
_refine_ls_shell.wR_factor_obs 
_refine_ls_shell.wR_factor_R_free 
_refine_ls_shell.wR_factor_R_work 
_refine_ls_shell.pdbx_R_complete 
_refine_ls_shell.pdbx_total_number_of_bins_used 
_refine_ls_shell.pdbx_phase_error 
_refine_ls_shell.pdbx_fsc_work 
_refine_ls_shell.pdbx_fsc_free 
'X-RAY DIFFRACTION' 1.45 1.52  . . 136 2499 98.65  . . . 0.3899 . 0.4207 . . . . . . . . . . . 
'X-RAY DIFFRACTION' 1.52 1.60  . . 119 2541 99.74  . . . 0.3566 . 0.3465 . . . . . . . . . . . 
'X-RAY DIFFRACTION' 1.60 1.70  . . 129 2532 99.96  . . . 0.3085 . 0.2455 . . . . . . . . . . . 
'X-RAY DIFFRACTION' 1.70 1.83  . . 130 2577 100.00 . . . 0.2390 . 0.1999 . . . . . . . . . . . 
'X-RAY DIFFRACTION' 1.83 2.01  . . 128 2557 100.00 . . . 0.2067 . 0.1704 . . . . . . . . . . . 
'X-RAY DIFFRACTION' 2.01 2.30  . . 134 2590 100.00 . . . 0.1790 . 0.1646 . . . . . . . . . . . 
'X-RAY DIFFRACTION' 2.30 2.90  . . 152 2611 100.00 . . . 0.1949 . 0.1764 . . . . . . . . . . . 
'X-RAY DIFFRACTION' 2.90 34.23 . . 151 2752 100.00 . . . 0.1647 . 0.1607 . . . . . . . . . . . 
# 
_struct.entry_id                     7BHN 
_struct.title                        
'Crystal structure of hen egg white lysozyme using drop-on-drop SFX method - 2 s mixing with N-acetyl-D-glucosamine.' 
_struct.pdbx_model_details           ? 
_struct.pdbx_formula_weight          ? 
_struct.pdbx_formula_weight_method   ? 
_struct.pdbx_model_type_details      ? 
_struct.pdbx_CASP_flag               N 
# 
_struct_keywords.entry_id        7BHN 
_struct_keywords.text            'lysozyme, SFX, XFEL, HYDROLASE' 
_struct_keywords.pdbx_keywords   HYDROLASE 
# 
loop_
_struct_asym.id 
_struct_asym.pdbx_blank_PDB_chainid_flag 
_struct_asym.pdbx_modified 
_struct_asym.entity_id 
_struct_asym.details 
A N N 1 ? 
B N N 2 ? 
C N N 3 ? 
D N N 3 ? 
E N N 3 ? 
F N N 3 ? 
G N N 4 ? 
H N N 5 ? 
# 
_struct_ref.id                         1 
_struct_ref.db_name                    UNP 
_struct_ref.db_code                    LYSC_CHICK 
_struct_ref.pdbx_db_accession          P00698 
_struct_ref.pdbx_db_isoform            ? 
_struct_ref.entity_id                  1 
_struct_ref.pdbx_seq_one_letter_code   
;KVFGRCELAAAMKRHGLDNYRGYSLGNWVCAAKFESNFNTQATNRNTDGSTDYGILQINSRWWCNDGRTPGSRNLCNIPC
SALLSSDITASVNCAKKIVSDGNGMNAWVAWRNRCKGTDVQAWIRGCRL
;
_struct_ref.pdbx_align_begin           19 
# 
_struct_ref_seq.align_id                      1 
_struct_ref_seq.ref_id                        1 
_struct_ref_seq.pdbx_PDB_id_code              7BHN 
_struct_ref_seq.pdbx_strand_id                A 
_struct_ref_seq.seq_align_beg                 1 
_struct_ref_seq.pdbx_seq_align_beg_ins_code   ? 
_struct_ref_seq.seq_align_end                 129 
_struct_ref_seq.pdbx_seq_align_end_ins_code   ? 
_struct_ref_seq.pdbx_db_accession             P00698 
_struct_ref_seq.db_align_beg                  19 
_struct_ref_seq.pdbx_db_align_beg_ins_code    ? 
_struct_ref_seq.db_align_end                  147 
_struct_ref_seq.pdbx_db_align_end_ins_code    ? 
_struct_ref_seq.pdbx_auth_seq_align_beg       1 
_struct_ref_seq.pdbx_auth_seq_align_end       129 
# 
_pdbx_struct_assembly.id                   1 
_pdbx_struct_assembly.details              author_and_software_defined_assembly 
_pdbx_struct_assembly.method_details       PISA 
_pdbx_struct_assembly.oligomeric_details   monomeric 
_pdbx_struct_assembly.oligomeric_count     1 
# 
loop_
_pdbx_struct_assembly_prop.biol_id 
_pdbx_struct_assembly_prop.type 
_pdbx_struct_assembly_prop.value 
_pdbx_struct_assembly_prop.details 
1 'ABSA (A^2)' 1120 ? 
1 MORE         -46  ? 
1 'SSA (A^2)'  6290 ? 
# 
_pdbx_struct_assembly_gen.assembly_id       1 
_pdbx_struct_assembly_gen.oper_expression   1 
_pdbx_struct_assembly_gen.asym_id_list      A,B,C,D,E,F,G,H 
# 
_pdbx_struct_assembly_auth_evidence.id                     1 
_pdbx_struct_assembly_auth_evidence.assembly_id            1 
_pdbx_struct_assembly_auth_evidence.experimental_support   none 
_pdbx_struct_assembly_auth_evidence.details                ? 
# 
_pdbx_struct_oper_list.id                   1 
_pdbx_struct_oper_list.type                 'identity operation' 
_pdbx_struct_oper_list.name                 1_555 
_pdbx_struct_oper_list.symmetry_operation   x,y,z 
_pdbx_struct_oper_list.matrix[1][1]         1.0000000000 
_pdbx_struct_oper_list.matrix[1][2]         0.0000000000 
_pdbx_struct_oper_list.matrix[1][3]         0.0000000000 
_pdbx_struct_oper_list.vector[1]            0.0000000000 
_pdbx_struct_oper_list.matrix[2][1]         0.0000000000 
_pdbx_struct_oper_list.matrix[2][2]         1.0000000000 
_pdbx_struct_oper_list.matrix[2][3]         0.0000000000 
_pdbx_struct_oper_list.vector[2]            0.0000000000 
_pdbx_struct_oper_list.matrix[3][1]         0.0000000000 
_pdbx_struct_oper_list.matrix[3][2]         0.0000000000 
_pdbx_struct_oper_list.matrix[3][3]         1.0000000000 
_pdbx_struct_oper_list.vector[3]            0.0000000000 
# 
loop_
_struct_conf.conf_type_id 
_struct_conf.id 
_struct_conf.pdbx_PDB_helix_id 
_struct_conf.beg_label_comp_id 
_struct_conf.beg_label_asym_id 
_struct_conf.beg_label_seq_id 
_struct_conf.pdbx_beg_PDB_ins_code 
_struct_conf.end_label_comp_id 
_struct_conf.end_label_asym_id 
_struct_conf.end_label_seq_id 
_struct_conf.pdbx_end_PDB_ins_code 
_struct_conf.beg_auth_comp_id 
_struct_conf.beg_auth_asym_id 
_struct_conf.beg_auth_seq_id 
_struct_conf.end_auth_comp_id 
_struct_conf.end_auth_asym_id 
_struct_conf.end_auth_seq_id 
_struct_conf.pdbx_PDB_helix_class 
_struct_conf.details 
_struct_conf.pdbx_PDB_helix_length 
HELX_P HELX_P1 AA1 GLY A 4   ? HIS A 15  ? GLY A 4   HIS A 15  1 ? 12 
HELX_P HELX_P2 AA2 ASN A 19  ? TYR A 23  ? ASN A 19  TYR A 23  5 ? 5  
HELX_P HELX_P3 AA3 SER A 24  ? ASN A 37  ? SER A 24  ASN A 37  1 ? 14 
HELX_P HELX_P4 AA4 PRO A 79  ? SER A 85  ? PRO A 79  SER A 85  5 ? 7  
HELX_P HELX_P5 AA5 ILE A 88  ? SER A 100 ? ILE A 88  SER A 100 1 ? 13 
HELX_P HELX_P6 AA6 ASN A 103 ? ALA A 107 ? ASN A 103 ALA A 107 5 ? 5  
HELX_P HELX_P7 AA7 TRP A 108 ? CYS A 115 ? TRP A 108 CYS A 115 1 ? 8  
HELX_P HELX_P8 AA8 ASP A 119 ? ARG A 125 ? ASP A 119 ARG A 125 5 ? 7  
# 
_struct_conf_type.id          HELX_P 
_struct_conf_type.criteria    ? 
_struct_conf_type.reference   ? 
# 
loop_
_struct_conn.id 
_struct_conn.conn_type_id 
_struct_conn.pdbx_leaving_atom_flag 
_struct_conn.pdbx_PDB_id 
_struct_conn.ptnr1_label_asym_id 
_struct_conn.ptnr1_label_comp_id 
_struct_conn.ptnr1_label_seq_id 
_struct_conn.ptnr1_label_atom_id 
_struct_conn.pdbx_ptnr1_label_alt_id 
_struct_conn.pdbx_ptnr1_PDB_ins_code 
_struct_conn.pdbx_ptnr1_standard_comp_id 
_struct_conn.ptnr1_symmetry 
_struct_conn.ptnr2_label_asym_id 
_struct_conn.ptnr2_label_comp_id 
_struct_conn.ptnr2_label_seq_id 
_struct_conn.ptnr2_label_atom_id 
_struct_conn.pdbx_ptnr2_label_alt_id 
_struct_conn.pdbx_ptnr2_PDB_ins_code 
_struct_conn.ptnr1_auth_asym_id 
_struct_conn.ptnr1_auth_comp_id 
_struct_conn.ptnr1_auth_seq_id 
_struct_conn.ptnr2_auth_asym_id 
_struct_conn.ptnr2_auth_comp_id 
_struct_conn.ptnr2_auth_seq_id 
_struct_conn.ptnr2_symmetry 
_struct_conn.pdbx_ptnr3_label_atom_id 
_struct_conn.pdbx_ptnr3_label_seq_id 
_struct_conn.pdbx_ptnr3_label_comp_id 
_struct_conn.pdbx_ptnr3_label_asym_id 
_struct_conn.pdbx_ptnr3_label_alt_id 
_struct_conn.pdbx_ptnr3_PDB_ins_code 
_struct_conn.details 
_struct_conn.pdbx_dist_value 
_struct_conn.pdbx_value_order 
_struct_conn.pdbx_role 
disulf1 disulf ? ? A CYS 6  SG ? ? ? 1_555 A CYS 127 SG ? ? A CYS 6   A CYS 127 1_555 ? ? ? ? ? ? ? 2.013 ? ? 
disulf2 disulf ? ? A CYS 30 SG ? ? ? 1_555 A CYS 115 SG ? ? A CYS 30  A CYS 115 1_555 ? ? ? ? ? ? ? 2.030 ? ? 
disulf3 disulf ? ? A CYS 64 SG ? ? ? 1_555 A CYS 80  SG ? ? A CYS 64  A CYS 80  1_555 ? ? ? ? ? ? ? 2.036 ? ? 
disulf4 disulf ? ? A CYS 76 SG ? ? ? 1_555 A CYS 94  SG ? ? A CYS 76  A CYS 94  1_555 ? ? ? ? ? ? ? 2.025 ? ? 
metalc1 metalc ? ? A SER 60 O  ? ? ? 1_555 G NA  .   NA ? ? A SER 60  A NA  206 1_555 ? ? ? ? ? ? ? 2.365 ? ? 
metalc2 metalc ? ? A CYS 64 O  ? ? ? 1_555 G NA  .   NA ? ? A CYS 64  A NA  206 1_555 ? ? ? ? ? ? ? 2.395 ? ? 
metalc3 metalc ? ? A SER 72 OG ? ? ? 1_555 G NA  .   NA ? ? A SER 72  A NA  206 1_555 ? ? ? ? ? ? ? 2.507 ? ? 
metalc4 metalc ? ? A ARG 73 O  ? ? ? 1_555 G NA  .   NA ? ? A ARG 73  A NA  206 1_555 ? ? ? ? ? ? ? 2.538 ? ? 
metalc5 metalc ? ? G NA  .  NA ? ? ? 1_555 H HOH .   O  ? ? A NA  206 A HOH 331 1_555 ? ? ? ? ? ? ? 2.475 ? ? 
metalc6 metalc ? ? G NA  .  NA ? ? ? 1_555 H HOH .   O  ? ? A NA  206 A HOH 358 1_555 ? ? ? ? ? ? ? 2.408 ? ? 
# 
loop_
_struct_conn_type.id 
_struct_conn_type.criteria 
_struct_conn_type.reference 
disulf ? ? 
metalc ? ? 
# 
loop_
_pdbx_struct_conn_angle.id 
_pdbx_struct_conn_angle.ptnr1_label_atom_id 
_pdbx_struct_conn_angle.ptnr1_label_alt_id 
_pdbx_struct_conn_angle.ptnr1_label_asym_id 
_pdbx_struct_conn_angle.ptnr1_label_comp_id 
_pdbx_struct_conn_angle.ptnr1_label_seq_id 
_pdbx_struct_conn_angle.ptnr1_auth_atom_id 
_pdbx_struct_conn_angle.ptnr1_auth_asym_id 
_pdbx_struct_conn_angle.ptnr1_auth_comp_id 
_pdbx_struct_conn_angle.ptnr1_auth_seq_id 
_pdbx_struct_conn_angle.ptnr1_PDB_ins_code 
_pdbx_struct_conn_angle.ptnr1_symmetry 
_pdbx_struct_conn_angle.ptnr2_label_atom_id 
_pdbx_struct_conn_angle.ptnr2_label_alt_id 
_pdbx_struct_conn_angle.ptnr2_label_asym_id 
_pdbx_struct_conn_angle.ptnr2_label_comp_id 
_pdbx_struct_conn_angle.ptnr2_label_seq_id 
_pdbx_struct_conn_angle.ptnr2_auth_atom_id 
_pdbx_struct_conn_angle.ptnr2_auth_asym_id 
_pdbx_struct_conn_angle.ptnr2_auth_comp_id 
_pdbx_struct_conn_angle.ptnr2_auth_seq_id 
_pdbx_struct_conn_angle.ptnr2_PDB_ins_code 
_pdbx_struct_conn_angle.ptnr2_symmetry 
_pdbx_struct_conn_angle.ptnr3_label_atom_id 
_pdbx_struct_conn_angle.ptnr3_label_alt_id 
_pdbx_struct_conn_angle.ptnr3_label_asym_id 
_pdbx_struct_conn_angle.ptnr3_label_comp_id 
_pdbx_struct_conn_angle.ptnr3_label_seq_id 
_pdbx_struct_conn_angle.ptnr3_auth_atom_id 
_pdbx_struct_conn_angle.ptnr3_auth_asym_id 
_pdbx_struct_conn_angle.ptnr3_auth_comp_id 
_pdbx_struct_conn_angle.ptnr3_auth_seq_id 
_pdbx_struct_conn_angle.ptnr3_PDB_ins_code 
_pdbx_struct_conn_angle.ptnr3_symmetry 
_pdbx_struct_conn_angle.value 
_pdbx_struct_conn_angle.value_esd 
1  O  ? A SER 60 ? A SER 60  ? 1_555 NA ? G NA . ? A NA 206 ? 1_555 O  ? A CYS 64 ? A CYS 64  ? 1_555 87.3  ? 
2  O  ? A SER 60 ? A SER 60  ? 1_555 NA ? G NA . ? A NA 206 ? 1_555 OG ? A SER 72 ? A SER 72  ? 1_555 88.7  ? 
3  O  ? A CYS 64 ? A CYS 64  ? 1_555 NA ? G NA . ? A NA 206 ? 1_555 OG ? A SER 72 ? A SER 72  ? 1_555 164.7 ? 
4  O  ? A SER 60 ? A SER 60  ? 1_555 NA ? G NA . ? A NA 206 ? 1_555 O  ? A ARG 73 ? A ARG 73  ? 1_555 92.0  ? 
5  O  ? A CYS 64 ? A CYS 64  ? 1_555 NA ? G NA . ? A NA 206 ? 1_555 O  ? A ARG 73 ? A ARG 73  ? 1_555 92.3  ? 
6  OG ? A SER 72 ? A SER 72  ? 1_555 NA ? G NA . ? A NA 206 ? 1_555 O  ? A ARG 73 ? A ARG 73  ? 1_555 102.6 ? 
7  O  ? A SER 60 ? A SER 60  ? 1_555 NA ? G NA . ? A NA 206 ? 1_555 O  ? H HOH .  ? A HOH 331 ? 1_555 99.4  ? 
8  O  ? A CYS 64 ? A CYS 64  ? 1_555 NA ? G NA . ? A NA 206 ? 1_555 O  ? H HOH .  ? A HOH 331 ? 1_555 85.7  ? 
9  OG ? A SER 72 ? A SER 72  ? 1_555 NA ? G NA . ? A NA 206 ? 1_555 O  ? H HOH .  ? A HOH 331 ? 1_555 80.4  ? 
10 O  ? A ARG 73 ? A ARG 73  ? 1_555 NA ? G NA . ? A NA 206 ? 1_555 O  ? H HOH .  ? A HOH 331 ? 1_555 168.3 ? 
11 O  ? A SER 60 ? A SER 60  ? 1_555 NA ? G NA . ? A NA 206 ? 1_555 O  ? H HOH .  ? A HOH 358 ? 1_555 173.9 ? 
12 O  ? A CYS 64 ? A CYS 64  ? 1_555 NA ? G NA . ? A NA 206 ? 1_555 O  ? H HOH .  ? A HOH 358 ? 1_555 98.4  ? 
13 OG ? A SER 72 ? A SER 72  ? 1_555 NA ? G NA . ? A NA 206 ? 1_555 O  ? H HOH .  ? A HOH 358 ? 1_555 85.3  ? 
14 O  ? A ARG 73 ? A ARG 73  ? 1_555 NA ? G NA . ? A NA 206 ? 1_555 O  ? H HOH .  ? A HOH 358 ? 1_555 89.9  ? 
15 O  ? H HOH .  ? A HOH 331 ? 1_555 NA ? G NA . ? A NA 206 ? 1_555 O  ? H HOH .  ? A HOH 358 ? 1_555 79.1  ? 
# 
loop_
_pdbx_modification_feature.ordinal 
_pdbx_modification_feature.label_comp_id 
_pdbx_modification_feature.label_asym_id 
_pdbx_modification_feature.label_seq_id 
_pdbx_modification_feature.label_alt_id 
_pdbx_modification_feature.modified_residue_label_comp_id 
_pdbx_modification_feature.modified_residue_label_asym_id 
_pdbx_modification_feature.modified_residue_label_seq_id 
_pdbx_modification_feature.modified_residue_label_alt_id 
_pdbx_modification_feature.auth_comp_id 
_pdbx_modification_feature.auth_asym_id 
_pdbx_modification_feature.auth_seq_id 
_pdbx_modification_feature.PDB_ins_code 
_pdbx_modification_feature.symmetry 
_pdbx_modification_feature.modified_residue_auth_comp_id 
_pdbx_modification_feature.modified_residue_auth_asym_id 
_pdbx_modification_feature.modified_residue_auth_seq_id 
_pdbx_modification_feature.modified_residue_PDB_ins_code 
_pdbx_modification_feature.modified_residue_symmetry 
_pdbx_modification_feature.comp_id_linking_atom 
_pdbx_modification_feature.modified_residue_id_linking_atom 
_pdbx_modification_feature.modified_residue_id 
_pdbx_modification_feature.ref_pcm_id 
_pdbx_modification_feature.ref_comp_id 
_pdbx_modification_feature.type 
_pdbx_modification_feature.category 
1 CYS A 6  ? CYS A 127 ? CYS A 6  ? 1_555 CYS A 127 ? 1_555 SG SG . . . None 'Disulfide bridge' 
2 CYS A 30 ? CYS A 115 ? CYS A 30 ? 1_555 CYS A 115 ? 1_555 SG SG . . . None 'Disulfide bridge' 
3 CYS A 64 ? CYS A 80  ? CYS A 64 ? 1_555 CYS A 80  ? 1_555 SG SG . . . None 'Disulfide bridge' 
4 CYS A 76 ? CYS A 94  ? CYS A 76 ? 1_555 CYS A 94  ? 1_555 SG SG . . . None 'Disulfide bridge' 
# 
_struct_sheet.id               AA1 
_struct_sheet.type             ? 
_struct_sheet.number_strands   3 
_struct_sheet.details          ? 
# 
loop_
_struct_sheet_order.sheet_id 
_struct_sheet_order.range_id_1 
_struct_sheet_order.range_id_2 
_struct_sheet_order.offset 
_struct_sheet_order.sense 
AA1 1 2 ? anti-parallel 
AA1 2 3 ? anti-parallel 
# 
loop_
_struct_sheet_range.sheet_id 
_struct_sheet_range.id 
_struct_sheet_range.beg_label_comp_id 
_struct_sheet_range.beg_label_asym_id 
_struct_sheet_range.beg_label_seq_id 
_struct_sheet_range.pdbx_beg_PDB_ins_code 
_struct_sheet_range.end_label_comp_id 
_struct_sheet_range.end_label_asym_id 
_struct_sheet_range.end_label_seq_id 
_struct_sheet_range.pdbx_end_PDB_ins_code 
_struct_sheet_range.beg_auth_comp_id 
_struct_sheet_range.beg_auth_asym_id 
_struct_sheet_range.beg_auth_seq_id 
_struct_sheet_range.end_auth_comp_id 
_struct_sheet_range.end_auth_asym_id 
_struct_sheet_range.end_auth_seq_id 
AA1 1 THR A 43 ? ARG A 45 ? THR A 43 ARG A 45 
AA1 2 THR A 51 ? TYR A 53 ? THR A 51 TYR A 53 
AA1 3 ILE A 58 ? ASN A 59 ? ILE A 58 ASN A 59 
# 
loop_
_pdbx_struct_sheet_hbond.sheet_id 
_pdbx_struct_sheet_hbond.range_id_1 
_pdbx_struct_sheet_hbond.range_id_2 
_pdbx_struct_sheet_hbond.range_1_label_atom_id 
_pdbx_struct_sheet_hbond.range_1_label_comp_id 
_pdbx_struct_sheet_hbond.range_1_label_asym_id 
_pdbx_struct_sheet_hbond.range_1_label_seq_id 
_pdbx_struct_sheet_hbond.range_1_PDB_ins_code 
_pdbx_struct_sheet_hbond.range_1_auth_atom_id 
_pdbx_struct_sheet_hbond.range_1_auth_comp_id 
_pdbx_struct_sheet_hbond.range_1_auth_asym_id 
_pdbx_struct_sheet_hbond.range_1_auth_seq_id 
_pdbx_struct_sheet_hbond.range_2_label_atom_id 
_pdbx_struct_sheet_hbond.range_2_label_comp_id 
_pdbx_struct_sheet_hbond.range_2_label_asym_id 
_pdbx_struct_sheet_hbond.range_2_label_seq_id 
_pdbx_struct_sheet_hbond.range_2_PDB_ins_code 
_pdbx_struct_sheet_hbond.range_2_auth_atom_id 
_pdbx_struct_sheet_hbond.range_2_auth_comp_id 
_pdbx_struct_sheet_hbond.range_2_auth_asym_id 
_pdbx_struct_sheet_hbond.range_2_auth_seq_id 
AA1 1 2 N ASN A 44 ? N ASN A 44 O ASP A 52 ? O ASP A 52 
AA1 2 3 N TYR A 53 ? N TYR A 53 O ILE A 58 ? O ILE A 58 
# 
_pdbx_entry_details.entry_id                   7BHN 
_pdbx_entry_details.has_ligand_of_interest     Y 
_pdbx_entry_details.compound_details           ? 
_pdbx_entry_details.source_details             ? 
_pdbx_entry_details.nonpolymer_details         ? 
_pdbx_entry_details.sequence_details           ? 
_pdbx_entry_details.has_protein_modification   Y 
# 
_pdbx_validate_torsion.id              1 
_pdbx_validate_torsion.PDB_model_num   1 
_pdbx_validate_torsion.auth_comp_id    ARG 
_pdbx_validate_torsion.auth_asym_id    A 
_pdbx_validate_torsion.auth_seq_id     68 
_pdbx_validate_torsion.PDB_ins_code    ? 
_pdbx_validate_torsion.label_alt_id    B 
_pdbx_validate_torsion.phi             -140.90 
_pdbx_validate_torsion.psi             26.70 
# 
loop_
_pdbx_struct_special_symmetry.id 
_pdbx_struct_special_symmetry.PDB_model_num 
_pdbx_struct_special_symmetry.auth_asym_id 
_pdbx_struct_special_symmetry.auth_comp_id 
_pdbx_struct_special_symmetry.auth_seq_id 
_pdbx_struct_special_symmetry.PDB_ins_code 
_pdbx_struct_special_symmetry.label_asym_id 
_pdbx_struct_special_symmetry.label_comp_id 
_pdbx_struct_special_symmetry.label_seq_id 
1 1 A HOH 336 ? H HOH . 
2 1 A HOH 351 ? H HOH . 
# 
loop_
_space_group_symop.id 
_space_group_symop.operation_xyz 
1 x,y,z               
2 -y+1/2,x+1/2,z+3/4  
3 y+1/2,-x+1/2,z+1/4  
4 x+1/2,-y+1/2,-z+1/4 
5 -x+1/2,y+1/2,-z+3/4 
6 -x,-y,z+1/2         
7 y,x,-z              
8 -y,-x,-z+1/2        
# 
loop_
_chem_comp_atom.comp_id 
_chem_comp_atom.atom_id 
_chem_comp_atom.type_symbol 
_chem_comp_atom.pdbx_aromatic_flag 
_chem_comp_atom.pdbx_stereo_config 
_chem_comp_atom.pdbx_ordinal 
ALA N    N  N N 1   
ALA CA   C  N S 2   
ALA C    C  N N 3   
ALA O    O  N N 4   
ALA CB   C  N N 5   
ALA OXT  O  N N 6   
ALA H    H  N N 7   
ALA H2   H  N N 8   
ALA HA   H  N N 9   
ALA HB1  H  N N 10  
ALA HB2  H  N N 11  
ALA HB3  H  N N 12  
ALA HXT  H  N N 13  
ARG N    N  N N 14  
ARG CA   C  N S 15  
ARG C    C  N N 16  
ARG O    O  N N 17  
ARG CB   C  N N 18  
ARG CG   C  N N 19  
ARG CD   C  N N 20  
ARG NE   N  N N 21  
ARG CZ   C  N N 22  
ARG NH1  N  N N 23  
ARG NH2  N  N N 24  
ARG OXT  O  N N 25  
ARG H    H  N N 26  
ARG H2   H  N N 27  
ARG HA   H  N N 28  
ARG HB2  H  N N 29  
ARG HB3  H  N N 30  
ARG HG2  H  N N 31  
ARG HG3  H  N N 32  
ARG HD2  H  N N 33  
ARG HD3  H  N N 34  
ARG HE   H  N N 35  
ARG HH11 H  N N 36  
ARG HH12 H  N N 37  
ARG HH21 H  N N 38  
ARG HH22 H  N N 39  
ARG HXT  H  N N 40  
ASN N    N  N N 41  
ASN CA   C  N S 42  
ASN C    C  N N 43  
ASN O    O  N N 44  
ASN CB   C  N N 45  
ASN CG   C  N N 46  
ASN OD1  O  N N 47  
ASN ND2  N  N N 48  
ASN OXT  O  N N 49  
ASN H    H  N N 50  
ASN H2   H  N N 51  
ASN HA   H  N N 52  
ASN HB2  H  N N 53  
ASN HB3  H  N N 54  
ASN HD21 H  N N 55  
ASN HD22 H  N N 56  
ASN HXT  H  N N 57  
ASP N    N  N N 58  
ASP CA   C  N S 59  
ASP C    C  N N 60  
ASP O    O  N N 61  
ASP CB   C  N N 62  
ASP CG   C  N N 63  
ASP OD1  O  N N 64  
ASP OD2  O  N N 65  
ASP OXT  O  N N 66  
ASP H    H  N N 67  
ASP H2   H  N N 68  
ASP HA   H  N N 69  
ASP HB2  H  N N 70  
ASP HB3  H  N N 71  
ASP HD2  H  N N 72  
ASP HXT  H  N N 73  
CL  CL   CL N N 74  
CYS N    N  N N 75  
CYS CA   C  N R 76  
CYS C    C  N N 77  
CYS O    O  N N 78  
CYS CB   C  N N 79  
CYS SG   S  N N 80  
CYS OXT  O  N N 81  
CYS H    H  N N 82  
CYS H2   H  N N 83  
CYS HA   H  N N 84  
CYS HB2  H  N N 85  
CYS HB3  H  N N 86  
CYS HG   H  N N 87  
CYS HXT  H  N N 88  
GLN N    N  N N 89  
GLN CA   C  N S 90  
GLN C    C  N N 91  
GLN O    O  N N 92  
GLN CB   C  N N 93  
GLN CG   C  N N 94  
GLN CD   C  N N 95  
GLN OE1  O  N N 96  
GLN NE2  N  N N 97  
GLN OXT  O  N N 98  
GLN H    H  N N 99  
GLN H2   H  N N 100 
GLN HA   H  N N 101 
GLN HB2  H  N N 102 
GLN HB3  H  N N 103 
GLN HG2  H  N N 104 
GLN HG3  H  N N 105 
GLN HE21 H  N N 106 
GLN HE22 H  N N 107 
GLN HXT  H  N N 108 
GLU N    N  N N 109 
GLU CA   C  N S 110 
GLU C    C  N N 111 
GLU O    O  N N 112 
GLU CB   C  N N 113 
GLU CG   C  N N 114 
GLU CD   C  N N 115 
GLU OE1  O  N N 116 
GLU OE2  O  N N 117 
GLU OXT  O  N N 118 
GLU H    H  N N 119 
GLU H2   H  N N 120 
GLU HA   H  N N 121 
GLU HB2  H  N N 122 
GLU HB3  H  N N 123 
GLU HG2  H  N N 124 
GLU HG3  H  N N 125 
GLU HE2  H  N N 126 
GLU HXT  H  N N 127 
GLY N    N  N N 128 
GLY CA   C  N N 129 
GLY C    C  N N 130 
GLY O    O  N N 131 
GLY OXT  O  N N 132 
GLY H    H  N N 133 
GLY H2   H  N N 134 
GLY HA2  H  N N 135 
GLY HA3  H  N N 136 
GLY HXT  H  N N 137 
HIS N    N  N N 138 
HIS CA   C  N S 139 
HIS C    C  N N 140 
HIS O    O  N N 141 
HIS CB   C  N N 142 
HIS CG   C  Y N 143 
HIS ND1  N  Y N 144 
HIS CD2  C  Y N 145 
HIS CE1  C  Y N 146 
HIS NE2  N  Y N 147 
HIS OXT  O  N N 148 
HIS H    H  N N 149 
HIS H2   H  N N 150 
HIS HA   H  N N 151 
HIS HB2  H  N N 152 
HIS HB3  H  N N 153 
HIS HD1  H  N N 154 
HIS HD2  H  N N 155 
HIS HE1  H  N N 156 
HIS HE2  H  N N 157 
HIS HXT  H  N N 158 
HOH O    O  N N 159 
HOH H1   H  N N 160 
HOH H2   H  N N 161 
ILE N    N  N N 162 
ILE CA   C  N S 163 
ILE C    C  N N 164 
ILE O    O  N N 165 
ILE CB   C  N S 166 
ILE CG1  C  N N 167 
ILE CG2  C  N N 168 
ILE CD1  C  N N 169 
ILE OXT  O  N N 170 
ILE H    H  N N 171 
ILE H2   H  N N 172 
ILE HA   H  N N 173 
ILE HB   H  N N 174 
ILE HG12 H  N N 175 
ILE HG13 H  N N 176 
ILE HG21 H  N N 177 
ILE HG22 H  N N 178 
ILE HG23 H  N N 179 
ILE HD11 H  N N 180 
ILE HD12 H  N N 181 
ILE HD13 H  N N 182 
ILE HXT  H  N N 183 
LEU N    N  N N 184 
LEU CA   C  N S 185 
LEU C    C  N N 186 
LEU O    O  N N 187 
LEU CB   C  N N 188 
LEU CG   C  N N 189 
LEU CD1  C  N N 190 
LEU CD2  C  N N 191 
LEU OXT  O  N N 192 
LEU H    H  N N 193 
LEU H2   H  N N 194 
LEU HA   H  N N 195 
LEU HB2  H  N N 196 
LEU HB3  H  N N 197 
LEU HG   H  N N 198 
LEU HD11 H  N N 199 
LEU HD12 H  N N 200 
LEU HD13 H  N N 201 
LEU HD21 H  N N 202 
LEU HD22 H  N N 203 
LEU HD23 H  N N 204 
LEU HXT  H  N N 205 
LYS N    N  N N 206 
LYS CA   C  N S 207 
LYS C    C  N N 208 
LYS O    O  N N 209 
LYS CB   C  N N 210 
LYS CG   C  N N 211 
LYS CD   C  N N 212 
LYS CE   C  N N 213 
LYS NZ   N  N N 214 
LYS OXT  O  N N 215 
LYS H    H  N N 216 
LYS H2   H  N N 217 
LYS HA   H  N N 218 
LYS HB2  H  N N 219 
LYS HB3  H  N N 220 
LYS HG2  H  N N 221 
LYS HG3  H  N N 222 
LYS HD2  H  N N 223 
LYS HD3  H  N N 224 
LYS HE2  H  N N 225 
LYS HE3  H  N N 226 
LYS HZ1  H  N N 227 
LYS HZ2  H  N N 228 
LYS HZ3  H  N N 229 
LYS HXT  H  N N 230 
MET N    N  N N 231 
MET CA   C  N S 232 
MET C    C  N N 233 
MET O    O  N N 234 
MET CB   C  N N 235 
MET CG   C  N N 236 
MET SD   S  N N 237 
MET CE   C  N N 238 
MET OXT  O  N N 239 
MET H    H  N N 240 
MET H2   H  N N 241 
MET HA   H  N N 242 
MET HB2  H  N N 243 
MET HB3  H  N N 244 
MET HG2  H  N N 245 
MET HG3  H  N N 246 
MET HE1  H  N N 247 
MET HE2  H  N N 248 
MET HE3  H  N N 249 
MET HXT  H  N N 250 
NA  NA   NA N N 251 
NDG C1   C  N S 252 
NDG C2   C  N R 253 
NDG C3   C  N R 254 
NDG C4   C  N S 255 
NDG C5   C  N R 256 
NDG C6   C  N N 257 
NDG C7   C  N N 258 
NDG C8   C  N N 259 
NDG O5   O  N N 260 
NDG O3   O  N N 261 
NDG O4   O  N N 262 
NDG O6   O  N N 263 
NDG O7   O  N N 264 
NDG N2   N  N N 265 
NDG O1   O  N N 266 
NDG H1   H  N N 267 
NDG H2   H  N N 268 
NDG H3   H  N N 269 
NDG H4   H  N N 270 
NDG H5   H  N N 271 
NDG H61  H  N N 272 
NDG H62  H  N N 273 
NDG H81  H  N N 274 
NDG H82  H  N N 275 
NDG H83  H  N N 276 
NDG HO3  H  N N 277 
NDG HO4  H  N N 278 
NDG HO6  H  N N 279 
NDG HN2  H  N N 280 
NDG HO1  H  N N 281 
PHE N    N  N N 282 
PHE CA   C  N S 283 
PHE C    C  N N 284 
PHE O    O  N N 285 
PHE CB   C  N N 286 
PHE CG   C  Y N 287 
PHE CD1  C  Y N 288 
PHE CD2  C  Y N 289 
PHE CE1  C  Y N 290 
PHE CE2  C  Y N 291 
PHE CZ   C  Y N 292 
PHE OXT  O  N N 293 
PHE H    H  N N 294 
PHE H2   H  N N 295 
PHE HA   H  N N 296 
PHE HB2  H  N N 297 
PHE HB3  H  N N 298 
PHE HD1  H  N N 299 
PHE HD2  H  N N 300 
PHE HE1  H  N N 301 
PHE HE2  H  N N 302 
PHE HZ   H  N N 303 
PHE HXT  H  N N 304 
PRO N    N  N N 305 
PRO CA   C  N S 306 
PRO C    C  N N 307 
PRO O    O  N N 308 
PRO CB   C  N N 309 
PRO CG   C  N N 310 
PRO CD   C  N N 311 
PRO OXT  O  N N 312 
PRO H    H  N N 313 
PRO HA   H  N N 314 
PRO HB2  H  N N 315 
PRO HB3  H  N N 316 
PRO HG2  H  N N 317 
PRO HG3  H  N N 318 
PRO HD2  H  N N 319 
PRO HD3  H  N N 320 
PRO HXT  H  N N 321 
SER N    N  N N 322 
SER CA   C  N S 323 
SER C    C  N N 324 
SER O    O  N N 325 
SER CB   C  N N 326 
SER OG   O  N N 327 
SER OXT  O  N N 328 
SER H    H  N N 329 
SER H2   H  N N 330 
SER HA   H  N N 331 
SER HB2  H  N N 332 
SER HB3  H  N N 333 
SER HG   H  N N 334 
SER HXT  H  N N 335 
THR N    N  N N 336 
THR CA   C  N S 337 
THR C    C  N N 338 
THR O    O  N N 339 
THR CB   C  N R 340 
THR OG1  O  N N 341 
THR CG2  C  N N 342 
THR OXT  O  N N 343 
THR H    H  N N 344 
THR H2   H  N N 345 
THR HA   H  N N 346 
THR HB   H  N N 347 
THR HG1  H  N N 348 
THR HG21 H  N N 349 
THR HG22 H  N N 350 
THR HG23 H  N N 351 
THR HXT  H  N N 352 
TRP N    N  N N 353 
TRP CA   C  N S 354 
TRP C    C  N N 355 
TRP O    O  N N 356 
TRP CB   C  N N 357 
TRP CG   C  Y N 358 
TRP CD1  C  Y N 359 
TRP CD2  C  Y N 360 
TRP NE1  N  Y N 361 
TRP CE2  C  Y N 362 
TRP CE3  C  Y N 363 
TRP CZ2  C  Y N 364 
TRP CZ3  C  Y N 365 
TRP CH2  C  Y N 366 
TRP OXT  O  N N 367 
TRP H    H  N N 368 
TRP H2   H  N N 369 
TRP HA   H  N N 370 
TRP HB2  H  N N 371 
TRP HB3  H  N N 372 
TRP HD1  H  N N 373 
TRP HE1  H  N N 374 
TRP HE3  H  N N 375 
TRP HZ2  H  N N 376 
TRP HZ3  H  N N 377 
TRP HH2  H  N N 378 
TRP HXT  H  N N 379 
TYR N    N  N N 380 
TYR CA   C  N S 381 
TYR C    C  N N 382 
TYR O    O  N N 383 
TYR CB   C  N N 384 
TYR CG   C  Y N 385 
TYR CD1  C  Y N 386 
TYR CD2  C  Y N 387 
TYR CE1  C  Y N 388 
TYR CE2  C  Y N 389 
TYR CZ   C  Y N 390 
TYR OH   O  N N 391 
TYR OXT  O  N N 392 
TYR H    H  N N 393 
TYR H2   H  N N 394 
TYR HA   H  N N 395 
TYR HB2  H  N N 396 
TYR HB3  H  N N 397 
TYR HD1  H  N N 398 
TYR HD2  H  N N 399 
TYR HE1  H  N N 400 
TYR HE2  H  N N 401 
TYR HH   H  N N 402 
TYR HXT  H  N N 403 
VAL N    N  N N 404 
VAL CA   C  N S 405 
VAL C    C  N N 406 
VAL O    O  N N 407 
VAL CB   C  N N 408 
VAL CG1  C  N N 409 
VAL CG2  C  N N 410 
VAL OXT  O  N N 411 
VAL H    H  N N 412 
VAL H2   H  N N 413 
VAL HA   H  N N 414 
VAL HB   H  N N 415 
VAL HG11 H  N N 416 
VAL HG12 H  N N 417 
VAL HG13 H  N N 418 
VAL HG21 H  N N 419 
VAL HG22 H  N N 420 
VAL HG23 H  N N 421 
VAL HXT  H  N N 422 
# 
loop_
_chem_comp_bond.comp_id 
_chem_comp_bond.atom_id_1 
_chem_comp_bond.atom_id_2 
_chem_comp_bond.value_order 
_chem_comp_bond.pdbx_aromatic_flag 
_chem_comp_bond.pdbx_stereo_config 
_chem_comp_bond.pdbx_ordinal 
ALA N   CA   sing N N 1   
ALA N   H    sing N N 2   
ALA N   H2   sing N N 3   
ALA CA  C    sing N N 4   
ALA CA  CB   sing N N 5   
ALA CA  HA   sing N N 6   
ALA C   O    doub N N 7   
ALA C   OXT  sing N N 8   
ALA CB  HB1  sing N N 9   
ALA CB  HB2  sing N N 10  
ALA CB  HB3  sing N N 11  
ALA OXT HXT  sing N N 12  
ARG N   CA   sing N N 13  
ARG N   H    sing N N 14  
ARG N   H2   sing N N 15  
ARG CA  C    sing N N 16  
ARG CA  CB   sing N N 17  
ARG CA  HA   sing N N 18  
ARG C   O    doub N N 19  
ARG C   OXT  sing N N 20  
ARG CB  CG   sing N N 21  
ARG CB  HB2  sing N N 22  
ARG CB  HB3  sing N N 23  
ARG CG  CD   sing N N 24  
ARG CG  HG2  sing N N 25  
ARG CG  HG3  sing N N 26  
ARG CD  NE   sing N N 27  
ARG CD  HD2  sing N N 28  
ARG CD  HD3  sing N N 29  
ARG NE  CZ   sing N N 30  
ARG NE  HE   sing N N 31  
ARG CZ  NH1  sing N N 32  
ARG CZ  NH2  doub N N 33  
ARG NH1 HH11 sing N N 34  
ARG NH1 HH12 sing N N 35  
ARG NH2 HH21 sing N N 36  
ARG NH2 HH22 sing N N 37  
ARG OXT HXT  sing N N 38  
ASN N   CA   sing N N 39  
ASN N   H    sing N N 40  
ASN N   H2   sing N N 41  
ASN CA  C    sing N N 42  
ASN CA  CB   sing N N 43  
ASN CA  HA   sing N N 44  
ASN C   O    doub N N 45  
ASN C   OXT  sing N N 46  
ASN CB  CG   sing N N 47  
ASN CB  HB2  sing N N 48  
ASN CB  HB3  sing N N 49  
ASN CG  OD1  doub N N 50  
ASN CG  ND2  sing N N 51  
ASN ND2 HD21 sing N N 52  
ASN ND2 HD22 sing N N 53  
ASN OXT HXT  sing N N 54  
ASP N   CA   sing N N 55  
ASP N   H    sing N N 56  
ASP N   H2   sing N N 57  
ASP CA  C    sing N N 58  
ASP CA  CB   sing N N 59  
ASP CA  HA   sing N N 60  
ASP C   O    doub N N 61  
ASP C   OXT  sing N N 62  
ASP CB  CG   sing N N 63  
ASP CB  HB2  sing N N 64  
ASP CB  HB3  sing N N 65  
ASP CG  OD1  doub N N 66  
ASP CG  OD2  sing N N 67  
ASP OD2 HD2  sing N N 68  
ASP OXT HXT  sing N N 69  
CYS N   CA   sing N N 70  
CYS N   H    sing N N 71  
CYS N   H2   sing N N 72  
CYS CA  C    sing N N 73  
CYS CA  CB   sing N N 74  
CYS CA  HA   sing N N 75  
CYS C   O    doub N N 76  
CYS C   OXT  sing N N 77  
CYS CB  SG   sing N N 78  
CYS CB  HB2  sing N N 79  
CYS CB  HB3  sing N N 80  
CYS SG  HG   sing N N 81  
CYS OXT HXT  sing N N 82  
GLN N   CA   sing N N 83  
GLN N   H    sing N N 84  
GLN N   H2   sing N N 85  
GLN CA  C    sing N N 86  
GLN CA  CB   sing N N 87  
GLN CA  HA   sing N N 88  
GLN C   O    doub N N 89  
GLN C   OXT  sing N N 90  
GLN CB  CG   sing N N 91  
GLN CB  HB2  sing N N 92  
GLN CB  HB3  sing N N 93  
GLN CG  CD   sing N N 94  
GLN CG  HG2  sing N N 95  
GLN CG  HG3  sing N N 96  
GLN CD  OE1  doub N N 97  
GLN CD  NE2  sing N N 98  
GLN NE2 HE21 sing N N 99  
GLN NE2 HE22 sing N N 100 
GLN OXT HXT  sing N N 101 
GLU N   CA   sing N N 102 
GLU N   H    sing N N 103 
GLU N   H2   sing N N 104 
GLU CA  C    sing N N 105 
GLU CA  CB   sing N N 106 
GLU CA  HA   sing N N 107 
GLU C   O    doub N N 108 
GLU C   OXT  sing N N 109 
GLU CB  CG   sing N N 110 
GLU CB  HB2  sing N N 111 
GLU CB  HB3  sing N N 112 
GLU CG  CD   sing N N 113 
GLU CG  HG2  sing N N 114 
GLU CG  HG3  sing N N 115 
GLU CD  OE1  doub N N 116 
GLU CD  OE2  sing N N 117 
GLU OE2 HE2  sing N N 118 
GLU OXT HXT  sing N N 119 
GLY N   CA   sing N N 120 
GLY N   H    sing N N 121 
GLY N   H2   sing N N 122 
GLY CA  C    sing N N 123 
GLY CA  HA2  sing N N 124 
GLY CA  HA3  sing N N 125 
GLY C   O    doub N N 126 
GLY C   OXT  sing N N 127 
GLY OXT HXT  sing N N 128 
HIS N   CA   sing N N 129 
HIS N   H    sing N N 130 
HIS N   H2   sing N N 131 
HIS CA  C    sing N N 132 
HIS CA  CB   sing N N 133 
HIS CA  HA   sing N N 134 
HIS C   O    doub N N 135 
HIS C   OXT  sing N N 136 
HIS CB  CG   sing N N 137 
HIS CB  HB2  sing N N 138 
HIS CB  HB3  sing N N 139 
HIS CG  ND1  sing Y N 140 
HIS CG  CD2  doub Y N 141 
HIS ND1 CE1  doub Y N 142 
HIS ND1 HD1  sing N N 143 
HIS CD2 NE2  sing Y N 144 
HIS CD2 HD2  sing N N 145 
HIS CE1 NE2  sing Y N 146 
HIS CE1 HE1  sing N N 147 
HIS NE2 HE2  sing N N 148 
HIS OXT HXT  sing N N 149 
HOH O   H1   sing N N 150 
HOH O   H2   sing N N 151 
ILE N   CA   sing N N 152 
ILE N   H    sing N N 153 
ILE N   H2   sing N N 154 
ILE CA  C    sing N N 155 
ILE CA  CB   sing N N 156 
ILE CA  HA   sing N N 157 
ILE C   O    doub N N 158 
ILE C   OXT  sing N N 159 
ILE CB  CG1  sing N N 160 
ILE CB  CG2  sing N N 161 
ILE CB  HB   sing N N 162 
ILE CG1 CD1  sing N N 163 
ILE CG1 HG12 sing N N 164 
ILE CG1 HG13 sing N N 165 
ILE CG2 HG21 sing N N 166 
ILE CG2 HG22 sing N N 167 
ILE CG2 HG23 sing N N 168 
ILE CD1 HD11 sing N N 169 
ILE CD1 HD12 sing N N 170 
ILE CD1 HD13 sing N N 171 
ILE OXT HXT  sing N N 172 
LEU N   CA   sing N N 173 
LEU N   H    sing N N 174 
LEU N   H2   sing N N 175 
LEU CA  C    sing N N 176 
LEU CA  CB   sing N N 177 
LEU CA  HA   sing N N 178 
LEU C   O    doub N N 179 
LEU C   OXT  sing N N 180 
LEU CB  CG   sing N N 181 
LEU CB  HB2  sing N N 182 
LEU CB  HB3  sing N N 183 
LEU CG  CD1  sing N N 184 
LEU CG  CD2  sing N N 185 
LEU CG  HG   sing N N 186 
LEU CD1 HD11 sing N N 187 
LEU CD1 HD12 sing N N 188 
LEU CD1 HD13 sing N N 189 
LEU CD2 HD21 sing N N 190 
LEU CD2 HD22 sing N N 191 
LEU CD2 HD23 sing N N 192 
LEU OXT HXT  sing N N 193 
LYS N   CA   sing N N 194 
LYS N   H    sing N N 195 
LYS N   H2   sing N N 196 
LYS CA  C    sing N N 197 
LYS CA  CB   sing N N 198 
LYS CA  HA   sing N N 199 
LYS C   O    doub N N 200 
LYS C   OXT  sing N N 201 
LYS CB  CG   sing N N 202 
LYS CB  HB2  sing N N 203 
LYS CB  HB3  sing N N 204 
LYS CG  CD   sing N N 205 
LYS CG  HG2  sing N N 206 
LYS CG  HG3  sing N N 207 
LYS CD  CE   sing N N 208 
LYS CD  HD2  sing N N 209 
LYS CD  HD3  sing N N 210 
LYS CE  NZ   sing N N 211 
LYS CE  HE2  sing N N 212 
LYS CE  HE3  sing N N 213 
LYS NZ  HZ1  sing N N 214 
LYS NZ  HZ2  sing N N 215 
LYS NZ  HZ3  sing N N 216 
LYS OXT HXT  sing N N 217 
MET N   CA   sing N N 218 
MET N   H    sing N N 219 
MET N   H2   sing N N 220 
MET CA  C    sing N N 221 
MET CA  CB   sing N N 222 
MET CA  HA   sing N N 223 
MET C   O    doub N N 224 
MET C   OXT  sing N N 225 
MET CB  CG   sing N N 226 
MET CB  HB2  sing N N 227 
MET CB  HB3  sing N N 228 
MET CG  SD   sing N N 229 
MET CG  HG2  sing N N 230 
MET CG  HG3  sing N N 231 
MET SD  CE   sing N N 232 
MET CE  HE1  sing N N 233 
MET CE  HE2  sing N N 234 
MET CE  HE3  sing N N 235 
MET OXT HXT  sing N N 236 
NDG C1  C2   sing N N 237 
NDG C1  O5   sing N N 238 
NDG C1  O1   sing N N 239 
NDG C1  H1   sing N N 240 
NDG C2  C3   sing N N 241 
NDG C2  N2   sing N N 242 
NDG C2  H2   sing N N 243 
NDG C3  C4   sing N N 244 
NDG C3  O3   sing N N 245 
NDG C3  H3   sing N N 246 
NDG C4  C5   sing N N 247 
NDG C4  O4   sing N N 248 
NDG C4  H4   sing N N 249 
NDG C5  C6   sing N N 250 
NDG C5  O5   sing N N 251 
NDG C5  H5   sing N N 252 
NDG C6  O6   sing N N 253 
NDG C6  H61  sing N N 254 
NDG C6  H62  sing N N 255 
NDG C7  C8   sing N N 256 
NDG C7  O7   doub N N 257 
NDG C7  N2   sing N N 258 
NDG C8  H81  sing N N 259 
NDG C8  H82  sing N N 260 
NDG C8  H83  sing N N 261 
NDG O3  HO3  sing N N 262 
NDG O4  HO4  sing N N 263 
NDG O6  HO6  sing N N 264 
NDG N2  HN2  sing N N 265 
NDG O1  HO1  sing N N 266 
PHE N   CA   sing N N 267 
PHE N   H    sing N N 268 
PHE N   H2   sing N N 269 
PHE CA  C    sing N N 270 
PHE CA  CB   sing N N 271 
PHE CA  HA   sing N N 272 
PHE C   O    doub N N 273 
PHE C   OXT  sing N N 274 
PHE CB  CG   sing N N 275 
PHE CB  HB2  sing N N 276 
PHE CB  HB3  sing N N 277 
PHE CG  CD1  doub Y N 278 
PHE CG  CD2  sing Y N 279 
PHE CD1 CE1  sing Y N 280 
PHE CD1 HD1  sing N N 281 
PHE CD2 CE2  doub Y N 282 
PHE CD2 HD2  sing N N 283 
PHE CE1 CZ   doub Y N 284 
PHE CE1 HE1  sing N N 285 
PHE CE2 CZ   sing Y N 286 
PHE CE2 HE2  sing N N 287 
PHE CZ  HZ   sing N N 288 
PHE OXT HXT  sing N N 289 
PRO N   CA   sing N N 290 
PRO N   CD   sing N N 291 
PRO N   H    sing N N 292 
PRO CA  C    sing N N 293 
PRO CA  CB   sing N N 294 
PRO CA  HA   sing N N 295 
PRO C   O    doub N N 296 
PRO C   OXT  sing N N 297 
PRO CB  CG   sing N N 298 
PRO CB  HB2  sing N N 299 
PRO CB  HB3  sing N N 300 
PRO CG  CD   sing N N 301 
PRO CG  HG2  sing N N 302 
PRO CG  HG3  sing N N 303 
PRO CD  HD2  sing N N 304 
PRO CD  HD3  sing N N 305 
PRO OXT HXT  sing N N 306 
SER N   CA   sing N N 307 
SER N   H    sing N N 308 
SER N   H2   sing N N 309 
SER CA  C    sing N N 310 
SER CA  CB   sing N N 311 
SER CA  HA   sing N N 312 
SER C   O    doub N N 313 
SER C   OXT  sing N N 314 
SER CB  OG   sing N N 315 
SER CB  HB2  sing N N 316 
SER CB  HB3  sing N N 317 
SER OG  HG   sing N N 318 
SER OXT HXT  sing N N 319 
THR N   CA   sing N N 320 
THR N   H    sing N N 321 
THR N   H2   sing N N 322 
THR CA  C    sing N N 323 
THR CA  CB   sing N N 324 
THR CA  HA   sing N N 325 
THR C   O    doub N N 326 
THR C   OXT  sing N N 327 
THR CB  OG1  sing N N 328 
THR CB  CG2  sing N N 329 
THR CB  HB   sing N N 330 
THR OG1 HG1  sing N N 331 
THR CG2 HG21 sing N N 332 
THR CG2 HG22 sing N N 333 
THR CG2 HG23 sing N N 334 
THR OXT HXT  sing N N 335 
TRP N   CA   sing N N 336 
TRP N   H    sing N N 337 
TRP N   H2   sing N N 338 
TRP CA  C    sing N N 339 
TRP CA  CB   sing N N 340 
TRP CA  HA   sing N N 341 
TRP C   O    doub N N 342 
TRP C   OXT  sing N N 343 
TRP CB  CG   sing N N 344 
TRP CB  HB2  sing N N 345 
TRP CB  HB3  sing N N 346 
TRP CG  CD1  doub Y N 347 
TRP CG  CD2  sing Y N 348 
TRP CD1 NE1  sing Y N 349 
TRP CD1 HD1  sing N N 350 
TRP CD2 CE2  doub Y N 351 
TRP CD2 CE3  sing Y N 352 
TRP NE1 CE2  sing Y N 353 
TRP NE1 HE1  sing N N 354 
TRP CE2 CZ2  sing Y N 355 
TRP CE3 CZ3  doub Y N 356 
TRP CE3 HE3  sing N N 357 
TRP CZ2 CH2  doub Y N 358 
TRP CZ2 HZ2  sing N N 359 
TRP CZ3 CH2  sing Y N 360 
TRP CZ3 HZ3  sing N N 361 
TRP CH2 HH2  sing N N 362 
TRP OXT HXT  sing N N 363 
TYR N   CA   sing N N 364 
TYR N   H    sing N N 365 
TYR N   H2   sing N N 366 
TYR CA  C    sing N N 367 
TYR CA  CB   sing N N 368 
TYR CA  HA   sing N N 369 
TYR C   O    doub N N 370 
TYR C   OXT  sing N N 371 
TYR CB  CG   sing N N 372 
TYR CB  HB2  sing N N 373 
TYR CB  HB3  sing N N 374 
TYR CG  CD1  doub Y N 375 
TYR CG  CD2  sing Y N 376 
TYR CD1 CE1  sing Y N 377 
TYR CD1 HD1  sing N N 378 
TYR CD2 CE2  doub Y N 379 
TYR CD2 HD2  sing N N 380 
TYR CE1 CZ   doub Y N 381 
TYR CE1 HE1  sing N N 382 
TYR CE2 CZ   sing Y N 383 
TYR CE2 HE2  sing N N 384 
TYR CZ  OH   sing N N 385 
TYR OH  HH   sing N N 386 
TYR OXT HXT  sing N N 387 
VAL N   CA   sing N N 388 
VAL N   H    sing N N 389 
VAL N   H2   sing N N 390 
VAL CA  C    sing N N 391 
VAL CA  CB   sing N N 392 
VAL CA  HA   sing N N 393 
VAL C   O    doub N N 394 
VAL C   OXT  sing N N 395 
VAL CB  CG1  sing N N 396 
VAL CB  CG2  sing N N 397 
VAL CB  HB   sing N N 398 
VAL CG1 HG11 sing N N 399 
VAL CG1 HG12 sing N N 400 
VAL CG1 HG13 sing N N 401 
VAL CG2 HG21 sing N N 402 
VAL CG2 HG22 sing N N 403 
VAL CG2 HG23 sing N N 404 
VAL OXT HXT  sing N N 405 
# 
loop_
_pdbx_audit_support.funding_organization 
_pdbx_audit_support.country 
_pdbx_audit_support.grant_number 
_pdbx_audit_support.ordinal 
'Biotechnology and Biological Sciences Research Council (BBSRC)' 'United Kingdom' 102593        1 
'Wellcome Trust'                                                 'United Kingdom' 210734/Z/18/Z 2 
'Royal Society'                                                  'United Kingdom' 182017        3 
# 
_pdbx_initial_refinement_model.id               1 
_pdbx_initial_refinement_model.entity_id_list   ? 
_pdbx_initial_refinement_model.type             'experimental model' 
_pdbx_initial_refinement_model.source_name      PDB 
_pdbx_initial_refinement_model.accession_code   4ETA 
_pdbx_initial_refinement_model.details          ? 
# 
_pdbx_serial_crystallography_sample_delivery.diffrn_id     1 
_pdbx_serial_crystallography_sample_delivery.description   'acoustic droplet ejection' 
_pdbx_serial_crystallography_sample_delivery.method        injection 
# 
_space_group.name_H-M_alt     'P 43 21 2' 
_space_group.name_Hall        'P 4nw 2abw' 
_space_group.IT_number        96 
_space_group.crystal_system   tetragonal 
_space_group.id               1 
# 
_atom_sites.entry_id                    7BHN 
_atom_sites.Cartn_transf_matrix[1][1]   ? 
_atom_sites.Cartn_transf_matrix[1][2]   ? 
_atom_sites.Cartn_transf_matrix[1][3]   ? 
_atom_sites.Cartn_transf_matrix[2][1]   ? 
_atom_sites.Cartn_transf_matrix[2][2]   ? 
_atom_sites.Cartn_transf_matrix[2][3]   ? 
_atom_sites.Cartn_transf_matrix[3][1]   ? 
_atom_sites.Cartn_transf_matrix[3][2]   ? 
_atom_sites.Cartn_transf_matrix[3][3]   ? 
_atom_sites.Cartn_transf_vector[1]      ? 
_atom_sites.Cartn_transf_vector[2]      ? 
_atom_sites.Cartn_transf_vector[3]      ? 
_atom_sites.fract_transf_matrix[1][1]   0.00017894 
_atom_sites.fract_transf_matrix[1][2]   -0.00499021 
_atom_sites.fract_transf_matrix[1][3]   0.01166627 
_atom_sites.fract_transf_matrix[2][1]   0.00934629 
_atom_sites.fract_transf_matrix[2][2]   0.00794309 
_atom_sites.fract_transf_matrix[2][3]   0.00325428 
_atom_sites.fract_transf_matrix[3][1]   -0.01779567 
_atom_sites.fract_transf_matrix[3][2]   0.01772186 
_atom_sites.fract_transf_matrix[3][3]   0.00785342 
_atom_sites.fract_transf_vector[1]      -0.002138 
_atom_sites.fract_transf_vector[2]      0.255789 
_atom_sites.fract_transf_vector[3]      0.012010 
_atom_sites.solution_primary            ? 
_atom_sites.solution_secondary          ? 
_atom_sites.solution_hydrogens          ? 
_atom_sites.special_details             ? 
# 
loop_
_atom_type.symbol 
_atom_type.scat_dispersion_real 
_atom_type.scat_dispersion_imag 
_atom_type.scat_Cromer_Mann_a1 
_atom_type.scat_Cromer_Mann_a2 
_atom_type.scat_Cromer_Mann_a3 
_atom_type.scat_Cromer_Mann_a4 
_atom_type.scat_Cromer_Mann_b1 
_atom_type.scat_Cromer_Mann_b2 
_atom_type.scat_Cromer_Mann_b3 
_atom_type.scat_Cromer_Mann_b4 
_atom_type.scat_Cromer_Mann_c 
_atom_type.scat_source 
_atom_type.scat_dispersion_source 
C  ? ? 3.54356 2.42580 ? ? 25.62398 1.50364  ? ? 0.0 
;2-Gaussian fit: Grosse-Kunstleve RW, Sauter NK, Adams PD: Newsletter of the IUCr Commission on Crystallographic Computing 2004, 3, 22-31.
;
? 
CL ? ? 9.50761 7.44341 ? ? 1.04373  23.83732 ? ? 0.0 
;2-Gaussian fit: Grosse-Kunstleve RW, Sauter NK, Adams PD: Newsletter of the IUCr Commission on Crystallographic Computing 2004, 3, 22-31.
;
? 
N  ? ? 4.01032 2.96436 ? ? 19.97189 1.75589  ? ? 0.0 
;2-Gaussian fit: Grosse-Kunstleve RW, Sauter NK, Adams PD: Newsletter of the IUCr Commission on Crystallographic Computing 2004, 3, 22-31.
;
? 
NA ? ? 9.38062 1.54875 ? ? 3.38349  72.32734 ? ? 0.0 
;2-Gaussian fit: Grosse-Kunstleve RW, Sauter NK, Adams PD: Newsletter of the IUCr Commission on Crystallographic Computing 2004, 3, 22-31.
;
? 
O  ? ? 4.49882 3.47563 ? ? 15.80542 1.70748  ? ? 0.0 
;2-Gaussian fit: Grosse-Kunstleve RW, Sauter NK, Adams PD: Newsletter of the IUCr Commission on Crystallographic Computing 2004, 3, 22-31.
;
? 
S  ? ? 9.55732 6.39887 ? ? 1.23737  29.19336 ? ? 0.0 
;2-Gaussian fit: Grosse-Kunstleve RW, Sauter NK, Adams PD: Newsletter of the IUCr Commission on Crystallographic Computing 2004, 3, 22-31.
;
? 
# 
loop_
_atom_site.group_PDB 
_atom_site.id 
_atom_site.type_symbol 
_atom_site.label_atom_id 
_atom_site.label_alt_id 
_atom_site.label_comp_id 
_atom_site.label_asym_id 
_atom_site.label_entity_id 
_atom_site.label_seq_id 
_atom_site.pdbx_PDB_ins_code 
_atom_site.Cartn_x 
_atom_site.Cartn_y 
_atom_site.Cartn_z 
_atom_site.occupancy 
_atom_site.B_iso_or_equiv 
_atom_site.pdbx_formal_charge 
_atom_site.auth_seq_id 
_atom_site.auth_comp_id 
_atom_site.auth_asym_id 
_atom_site.auth_atom_id 
_atom_site.pdbx_PDB_model_num 
ATOM   1    N  N   . LYS A 1 1   ? -1.15879  -13.93767 -2.07546  1.000 26.22056 ? 1   LYS A N   1 
ATOM   2    C  CA  . LYS A 1 1   ? -0.16960  -14.06726 -3.14000  1.000 25.67526 ? 1   LYS A CA  1 
ATOM   3    C  C   . LYS A 1 1   ? 1.08346   -13.29848 -2.75164  1.000 23.18511 ? 1   LYS A C   1 
ATOM   4    O  O   . LYS A 1 1   ? 1.00046   -12.17620 -2.25169  1.000 24.14575 ? 1   LYS A O   1 
ATOM   5    C  CB  . LYS A 1 1   ? -0.74293  -13.51990 -4.45318  1.000 25.68244 ? 1   LYS A CB  1 
ATOM   6    C  CG  . LYS A 1 1   ? 0.20807   -13.52028 -5.62697  1.000 28.27005 ? 1   LYS A CG  1 
ATOM   7    C  CD  . LYS A 1 1   ? -0.51197  -12.98441 -6.86428  1.000 27.10604 ? 1   LYS A CD  1 
ATOM   8    C  CE  . LYS A 1 1   ? 0.47024   -12.67486 -7.98004  1.000 34.19648 ? 1   LYS A CE  1 
ATOM   9    N  NZ  . LYS A 1 1   ? 1.20038   -13.89252 -8.41205  1.000 44.45993 ? 1   LYS A NZ  1 
ATOM   10   N  N   . VAL A 1 2   ? 2.24080   -13.90304 -2.96537  1.000 22.05044 ? 2   VAL A N   1 
ATOM   11   C  CA  . VAL A 1 2   ? 3.51764   -13.23153 -2.78477  1.000 24.44710 ? 2   VAL A CA  1 
ATOM   12   C  C   . VAL A 1 2   ? 4.02861   -12.87841 -4.17489  1.000 29.79128 ? 2   VAL A C   1 
ATOM   13   O  O   . VAL A 1 2   ? 4.35631   -13.76320 -4.97251  1.000 31.28595 ? 2   VAL A O   1 
ATOM   14   C  CB  . VAL A 1 2   ? 4.51333   -14.10427 -2.01277  1.000 25.30476 ? 2   VAL A CB  1 
ATOM   15   C  CG1 . VAL A 1 2   ? 5.86222   -13.41245 -1.93348  1.000 26.03940 ? 2   VAL A CG1 1 
ATOM   16   C  CG2 . VAL A 1 2   ? 3.98824   -14.39986 -0.61112  1.000 25.02632 ? 2   VAL A CG2 1 
ATOM   17   N  N   . PHE A 1 3   ? 4.05611   -11.59081 -4.48931  1.000 22.95159 ? 3   PHE A N   1 
ATOM   18   C  CA  . PHE A 1 3   ? 4.49003   -11.14876 -5.80532  1.000 23.31032 ? 3   PHE A CA  1 
ATOM   19   C  C   . PHE A 1 3   ? 5.99791   -11.20355 -5.93548  1.000 26.53762 ? 3   PHE A C   1 
ATOM   20   O  O   . PHE A 1 3   ? 6.73813   -11.02883 -4.96526  1.000 25.18135 ? 3   PHE A O   1 
ATOM   21   C  CB  . PHE A 1 3   ? 4.08946   -9.69309  -6.02164  1.000 24.06643 ? 3   PHE A CB  1 
ATOM   22   C  CG  . PHE A 1 3   ? 2.69967   -9.51261  -6.52238  1.000 21.32679 ? 3   PHE A CG  1 
ATOM   23   C  CD1 . PHE A 1 3   ? 1.61863   -9.51013  -5.64132  1.000 25.65896 ? 3   PHE A CD1 1 
ATOM   24   C  CD2 . PHE A 1 3   ? 2.46344   -9.31037  -7.86737  1.000 23.01505 ? 3   PHE A CD2 1 
ATOM   25   C  CE1 . PHE A 1 3   ? 0.33657   -9.32842  -6.10124  1.000 26.28346 ? 3   PHE A CE1 1 
ATOM   26   C  CE2 . PHE A 1 3   ? 1.18321   -9.12539  -8.33873  1.000 25.93622 ? 3   PHE A CE2 1 
ATOM   27   C  CZ  . PHE A 1 3   ? 0.11013   -9.13620  -7.45635  1.000 31.84969 ? 3   PHE A CZ  1 
ATOM   28   N  N   . GLY A 1 4   ? 6.45029   -11.43213 -7.16847  1.000 26.04215 ? 4   GLY A N   1 
ATOM   29   C  CA  . GLY A 1 4   ? 7.79651   -11.06123 -7.52366  1.000 25.48436 ? 4   GLY A CA  1 
ATOM   30   C  C   . GLY A 1 4   ? 7.91788   -9.56023  -7.69963  1.000 22.70562 ? 4   GLY A C   1 
ATOM   31   O  O   . GLY A 1 4   ? 6.94583   -8.85801  -7.98310  1.000 24.60410 ? 4   GLY A O   1 
ATOM   32   N  N   . ARG A 1 5   ? 9.14832   -9.07178  -7.53513  1.000 25.66015 ? 5   ARG A N   1 
ATOM   33   C  CA  . ARG A 1 5   ? 9.42442   -7.64477  -7.66488  1.000 22.91989 ? 5   ARG A CA  1 
ATOM   34   C  C   . ARG A 1 5   ? 8.95806   -7.09035  -9.01394  1.000 27.08393 ? 5   ARG A C   1 
ATOM   35   O  O   . ARG A 1 5   ? 8.18088   -6.12888  -9.07146  1.000 23.60583 ? 5   ARG A O   1 
ATOM   36   C  CB  . ARG A 1 5   ? 10.92167  -7.40525  -7.43514  1.000 26.74118 ? 5   ARG A CB  1 
ATOM   37   C  CG  . ARG A 1 5   ? 11.39437  -5.99024  -7.67195  1.000 25.30267 ? 5   ARG A CG  1 
ATOM   38   C  CD  . ARG A 1 5   ? 12.88226  -5.86592  -7.37452  1.000 24.44197 ? 5   ARG A CD  1 
ATOM   39   N  NE  . ARG A 1 5   ? 13.73116  -6.65302  -8.26557  1.000 32.23035 ? 5   ARG A NE  1 
ATOM   40   C  CZ  . ARG A 1 5   ? 14.17259  -6.22260  -9.44586  1.000 35.24614 ? 5   ARG A CZ  1 
ATOM   41   N  NH1 . ARG A 1 5   ? 13.83039  -5.02050  -9.88637  1.000 29.22441 ? 5   ARG A NH1 1 
ATOM   42   N  NH2 . ARG A 1 5   ? 14.94800  -6.99997  -10.19411 1.000 39.22537 ? 5   ARG A NH2 1 
ATOM   43   N  N   . CYS A 1 6   ? 9.42257   -7.68721  -10.11985 1.000 25.78892 ? 6   CYS A N   1 
ATOM   44   C  CA  . CYS A 1 6   ? 9.04448   -7.15971  -11.42911 1.000 28.49487 ? 6   CYS A CA  1 
ATOM   45   C  C   . CYS A 1 6   ? 7.58216   -7.43609  -11.75003 1.000 22.86829 ? 6   CYS A C   1 
ATOM   46   O  O   . CYS A 1 6   ? 6.93745   -6.64240  -12.44326 1.000 26.01832 ? 6   CYS A O   1 
ATOM   47   C  CB  . CYS A 1 6   ? 9.95788   -7.72512  -12.52221 1.000 27.89149 ? 6   CYS A CB  1 
ATOM   48   S  SG  . CYS A 1 6   ? 11.66972  -7.17707  -12.40323 1.000 28.31733 ? 6   CYS A SG  1 
ATOM   49   N  N   . GLU A 1 7   ? 7.04558   -8.55688  -11.26936 1.000 23.90409 ? 7   GLU A N   1 
ATOM   50   C  CA  . GLU A 1 7   ? 5.63190   -8.83442  -11.45603 1.000 23.42367 ? 7   GLU A CA  1 
ATOM   51   C  C   . GLU A 1 7   ? 4.78013   -7.74934  -10.81184 1.000 23.76544 ? 7   GLU A C   1 
ATOM   52   O  O   . GLU A 1 7   ? 3.80281   -7.27651  -11.40254 1.000 24.34930 ? 7   GLU A O   1 
ATOM   53   C  CB  . GLU A 1 7   ? 5.30167   -10.19122 -10.84057 1.000 28.03408 ? 7   GLU A CB  1 
ATOM   54   C  CG  . GLU A 1 7   ? 3.86274   -10.59995 -10.98764 1.000 29.46086 ? 7   GLU A CG  1 
ATOM   55   C  CD  . GLU A 1 7   ? 3.53143   -11.83674 -10.18438 1.000 30.93087 ? 7   GLU A CD  1 
ATOM   56   O  OE1 . GLU A 1 7   ? 4.30409   -12.18704 -9.26103  1.000 30.64513 ? 7   GLU A OE1 1 
ATOM   57   O  OE2 . GLU A 1 7   ? 2.49113   -12.45855 -10.48460 1.000 40.24728 ? 7   GLU A OE2 1 
ATOM   58   N  N   . LEU A 1 8   ? 5.14017   -7.33563  -9.59254  1.000 21.87599 ? 8   LEU A N   1 
ATOM   59   C  CA  . LEU A 1 8   ? 4.37448   -6.28254  -8.93071  1.000 22.27462 ? 8   LEU A CA  1 
ATOM   60   C  C   . LEU A 1 8   ? 4.57423   -4.93832  -9.61615  1.000 22.58814 ? 8   LEU A C   1 
ATOM   61   O  O   . LEU A 1 8   ? 3.62726   -4.15518  -9.74261  1.000 23.65463 ? 8   LEU A O   1 
ATOM   62   C  CB  . LEU A 1 8   ? 4.76890   -6.19996  -7.45413  1.000 23.33020 ? 8   LEU A CB  1 
ATOM   63   C  CG  . LEU A 1 8   ? 4.05422   -5.08749  -6.67897  1.000 22.76934 ? 8   LEU A CG  1 
ATOM   64   C  CD1 . LEU A 1 8   ? 2.56483   -5.33028  -6.63738  1.000 26.04618 ? 8   LEU A CD1 1 
ATOM   65   C  CD2 . LEU A 1 8   ? 4.61876   -5.01843  -5.27733  1.000 23.99258 ? 8   LEU A CD2 1 
ATOM   66   N  N   . ALA A 1 9   ? 5.80087   -4.64357  -10.05130 1.000 20.83300 ? 9   ALA A N   1 
ATOM   67   C  CA  . ALA A 1 9   ? 6.04364   -3.39888  -10.77366 1.000 25.00509 ? 9   ALA A CA  1 
ATOM   68   C  C   . ALA A 1 9   ? 5.13052   -3.28906  -11.98928 1.000 22.54931 ? 9   ALA A C   1 
ATOM   69   O  O   . ALA A 1 9   ? 4.50599   -2.24936  -12.22654 1.000 23.13337 ? 9   ALA A O   1 
ATOM   70   C  CB  . ALA A 1 9   ? 7.51199   -3.31788  -11.18932 1.000 25.53965 ? 9   ALA A CB  1 
ATOM   71   N  N   . ALA A 1 10  ? 5.02199   -4.37102  -12.76311 1.000 23.29948 ? 10  ALA A N   1 
ATOM   72   C  CA  . ALA A 1 10  ? 4.17260   -4.35030  -13.94668 1.000 28.70381 ? 10  ALA A CA  1 
ATOM   73   C  C   . ALA A 1 10  ? 2.70085   -4.20554  -13.57682 1.000 21.75858 ? 10  ALA A C   1 
ATOM   74   O  O   . ALA A 1 10  ? 1.95336   -3.48152  -14.24498 1.000 27.60121 ? 10  ALA A O   1 
ATOM   75   C  CB  . ALA A 1 10  ? 4.40271   -5.62323  -14.75596 1.000 29.29059 ? 10  ALA A CB  1 
ATOM   76   N  N   . ALA A 1 11  ? 2.25771   -4.89254  -12.52130 1.000 24.60734 ? 11  ALA A N   1 
ATOM   77   C  CA  . ALA A 1 11  ? 0.86897   -4.76299  -12.09712 1.000 22.11567 ? 11  ALA A CA  1 
ATOM   78   C  C   . ALA A 1 11  ? 0.55645   -3.33886  -11.65802 1.000 26.71420 ? 11  ALA A C   1 
ATOM   79   O  O   . ALA A 1 11  ? -0.49998  -2.79219  -11.99653 1.000 25.25571 ? 11  ALA A O   1 
ATOM   80   C  CB  . ALA A 1 11  ? 0.57167   -5.75766  -10.97457 1.000 28.55701 ? 11  ALA A CB  1 
ATOM   81   N  N   . MET A 1 12  ? 1.47076   -2.71863  -10.90679 1.000 24.37340 ? 12  MET A N   1 
ATOM   82   C  CA  . MET A 1 12  ? 1.24009   -1.35540  -10.44887 1.000 23.82798 ? 12  MET A CA  1 
ATOM   83   C  C   . MET A 1 12  ? 1.23932   -0.37774  -11.61217 1.000 23.80862 ? 12  MET A C   1 
ATOM   84   O  O   . MET A 1 12  ? 0.43447   0.56356   -11.64039 1.000 26.35485 ? 12  MET A O   1 
ATOM   85   C  CB  . MET A 1 12  ? 2.30455   -0.97078  -9.42727  1.000 23.61248 ? 12  MET A CB  1 
ATOM   86   C  CG  . MET A 1 12  ? 2.09052   -1.62777  -8.08180  1.000 22.33265 ? 12  MET A CG  1 
ATOM   87   S  SD  . MET A 1 12  ? 3.41909   -1.21283  -6.94647  1.000 24.62955 ? 12  MET A SD  1 
ATOM   88   C  CE  . MET A 1 12  ? 2.57644   -1.51242  -5.38606  1.000 22.56953 ? 12  MET A CE  1 
ATOM   89   N  N   . LYS A 1 13  ? 2.13769   -0.58080  -12.57480 1.000 25.61597 ? 13  LYS A N   1 
ATOM   90   C  CA  . LYS A 1 13  ? 2.16606   0.29630   -13.73745 1.000 27.08676 ? 13  LYS A CA  1 
ATOM   91   C  C   . LYS A 1 13  ? 0.86357   0.20756   -14.51608 1.000 26.98998 ? 13  LYS A C   1 
ATOM   92   O  O   . LYS A 1 13  ? 0.31899   1.22871   -14.94786 1.000 28.48572 ? 13  LYS A O   1 
ATOM   93   C  CB  . LYS A 1 13  ? 3.35393   -0.04705  -14.63076 1.000 25.85742 ? 13  LYS A CB  1 
ATOM   94   C  CG  . LYS A 1 13  ? 3.56145   0.97115   -15.75238 1.000 32.54447 ? 13  LYS A CG  1 
ATOM   95   C  CD  . LYS A 1 13  ? 4.71105   0.59832   -16.66040 1.000 41.45739 ? 13  LYS A CD  1 
ATOM   96   C  CE  . LYS A 1 13  ? 4.85798   1.63294   -17.76979 1.000 47.14382 ? 13  LYS A CE  1 
ATOM   97   N  NZ  . LYS A 1 13  ? 5.86903   1.22369   -18.77369 1.000 59.74664 ? 13  LYS A NZ  1 
ATOM   98   N  N   . ARG A 1 14  ? 0.33405   -1.00566  -14.67842 1.000 26.65476 ? 14  ARG A N   1 
ATOM   99   C  CA  . ARG A 1 14  ? -0.92341  -1.17231  -15.39434 1.000 29.40848 ? 14  ARG A CA  1 
ATOM   100  C  C   . ARG A 1 14  ? -2.07062  -0.47832  -14.67873 1.000 32.63255 ? 14  ARG A C   1 
ATOM   101  O  O   . ARG A 1 14  ? -3.00297  0.00547   -15.32645 1.000 32.00390 ? 14  ARG A O   1 
ATOM   102  C  CB  . ARG A 1 14  ? -1.22621  -2.66016  -15.56720 1.000 33.88994 ? 14  ARG A CB  1 
ATOM   103  C  CG  . ARG A 1 14  ? -2.47835  -2.93402  -16.37897 1.000 45.79627 ? 14  ARG A CG  1 
ATOM   104  C  CD  . ARG A 1 14  ? -2.63459  -4.41129  -16.66614 1.000 56.18585 ? 14  ARG A CD  1 
ATOM   105  N  NE  . ARG A 1 14  ? -2.84836  -5.19287  -15.45468 1.000 60.15416 ? 14  ARG A NE  1 
ATOM   106  C  CZ  . ARG A 1 14  ? -4.04860  -5.48223  -14.96442 1.000 58.17392 ? 14  ARG A CZ  1 
ATOM   107  N  NH1 . ARG A 1 14  ? -5.14015  -5.04641  -15.58377 1.000 50.72452 ? 14  ARG A NH1 1 
ATOM   108  N  NH2 . ARG A 1 14  ? -4.15903  -6.20360  -13.85668 1.000 58.58580 ? 14  ARG A NH2 1 
ATOM   109  N  N   . HIS A 1 15  ? -2.02257  -0.41540  -13.34914 1.000 29.02685 ? 15  HIS A N   1 
ATOM   110  C  CA  . HIS A 1 15  ? -3.08133  0.21497   -12.57380 1.000 25.72095 ? 15  HIS A CA  1 
ATOM   111  C  C   . HIS A 1 15  ? -2.87833  1.71684   -12.38940 1.000 28.46348 ? 15  HIS A C   1 
ATOM   112  O  O   . HIS A 1 15  ? -3.64490  2.34360   -11.65213 1.000 32.92595 ? 15  HIS A O   1 
ATOM   113  C  CB  . HIS A 1 15  ? -3.24439  -0.48730  -11.22563 1.000 30.79900 ? 15  HIS A CB  1 
ATOM   114  C  CG  . HIS A 1 15  ? -3.97924  -1.78889  -11.31181 1.000 28.55037 ? 15  HIS A CG  1 
ATOM   115  N  ND1 . HIS A 1 15  ? -3.33702  -3.00408  -11.41816 1.000 33.51280 ? 15  HIS A ND1 1 
ATOM   116  C  CD2 . HIS A 1 15  ? -5.30534  -2.06344  -11.30825 1.000 38.09764 ? 15  HIS A CD2 1 
ATOM   117  C  CE1 . HIS A 1 15  ? -4.23560  -3.97221  -11.47014 1.000 35.53206 ? 15  HIS A CE1 1 
ATOM   118  N  NE2 . HIS A 1 15  ? -5.43724  -3.42696  -11.40948 1.000 38.59122 ? 15  HIS A NE2 1 
ATOM   119  N  N   . GLY A 1 16  ? -1.87294  2.30100   -13.03980 1.000 26.80285 ? 16  GLY A N   1 
ATOM   120  C  CA  . GLY A 1 16  ? -1.73310  3.74689   -13.09885 1.000 30.22175 ? 16  GLY A CA  1 
ATOM   121  C  C   . GLY A 1 16  ? -0.88329  4.37971   -12.02247 1.000 30.14738 ? 16  GLY A C   1 
ATOM   122  O  O   . GLY A 1 16  ? -0.96388  5.59853   -11.82729 1.000 29.06416 ? 16  GLY A O   1 
ATOM   123  N  N   . LEU A 1 17  ? -0.05332  3.60371   -11.32530 1.000 29.53744 ? 17  LEU A N   1 
ATOM   124  C  CA  . LEU A 1 17  ? 0.70521   4.16475   -10.21135 1.000 27.08362 ? 17  LEU A CA  1 
ATOM   125  C  C   . LEU A 1 17  ? 2.01159   4.82759   -10.62669 1.000 27.75790 ? 17  LEU A C   1 
ATOM   126  O  O   . LEU A 1 17  ? 2.57578   5.59249   -9.83425  1.000 26.90236 ? 17  LEU A O   1 
ATOM   127  C  CB  . LEU A 1 17  ? 0.98817   3.09403   -9.15612  1.000 26.12221 ? 17  LEU A CB  1 
ATOM   128  C  CG  . LEU A 1 17  ? -0.16813  2.76291   -8.22734  1.000 27.93799 ? 17  LEU A CG  1 
ATOM   129  C  CD1 . LEU A 1 17  ? 0.30548   1.71286   -7.24188  1.000 30.34245 ? 17  LEU A CD1 1 
ATOM   130  C  CD2 . LEU A 1 17  ? -0.67224  3.99614   -7.49672  1.000 28.74238 ? 17  LEU A CD2 1 
ATOM   131  N  N   . ASP A 1 18  ? 2.51350   4.56879   -11.83401 1.000 29.27961 ? 18  ASP A N   1 
ATOM   132  C  CA  . ASP A 1 18  ? 3.78933   5.14636   -12.23436 1.000 26.35353 ? 18  ASP A CA  1 
ATOM   133  C  C   . ASP A 1 18  ? 3.63324   6.64983   -12.38514 1.000 31.21635 ? 18  ASP A C   1 
ATOM   134  O  O   . ASP A 1 18  ? 2.84952   7.11868   -13.21666 1.000 30.92552 ? 18  ASP A O   1 
ATOM   135  C  CB  . ASP A 1 18  ? 4.27861   4.52674   -13.53809 1.000 30.71324 ? 18  ASP A CB  1 
ATOM   136  C  CG  . ASP A 1 18  ? 5.73069   4.87194   -13.84485 1.000 32.21644 ? 18  ASP A CG  1 
ATOM   137  O  OD1 . ASP A 1 18  ? 6.43294   5.44936   -12.97912 1.000 36.15393 ? 18  ASP A OD1 1 
ATOM   138  O  OD2 . ASP A 1 18  ? 6.18029   4.55418   -14.96777 1.000 44.40346 ? 18  ASP A OD2 1 
ATOM   139  N  N   A ASN A 1 19  ? 4.37854   7.40062   -11.57459 0.608 28.39793 ? 19  ASN A N   1 
ATOM   140  N  N   B ASN A 1 19  ? 4.37659   7.40240   -11.57525 0.392 28.41582 ? 19  ASN A N   1 
ATOM   141  C  CA  A ASN A 1 19  ? 4.33867   8.85758   -11.52710 0.608 29.11762 ? 19  ASN A CA  1 
ATOM   142  C  CA  B ASN A 1 19  ? 4.33991   8.85992   -11.54948 0.392 29.13473 ? 19  ASN A CA  1 
ATOM   143  C  C   A ASN A 1 19  ? 3.00965   9.41080   -11.02807 0.608 29.68498 ? 19  ASN A C   1 
ATOM   144  C  C   B ASN A 1 19  ? 3.02228   9.41739   -11.01498 0.392 29.65318 ? 19  ASN A C   1 
ATOM   145  O  O   A ASN A 1 19  ? 2.70553   10.58755  -11.24871 0.608 29.39028 ? 19  ASN A O   1 
ATOM   146  O  O   B ASN A 1 19  ? 2.73273   10.60252  -11.20260 0.392 29.36089 ? 19  ASN A O   1 
ATOM   147  C  CB  A ASN A 1 19  ? 4.77477   9.50546   -12.84603 0.608 31.08073 ? 19  ASN A CB  1 
ATOM   148  C  CB  B ASN A 1 19  ? 4.70540   9.47962   -12.90604 0.392 31.09647 ? 19  ASN A CB  1 
ATOM   149  C  CG  A ASN A 1 19  ? 6.21695   9.21990   -13.16958 0.608 31.40737 ? 19  ASN A CG  1 
ATOM   150  C  CG  B ASN A 1 19  ? 5.32218   10.85515  -12.77014 0.392 31.38907 ? 19  ASN A CG  1 
ATOM   151  O  OD1 A ASN A 1 19  ? 7.06897   9.21882   -12.28355 0.608 34.94997 ? 19  ASN A OD1 1 
ATOM   152  O  OD1 B ASN A 1 19  ? 6.05688   11.12666  -11.82092 0.392 35.92768 ? 19  ASN A OD1 1 
ATOM   153  N  ND2 A ASN A 1 19  ? 6.50132   8.95567   -14.43800 0.608 40.31698 ? 19  ASN A ND2 1 
ATOM   154  N  ND2 B ASN A 1 19  ? 5.02205   11.73488  -13.71771 0.392 33.58839 ? 19  ASN A ND2 1 
ATOM   155  N  N   . TYR A 1 20  ? 2.21052   8.59467   -10.34683 1.000 26.75484 ? 20  TYR A N   1 
ATOM   156  C  CA  . TYR A 1 20  ? 0.96174   9.07841   -9.76959  1.000 22.28023 ? 20  TYR A CA  1 
ATOM   157  C  C   . TYR A 1 20  ? 1.26652   10.07741  -8.65967  1.000 28.51312 ? 20  TYR A C   1 
ATOM   158  O  O   . TYR A 1 20  ? 1.98272   9.75972   -7.70228  1.000 27.33754 ? 20  TYR A O   1 
ATOM   159  C  CB  . TYR A 1 20  ? 0.11312   7.92820   -9.23729  1.000 25.91247 ? 20  TYR A CB  1 
ATOM   160  C  CG  . TYR A 1 20  ? -1.29158  8.35462   -8.87655  1.000 28.04518 ? 20  TYR A CG  1 
ATOM   161  C  CD1 . TYR A 1 20  ? -2.31037  8.32301   -9.82576  1.000 27.50054 ? 20  TYR A CD1 1 
ATOM   162  C  CD2 . TYR A 1 20  ? -1.59905  8.80486   -7.59926  1.000 27.88208 ? 20  TYR A CD2 1 
ATOM   163  C  CE1 . TYR A 1 20  ? -3.59550  8.71633   -9.51167  1.000 30.65102 ? 20  TYR A CE1 1 
ATOM   164  C  CE2 . TYR A 1 20  ? -2.88628  9.19944   -7.27288  1.000 29.34292 ? 20  TYR A CE2 1 
ATOM   165  C  CZ  . TYR A 1 20  ? -3.87784  9.15730   -8.23713  1.000 34.57797 ? 20  TYR A CZ  1 
ATOM   166  O  OH  . TYR A 1 20  ? -5.15796  9.55109   -7.92896  1.000 36.60230 ? 20  TYR A OH  1 
ATOM   167  N  N   . ARG A 1 21  ? 0.73976   11.29345  -8.79866  1.000 27.80330 ? 21  ARG A N   1 
ATOM   168  C  CA  . ARG A 1 21  ? 1.06127   12.39486  -7.89284  1.000 28.64921 ? 21  ARG A CA  1 
ATOM   169  C  C   . ARG A 1 21  ? 2.56305   12.63516  -7.80379  1.000 25.59236 ? 21  ARG A C   1 
ATOM   170  O  O   . ARG A 1 21  ? 3.07125   13.10323  -6.78390  1.000 29.20848 ? 21  ARG A O   1 
ATOM   171  C  CB  . ARG A 1 21  ? 0.43330   12.21902  -6.50596  1.000 31.35450 ? 21  ARG A CB  1 
ATOM   172  C  CG  . ARG A 1 21  ? -1.07510  12.30834  -6.50457  1.000 36.35434 ? 21  ARG A CG  1 
ATOM   173  C  CD  . ARG A 1 21  ? -1.52488  13.68950  -6.93608  1.000 49.46419 ? 21  ARG A CD  1 
ATOM   174  N  NE  . ARG A 1 21  ? -1.19750  14.69840  -5.93346  1.000 57.53725 ? 21  ARG A NE  1 
ATOM   175  C  CZ  . ARG A 1 21  ? -2.10020  15.40273  -5.25851  1.000 58.92809 ? 21  ARG A CZ  1 
ATOM   176  N  NH1 . ARG A 1 21  ? -3.39393  15.22071  -5.48886  1.000 56.31965 ? 21  ARG A NH1 1 
ATOM   177  N  NH2 . ARG A 1 21  ? -1.70826  16.29683  -4.35915  1.000 57.37133 ? 21  ARG A NH2 1 
ATOM   178  N  N   . GLY A 1 22  ? 3.28467   12.30340  -8.86890  1.000 24.34118 ? 22  GLY A N   1 
ATOM   179  C  CA  . GLY A 1 22  ? 4.70091   12.56335  -8.94326  1.000 25.71015 ? 22  GLY A CA  1 
ATOM   180  C  C   . GLY A 1 22  ? 5.59328   11.49183  -8.36878  1.000 21.41058 ? 22  GLY A C   1 
ATOM   181  O  O   . GLY A 1 22  ? 6.81195   11.69064  -8.31608  1.000 25.18980 ? 22  GLY A O   1 
ATOM   182  N  N   . TYR A 1 23  ? 5.03809   10.35978  -7.94765  1.000 23.00162 ? 23  TYR A N   1 
ATOM   183  C  CA  . TYR A 1 23  ? 5.82341   9.29302   -7.33485  1.000 24.35658 ? 23  TYR A CA  1 
ATOM   184  C  C   . TYR A 1 23  ? 6.12775   8.23119   -8.38199  1.000 22.14527 ? 23  TYR A C   1 
ATOM   185  O  O   . TYR A 1 23  ? 5.22518   7.52414   -8.83944  1.000 25.78497 ? 23  TYR A O   1 
ATOM   186  C  CB  . TYR A 1 23  ? 5.08106   8.69200   -6.14496  1.000 21.59450 ? 23  TYR A CB  1 
ATOM   187  C  CG  . TYR A 1 23  ? 5.03219   9.63486   -4.96877  1.000 20.02379 ? 23  TYR A CG  1 
ATOM   188  C  CD1 . TYR A 1 23  ? 6.07623   9.68810   -4.07194  1.000 18.95530 ? 23  TYR A CD1 1 
ATOM   189  C  CD2 . TYR A 1 23  ? 3.95013   10.47785  -4.76887  1.000 19.41732 ? 23  TYR A CD2 1 
ATOM   190  C  CE1 . TYR A 1 23  ? 6.05578   10.54744  -2.99543  1.000 17.25576 ? 23  TYR A CE1 1 
ATOM   191  C  CE2 . TYR A 1 23  ? 3.91804   11.34839  -3.69099  1.000 20.06634 ? 23  TYR A CE2 1 
ATOM   192  C  CZ  . TYR A 1 23  ? 4.97822   11.37101  -2.81352  1.000 20.01827 ? 23  TYR A CZ  1 
ATOM   193  O  OH  . TYR A 1 23  ? 4.95316   12.22917  -1.74125  1.000 23.00809 ? 23  TYR A OH  1 
ATOM   194  N  N   . SER A 1 24  ? 7.40607   8.10127   -8.72737  1.000 23.39416 ? 24  SER A N   1 
ATOM   195  C  CA  . SER A 1 24  ? 7.79952   7.12861   -9.73129  1.000 23.38691 ? 24  SER A CA  1 
ATOM   196  C  C   . SER A 1 24  ? 7.53884   5.71375   -9.22947  1.000 22.45709 ? 24  SER A C   1 
ATOM   197  O  O   . SER A 1 24  ? 7.41452   5.45392   -8.02709  1.000 21.27074 ? 24  SER A O   1 
ATOM   198  C  CB  . SER A 1 24  ? 9.28174   7.26918   -10.05253 1.000 24.40467 ? 24  SER A CB  1 
ATOM   199  O  OG  . SER A 1 24  ? 10.07233  7.01089   -8.90553  1.000 28.50320 ? 24  SER A OG  1 
ATOM   200  N  N   . LEU A 1 25  ? 7.50359   4.78151   -10.17987 1.000 22.42931 ? 25  LEU A N   1 
ATOM   201  C  CA  . LEU A 1 25  ? 7.08348   3.42020   -9.87515  1.000 21.40637 ? 25  LEU A CA  1 
ATOM   202  C  C   . LEU A 1 25  ? 7.94078   2.78902   -8.78836  1.000 20.09089 ? 25  LEU A C   1 
ATOM   203  O  O   . LEU A 1 25  ? 7.42845   2.05059   -7.94342  1.000 21.30712 ? 25  LEU A O   1 
ATOM   204  C  CB  . LEU A 1 25  ? 7.12986   2.58749   -11.15534 1.000 23.85302 ? 25  LEU A CB  1 
ATOM   205  C  CG  . LEU A 1 25  ? 6.52729   1.19898   -11.13394 1.000 24.05210 ? 25  LEU A CG  1 
ATOM   206  C  CD1 . LEU A 1 25  ? 5.05036   1.25141   -10.77611 1.000 26.14908 ? 25  LEU A CD1 1 
ATOM   207  C  CD2 . LEU A 1 25  ? 6.71198   0.60045   -12.51248 1.000 28.38713 ? 25  LEU A CD2 1 
ATOM   208  N  N   . GLY A 1 26  ? 9.24963   3.04097   -8.80280  1.000 18.68608 ? 26  GLY A N   1 
ATOM   209  C  CA  . GLY A 1 26  ? 10.11947  2.44928   -7.79861  1.000 18.56959 ? 26  GLY A CA  1 
ATOM   210  C  C   . GLY A 1 26  ? 9.73822   2.80743   -6.37034  1.000 20.03014 ? 26  GLY A C   1 
ATOM   211  O  O   . GLY A 1 26  ? 10.00978  2.03947   -5.44065  1.000 20.98548 ? 26  GLY A O   1 
ATOM   212  N  N   . ASN A 1 27  ? 9.11609   3.97476   -6.17063  1.000 17.24583 ? 27  ASN A N   1 
ATOM   213  C  CA  . ASN A 1 27  ? 8.66166   4.33901   -4.82376  1.000 18.10625 ? 27  ASN A CA  1 
ATOM   214  C  C   . ASN A 1 27  ? 7.59751   3.37735   -4.33214  1.000 19.34758 ? 27  ASN A C   1 
ATOM   215  O  O   . ASN A 1 27  ? 7.59443   2.98308   -3.15740  1.000 18.97413 ? 27  ASN A O   1 
ATOM   216  C  CB  . ASN A 1 27  ? 8.09159   5.75736   -4.81968  1.000 19.84254 ? 27  ASN A CB  1 
ATOM   217  C  CG  . ASN A 1 27  ? 9.16183   6.80439   -4.84602  1.000 20.77367 ? 27  ASN A CG  1 
ATOM   218  O  OD1 . ASN A 1 27  ? 9.82650   7.03419   -3.84299  1.000 20.66382 ? 27  ASN A OD1 1 
ATOM   219  N  ND2 . ASN A 1 27  ? 9.34155   7.44550   -5.99678  1.000 22.21275 ? 27  ASN A ND2 1 
ATOM   220  N  N   . TRP A 1 28  ? 6.66608   3.01967   -5.21602  1.000 19.89803 ? 28  TRP A N   1 
ATOM   221  C  CA  . TRP A 1 28  ? 5.56403   2.14074   -4.84578  1.000 17.86915 ? 28  TRP A CA  1 
ATOM   222  C  C   . TRP A 1 28  ? 6.04478   0.71650   -4.62293  1.000 19.25504 ? 28  TRP A C   1 
ATOM   223  O  O   . TRP A 1 28  ? 5.54721   0.01804   -3.73162  1.000 18.30234 ? 28  TRP A O   1 
ATOM   224  C  CB  . TRP A 1 28  ? 4.47996   2.18741   -5.92435  1.000 19.27536 ? 28  TRP A CB  1 
ATOM   225  C  CG  . TRP A 1 28  ? 3.89014   3.53395   -6.09302  1.000 18.86900 ? 28  TRP A CG  1 
ATOM   226  C  CD1 . TRP A 1 28  ? 4.18586   4.44349   -7.06785  1.000 19.13336 ? 28  TRP A CD1 1 
ATOM   227  C  CD2 . TRP A 1 28  ? 2.92197   4.15848   -5.24609  1.000 18.88191 ? 28  TRP A CD2 1 
ATOM   228  N  NE1 . TRP A 1 28  ? 3.44582   5.58696   -6.89236  1.000 20.88687 ? 28  TRP A NE1 1 
ATOM   229  C  CE2 . TRP A 1 28  ? 2.66198   5.43693   -5.78117  1.000 19.42934 ? 28  TRP A CE2 1 
ATOM   230  C  CE3 . TRP A 1 28  ? 2.22973   3.75171   -4.09179  1.000 21.88323 ? 28  TRP A CE3 1 
ATOM   231  C  CZ2 . TRP A 1 28  ? 1.75114   6.31253   -5.20567  1.000 24.13223 ? 28  TRP A CZ2 1 
ATOM   232  C  CZ3 . TRP A 1 28  ? 1.32559   4.62997   -3.52313  1.000 22.13621 ? 28  TRP A CZ3 1 
ATOM   233  C  CH2 . TRP A 1 28  ? 1.09432   5.88880   -4.07821  1.000 25.98832 ? 28  TRP A CH2 1 
ATOM   234  N  N   . VAL A 1 29  ? 6.99139   0.25222   -5.43606  1.000 17.13947 ? 29  VAL A N   1 
ATOM   235  C  CA  . VAL A 1 29  ? 7.54160   -1.08244  -5.24382  1.000 17.07395 ? 29  VAL A CA  1 
ATOM   236  C  C   . VAL A 1 29  ? 8.35452   -1.15524  -3.95686  1.000 17.52202 ? 29  VAL A C   1 
ATOM   237  O  O   . VAL A 1 29  ? 8.23430   -2.11386  -3.19369  1.000 19.33398 ? 29  VAL A O   1 
ATOM   238  C  CB  . VAL A 1 29  ? 8.35405   -1.49616  -6.48911  1.000 19.65221 ? 29  VAL A CB  1 
ATOM   239  C  CG1 . VAL A 1 29  ? 9.05643   -2.84004  -6.26430  1.000 20.69650 ? 29  VAL A CG1 1 
ATOM   240  C  CG2 . VAL A 1 29  ? 7.44127   -1.53314  -7.71773  1.000 20.64540 ? 29  VAL A CG2 1 
ATOM   241  N  N   . CYS A 1 30  ? 9.17966   -0.13408  -3.68776  1.000 16.88789 ? 30  CYS A N   1 
ATOM   242  C  CA  . CYS A 1 30  ? 9.93583   -0.07785  -2.44066  1.000 17.17460 ? 30  CYS A CA  1 
ATOM   243  C  C   . CYS A 1 30  ? 9.00902   -0.08346  -1.23095  1.000 18.97542 ? 30  CYS A C   1 
ATOM   244  O  O   . CYS A 1 30  ? 9.26761   -0.78310  -0.24284  1.000 17.71601 ? 30  CYS A O   1 
ATOM   245  C  CB  . CYS A 1 30  ? 10.80978  1.18134   -2.44929  1.000 17.73444 ? 30  CYS A CB  1 
ATOM   246  S  SG  . CYS A 1 30  ? 11.94107  1.32806   -1.06723  1.000 19.45949 ? 30  CYS A SG  1 
ATOM   247  N  N   . ALA A 1 31  ? 7.92189   0.68836   -1.28917  1.000 18.22986 ? 31  ALA A N   1 
ATOM   248  C  CA  . ALA A 1 31  ? 7.01826   0.73608   -0.14558  1.000 18.43496 ? 31  ALA A CA  1 
ATOM   249  C  C   . ALA A 1 31  ? 6.36695   -0.61341  0.08512   1.000 19.72919 ? 31  ALA A C   1 
ATOM   250  O  O   . ALA A 1 31  ? 6.24820   -1.06266  1.22989   1.000 20.81046 ? 31  ALA A O   1 
ATOM   251  C  CB  . ALA A 1 31  ? 5.96977   1.82718   -0.32923  1.000 20.28219 ? 31  ALA A CB  1 
ATOM   252  N  N   . ALA A 1 32  ? 5.98475   -1.29774  -0.99528  1.000 17.24026 ? 32  ALA A N   1 
ATOM   253  C  CA  . ALA A 1 32  ? 5.37262   -2.61835  -0.85594  1.000 16.63051 ? 32  ALA A CA  1 
ATOM   254  C  C   . ALA A 1 32  ? 6.35875   -3.63368  -0.28910  1.000 19.56060 ? 32  ALA A C   1 
ATOM   255  O  O   . ALA A 1 32  ? 5.98449   -4.47950  0.53251   1.000 20.45627 ? 32  ALA A O   1 
ATOM   256  C  CB  . ALA A 1 32  ? 4.82687   -3.08205  -2.20652  1.000 20.54160 ? 32  ALA A CB  1 
ATOM   257  N  N   . LYS A 1 33  ? 7.61977   -3.58538  -0.73353  1.000 17.92589 ? 33  LYS A N   1 
ATOM   258  C  CA  . LYS A 1 33  ? 8.62250   -4.50655  -0.20929  1.000 16.24202 ? 33  LYS A CA  1 
ATOM   259  C  C   . LYS A 1 33  ? 8.75193   -4.37665  1.30013   1.000 18.87557 ? 33  LYS A C   1 
ATOM   260  O  O   . LYS A 1 33  ? 8.76412   -5.37411  2.03055   1.000 21.65747 ? 33  LYS A O   1 
ATOM   261  C  CB  . LYS A 1 33  ? 9.97114   -4.21704  -0.86661  1.000 21.59701 ? 33  LYS A CB  1 
ATOM   262  C  CG  . LYS A 1 33  ? 11.13470  -4.90321  -0.18001  1.000 24.47415 ? 33  LYS A CG  1 
ATOM   263  C  CD  . LYS A 1 33  ? 11.17490  -6.39363  -0.48375  1.000 29.62285 ? 33  LYS A CD  1 
ATOM   264  C  CE  . LYS A 1 33  ? 12.33598  -7.06563  0.24343   1.000 40.88709 ? 33  LYS A CE  1 
ATOM   265  N  NZ  . LYS A 1 33  ? 12.40468  -8.52342  -0.05047  1.000 46.67374 ? 33  LYS A NZ  1 
ATOM   266  N  N   . PHE A 1 34  ? 8.85981   -3.15432  1.79238   1.000 18.95963 ? 34  PHE A N   1 
ATOM   267  C  CA  . PHE A 1 34  ? 9.13105   -2.99156  3.20643   1.000 18.11451 ? 34  PHE A CA  1 
ATOM   268  C  C   . PHE A 1 34  ? 7.87861   -2.95738  4.06242   1.000 23.35827 ? 34  PHE A C   1 
ATOM   269  O  O   . PHE A 1 34  ? 7.97740   -3.19672  5.27285   1.000 23.22115 ? 34  PHE A O   1 
ATOM   270  C  CB  . PHE A 1 34  ? 10.02201  -1.77576  3.43670   1.000 18.98967 ? 34  PHE A CB  1 
ATOM   271  C  CG  . PHE A 1 34  ? 11.39475  -1.94744  2.88448   1.000 19.71687 ? 34  PHE A CG  1 
ATOM   272  C  CD1 . PHE A 1 34  ? 12.13115  -3.07995  3.18790   1.000 19.80098 ? 34  PHE A CD1 1 
ATOM   273  C  CD2 . PHE A 1 34  ? 11.93909  -1.00612  2.04234   1.000 23.97990 ? 34  PHE A CD2 1 
ATOM   274  C  CE1 . PHE A 1 34  ? 13.40234  -3.24438  2.67133   1.000 21.66342 ? 34  PHE A CE1 1 
ATOM   275  C  CE2 . PHE A 1 34  ? 13.20530  -1.17355  1.52737   1.000 25.63575 ? 34  PHE A CE2 1 
ATOM   276  C  CZ  . PHE A 1 34  ? 13.92625  -2.28841  1.84302   1.000 21.67181 ? 34  PHE A CZ  1 
ATOM   277  N  N   . GLU A 1 35  ? 6.70806   -2.68737  3.47319   1.000 17.21098 ? 35  GLU A N   1 
ATOM   278  C  CA  . GLU A 1 35  ? 5.47317   -2.80050  4.25162   1.000 18.06249 ? 35  GLU A CA  1 
ATOM   279  C  C   . GLU A 1 35  ? 5.03873   -4.24750  4.41571   1.000 19.22872 ? 35  GLU A C   1 
ATOM   280  O  O   . GLU A 1 35  ? 4.63490   -4.65302  5.50980   1.000 20.02932 ? 35  GLU A O   1 
ATOM   281  C  CB  . GLU A 1 35  ? 4.33246   -2.01398  3.60105   1.000 18.16380 ? 35  GLU A CB  1 
ATOM   282  C  CG  . GLU A 1 35  ? 4.45655   -0.48924  3.68982   1.000 20.95009 ? 35  GLU A CG  1 
ATOM   283  C  CD  . GLU A 1 35  ? 4.34244   0.05936   5.10562   1.000 21.68471 ? 35  GLU A CD  1 
ATOM   284  O  OE1 . GLU A 1 35  ? 4.09054   -0.71663  6.05965   1.000 22.27029 ? 35  GLU A OE1 1 
ATOM   285  O  OE2 . GLU A 1 35  ? 4.51149   1.27947   5.27063   1.000 20.39335 ? 35  GLU A OE2 1 
ATOM   286  N  N   . SER A 1 36  ? 5.10514   -5.04485  3.34690   1.000 18.93937 ? 36  SER A N   1 
ATOM   287  C  CA  . SER A 1 36  ? 4.47750   -6.35801  3.36015   1.000 17.83661 ? 36  SER A CA  1 
ATOM   288  C  C   . SER A 1 36  ? 5.36378   -7.48729  2.86818   1.000 20.47128 ? 36  SER A C   1 
ATOM   289  O  O   . SER A 1 36  ? 4.89891   -8.63208  2.83505   1.000 22.79211 ? 36  SER A O   1 
ATOM   290  C  CB  . SER A 1 36  ? 3.23872   -6.34877  2.46231   1.000 19.51698 ? 36  SER A CB  1 
ATOM   291  O  OG  . SER A 1 36  ? 3.63497   -6.20111  1.10836   1.000 19.83038 ? 36  SER A OG  1 
ATOM   292  N  N   . ASN A 1 37  ? 6.59715   -7.20565  2.45787   1.000 19.84066 ? 37  ASN A N   1 
ATOM   293  C  CA  . ASN A 1 37  ? 7.43795   -8.19391  1.76467   1.000 21.26652 ? 37  ASN A CA  1 
ATOM   294  C  C   . ASN A 1 37  ? 6.73327   -8.77704  0.53969   1.000 22.14006 ? 37  ASN A C   1 
ATOM   295  O  O   . ASN A 1 37  ? 6.90825   -9.95264  0.19700   1.000 23.39312 ? 37  ASN A O   1 
ATOM   296  C  CB  . ASN A 1 37  ? 7.94401   -9.28833  2.71070   1.000 24.17371 ? 37  ASN A CB  1 
ATOM   297  C  CG  . ASN A 1 37  ? 9.26228   -9.88326  2.25919   1.000 30.79689 ? 37  ASN A CG  1 
ATOM   298  O  OD1 . ASN A 1 37  ? 9.95882   -9.31282  1.42110   1.000 34.04453 ? 37  ASN A OD1 1 
ATOM   299  N  ND2 . ASN A 1 37  ? 9.60615   -11.04147 2.80716   1.000 38.25818 ? 37  ASN A ND2 1 
ATOM   300  N  N   . PHE A 1 38  ? 5.93995   -7.94497  -0.13220  1.000 19.74432 ? 38  PHE A N   1 
ATOM   301  C  CA  . PHE A 1 38  ? 5.24026   -8.26689  -1.37962  1.000 17.13656 ? 38  PHE A CA  1 
ATOM   302  C  C   . PHE A 1 38  ? 4.10197   -9.26399  -1.19562  1.000 21.45618 ? 38  PHE A C   1 
ATOM   303  O  O   . PHE A 1 38  ? 3.66460   -9.88267  -2.16619  1.000 22.36799 ? 38  PHE A O   1 
ATOM   304  C  CB  . PHE A 1 38  ? 6.17482   -8.77879  -2.48896  1.000 19.48526 ? 38  PHE A CB  1 
ATOM   305  C  CG  . PHE A 1 38  ? 7.21334   -7.79689  -2.94670  1.000 22.15837 ? 38  PHE A CG  1 
ATOM   306  C  CD1 . PHE A 1 38  ? 6.92910   -6.45747  -3.06437  1.000 19.03993 ? 38  PHE A CD1 1 
ATOM   307  C  CD2 . PHE A 1 38  ? 8.47316   -8.24717  -3.30598  1.000 24.68878 ? 38  PHE A CD2 1 
ATOM   308  C  CE1 . PHE A 1 38  ? 7.88678   -5.57129  -3.52013  1.000 20.38515 ? 38  PHE A CE1 1 
ATOM   309  C  CE2 . PHE A 1 38  ? 9.43394   -7.37010  -3.75688  1.000 23.42475 ? 38  PHE A CE2 1 
ATOM   310  C  CZ  . PHE A 1 38  ? 9.13670   -6.02901  -3.85831  1.000 20.64262 ? 38  PHE A CZ  1 
ATOM   311  N  N   . ASN A 1 39  ? 3.60012   -9.42780  0.02428   1.000 21.37523 ? 39  ASN A N   1 
ATOM   312  C  CA  . ASN A 1 39  ? 2.60537   -10.44957 0.35050   1.000 20.42423 ? 39  ASN A CA  1 
ATOM   313  C  C   . ASN A 1 39  ? 1.24719   -9.78184  0.51461   1.000 19.92955 ? 39  ASN A C   1 
ATOM   314  O  O   . ASN A 1 39  ? 1.06313   -8.97042  1.42774   1.000 20.09440 ? 39  ASN A O   1 
ATOM   315  C  CB  . ASN A 1 39  ? 3.00702   -11.14412 1.64651   1.000 20.88715 ? 39  ASN A CB  1 
ATOM   316  C  CG  . ASN A 1 39  ? 2.05049   -12.23223 2.05392   1.000 20.40629 ? 39  ASN A CG  1 
ATOM   317  O  OD1 . ASN A 1 39  ? 1.11279   -12.55283 1.33827   1.000 20.72857 ? 39  ASN A OD1 1 
ATOM   318  N  ND2 . ASN A 1 39  ? 2.31184   -12.83186 3.20523   1.000 27.92883 ? 39  ASN A ND2 1 
ATOM   319  N  N   . THR A 1 40  ? 0.29017   -10.14137 -0.34779  1.000 20.01577 ? 40  THR A N   1 
ATOM   320  C  CA  . THR A 1 40  ? -1.01531  -9.50097  -0.27232  1.000 18.90908 ? 40  THR A CA  1 
ATOM   321  C  C   . THR A 1 40  ? -1.76477  -9.87570  0.99724   1.000 21.19293 ? 40  THR A C   1 
ATOM   322  O  O   . THR A 1 40  ? -2.69897  -9.16893  1.37209   1.000 21.20061 ? 40  THR A O   1 
ATOM   323  C  CB  . THR A 1 40  ? -1.89495  -9.88852  -1.45713  1.000 21.31167 ? 40  THR A CB  1 
ATOM   324  O  OG1 . THR A 1 40  ? -2.13812  -11.29864 -1.41818  1.000 22.49153 ? 40  THR A OG1 1 
ATOM   325  C  CG2 . THR A 1 40  ? -1.23699  -9.52907  -2.78271  1.000 21.85628 ? 40  THR A CG2 1 
ATOM   326  N  N   . GLN A 1 41  ? -1.38191  -10.95762 1.66711   1.000 19.06846 ? 41  GLN A N   1 
ATOM   327  C  CA  . GLN A 1 41  ? -2.12052  -11.40148 2.83810   1.000 17.81051 ? 41  GLN A CA  1 
ATOM   328  C  C   . GLN A 1 41  ? -1.57287  -10.84920 4.14784   1.000 19.51506 ? 41  GLN A C   1 
ATOM   329  O  O   . GLN A 1 41  ? -2.07867  -11.21762 5.21363   1.000 22.80610 ? 41  GLN A O   1 
ATOM   330  C  CB  . GLN A 1 41  ? -2.16612  -12.92827 2.89634   1.000 20.57368 ? 41  GLN A CB  1 
ATOM   331  C  CG  . GLN A 1 41  ? -2.84083  -13.55151 1.70695   1.000 19.95293 ? 41  GLN A CG  1 
ATOM   332  C  CD  . GLN A 1 41  ? -3.12090  -15.01142 1.92735   1.000 24.68541 ? 41  GLN A CD  1 
ATOM   333  O  OE1 . GLN A 1 41  ? -2.43743  -15.89083 1.39504   1.000 25.28063 ? 41  GLN A OE1 1 
ATOM   334  N  NE2 . GLN A 1 41  ? -4.11169  -15.28149 2.74878   1.000 25.10174 ? 41  GLN A NE2 1 
ATOM   335  N  N   . ALA A 1 42  ? -0.57680  -9.96527  4.10833   1.000 18.29220 ? 42  ALA A N   1 
ATOM   336  C  CA  . ALA A 1 42  ? 0.02971   -9.47726  5.34069   1.000 18.51209 ? 42  ALA A CA  1 
ATOM   337  C  C   . ALA A 1 42  ? -0.95811  -8.65990  6.16582   1.000 19.36595 ? 42  ALA A C   1 
ATOM   338  O  O   . ALA A 1 42  ? -1.68998  -7.81484  5.64462   1.000 20.95818 ? 42  ALA A O   1 
ATOM   339  C  CB  . ALA A 1 42  ? 1.23556   -8.59833  5.02240   1.000 22.93012 ? 42  ALA A CB  1 
ATOM   340  N  N   . THR A 1 43  ? -0.94856  -8.90202  7.47006   1.000 19.02836 ? 43  THR A N   1 
ATOM   341  C  CA  . THR A 1 43  ? -1.70348  -8.09374  8.41389   1.000 18.68680 ? 43  THR A CA  1 
ATOM   342  C  C   . THR A 1 43  ? -0.81965  -7.80963  9.61157   1.000 19.63541 ? 43  THR A C   1 
ATOM   343  O  O   . THR A 1 43  ? 0.02352   -8.62690  9.99234   1.000 25.60975 ? 43  THR A O   1 
ATOM   344  C  CB  . THR A 1 43  ? -2.98464  -8.78873  8.90337   1.000 19.29221 ? 43  THR A CB  1 
ATOM   345  O  OG1 . THR A 1 43  ? -2.64805  -10.04761 9.49738   1.000 23.45890 ? 43  THR A OG1 1 
ATOM   346  C  CG2 . THR A 1 43  ? -3.97442  -9.00040  7.76505   1.000 21.64064 ? 43  THR A CG2 1 
ATOM   347  N  N   . ASN A 1 44  ? -1.01547  -6.63962  10.21148  1.000 18.22881 ? 44  ASN A N   1 
ATOM   348  C  CA  . ASN A 1 44  ? -0.30177  -6.30837  11.43230  1.000 19.77937 ? 44  ASN A CA  1 
ATOM   349  C  C   . ASN A 1 44  ? -1.20734  -5.45006  12.29515  1.000 19.72451 ? 44  ASN A C   1 
ATOM   350  O  O   . ASN A 1 44  ? -1.87550  -4.54925  11.78953  1.000 22.23733 ? 44  ASN A O   1 
ATOM   351  C  CB  . ASN A 1 44  ? 0.99357   -5.54490  11.14800  1.000 23.25118 ? 44  ASN A CB  1 
ATOM   352  C  CG  . ASN A 1 44  ? 2.08114   -6.43650  10.60622  1.000 29.83501 ? 44  ASN A CG  1 
ATOM   353  O  OD1 . ASN A 1 44  ? 2.69225   -7.20408  11.35043  1.000 35.97167 ? 44  ASN A OD1 1 
ATOM   354  N  ND2 . ASN A 1 44  ? 2.33561   -6.34221  9.30288   1.000 28.60346 ? 44  ASN A ND2 1 
ATOM   355  N  N   A ARG A 1 45  ? -1.22536  -5.73200  13.59410  0.501 22.39916 ? 45  ARG A N   1 
ATOM   356  N  N   B ARG A 1 45  ? -1.21042  -5.73624  13.59406  0.499 22.39488 ? 45  ARG A N   1 
ATOM   357  C  CA  A ARG A 1 45  ? -2.05915  -4.96995  14.51234  0.501 22.68111 ? 45  ARG A CA  1 
ATOM   358  C  CA  B ARG A 1 45  ? -2.00723  -4.99345  14.55948  0.499 22.70357 ? 45  ARG A CA  1 
ATOM   359  C  C   A ARG A 1 45  ? -1.26137  -3.83922  15.14654  0.501 22.14340 ? 45  ARG A C   1 
ATOM   360  C  C   B ARG A 1 45  ? -1.20959  -3.80499  15.08048  0.499 22.15799 ? 45  ARG A C   1 
ATOM   361  O  O   A ARG A 1 45  ? -0.11757  -4.02809  15.57154  0.501 27.24933 ? 45  ARG A O   1 
ATOM   362  O  O   B ARG A 1 45  ? -0.00997  -3.91565  15.35315  0.499 27.38597 ? 45  ARG A O   1 
ATOM   363  C  CB  A ARG A 1 45  ? -2.64282  -5.87299  15.59809  0.501 25.89328 ? 45  ARG A CB  1 
ATOM   364  C  CB  B ARG A 1 45  ? -2.37824  -5.91612  15.72218  0.499 25.38312 ? 45  ARG A CB  1 
ATOM   365  C  CG  A ARG A 1 45  ? -3.68201  -5.16470  16.44101  0.501 24.87857 ? 45  ARG A CG  1 
ATOM   366  C  CG  B ARG A 1 45  ? -3.17373  -5.26216  16.83839  0.499 25.23003 ? 45  ARG A CG  1 
ATOM   367  C  CD  A ARG A 1 45  ? -4.87825  -6.04886  16.69463  0.501 29.17645 ? 45  ARG A CD  1 
ATOM   368  C  CD  B ARG A 1 45  ? -4.63920  -5.04822  16.47554  0.499 27.00136 ? 45  ARG A CD  1 
ATOM   369  N  NE  A ARG A 1 45  ? -6.08919  -5.26825  16.91531  0.501 30.70769 ? 45  ARG A NE  1 
ATOM   370  N  NE  B ARG A 1 45  ? -5.08817  -5.85071  15.34317  0.499 24.71484 ? 45  ARG A NE  1 
ATOM   371  C  CZ  A ARG A 1 45  ? -7.17855  -5.74445  17.50396  0.501 26.31455 ? 45  ARG A CZ  1 
ATOM   372  C  CZ  B ARG A 1 45  ? -5.54269  -7.09904  15.42114  0.499 29.45476 ? 45  ARG A CZ  1 
ATOM   373  N  NH1 A ARG A 1 45  ? -7.19690  -6.99713  17.93568  0.501 32.80919 ? 45  ARG A NH1 1 
ATOM   374  N  NH1 B ARG A 1 45  ? -5.59987  -7.72479  16.58984  0.499 27.17817 ? 45  ARG A NH1 1 
ATOM   375  N  NH2 A ARG A 1 45  ? -8.24477  -4.97371  17.66229  0.501 26.95010 ? 45  ARG A NH2 1 
ATOM   376  N  NH2 B ARG A 1 45  ? -5.93319  -7.72451  14.31964  0.499 25.92385 ? 45  ARG A NH2 1 
ATOM   377  N  N   . ASN A 1 46  ? -1.87957  -2.66575  15.20589  1.000 20.74858 ? 46  ASN A N   1 
ATOM   378  C  CA  . ASN A 1 46  ? -1.28717  -1.46078  15.76952  1.000 26.16472 ? 46  ASN A CA  1 
ATOM   379  C  C   . ASN A 1 46  ? -1.64981  -1.33179  17.24613  1.000 24.14791 ? 46  ASN A C   1 
ATOM   380  O  O   . ASN A 1 46  ? -2.58064  -1.96928  17.73748  1.000 25.55629 ? 46  ASN A O   1 
ATOM   381  C  CB  . ASN A 1 46  ? -1.78357  -0.22428  15.01644  1.000 22.53924 ? 46  ASN A CB  1 
ATOM   382  C  CG  . ASN A 1 46  ? -1.48169  -0.28105  13.53391  1.000 24.27227 ? 46  ASN A CG  1 
ATOM   383  O  OD1 . ASN A 1 46  ? -0.37414  -0.64621  13.14024  1.000 27.53845 ? 46  ASN A OD1 1 
ATOM   384  N  ND2 . ASN A 1 46  ? -2.45865  0.09598   12.70426  1.000 22.88766 ? 46  ASN A ND2 1 
ATOM   385  N  N   A THR A 1 47  ? -0.90848  -0.46799  17.94578  0.494 27.33157 ? 47  THR A N   1 
ATOM   386  N  N   B THR A 1 47  ? -0.88644  -0.48566  17.94591  0.506 27.32915 ? 47  THR A N   1 
ATOM   387  C  CA  A THR A 1 47  ? -1.08725  -0.33502  19.39029  0.494 32.81155 ? 47  THR A CA  1 
ATOM   388  C  CA  B THR A 1 47  ? -1.08162  -0.29880  19.38249  0.506 32.83225 ? 47  THR A CA  1 
ATOM   389  C  C   A THR A 1 47  ? -2.45347  0.23548   19.75487  0.494 31.99769 ? 47  THR A C   1 
ATOM   390  C  C   B THR A 1 47  ? -2.50115  0.15010   19.69655  0.506 32.01237 ? 47  THR A C   1 
ATOM   391  O  O   A THR A 1 47  ? -2.97433  -0.06413  20.83523  0.494 37.06713 ? 47  THR A O   1 
ATOM   392  O  O   B THR A 1 47  ? -3.11003  -0.31898  20.66552  0.506 36.86513 ? 47  THR A O   1 
ATOM   393  C  CB  A THR A 1 47  ? 0.03909   0.50883   19.99541  0.494 31.84988 ? 47  THR A CB  1 
ATOM   394  C  CB  B THR A 1 47  ? -0.07628  0.72811   19.90942  0.506 31.25834 ? 47  THR A CB  1 
ATOM   395  O  OG1 A THR A 1 47  ? 0.00397   1.83249   19.44974  0.494 32.64433 ? 47  THR A OG1 1 
ATOM   396  O  OG1 B THR A 1 47  ? 1.25452   0.25147   19.68437  0.506 32.29080 ? 47  THR A OG1 1 
ATOM   397  C  CG2 A THR A 1 47  ? 1.38689   -0.11800  19.69340  0.494 33.09768 ? 47  THR A CG2 1 
ATOM   398  C  CG2 B THR A 1 47  ? -0.28059  0.96780   21.40216  0.506 32.10175 ? 47  THR A CG2 1 
ATOM   399  N  N   . ASP A 1 48  ? -3.05113  1.04824   18.88219  1.000 30.18068 ? 48  ASP A N   1 
ATOM   400  C  CA  . ASP A 1 48  ? -4.37968  1.58685   19.14809  1.000 30.27710 ? 48  ASP A CA  1 
ATOM   401  C  C   . ASP A 1 48  ? -5.49827  0.58820   18.88000  1.000 31.17141 ? 48  ASP A C   1 
ATOM   402  O  O   . ASP A 1 48  ? -6.66809  0.92400   19.08423  1.000 32.41311 ? 48  ASP A O   1 
ATOM   403  C  CB  . ASP A 1 48  ? -4.61066  2.89594   18.38434  1.000 29.36544 ? 48  ASP A CB  1 
ATOM   404  C  CG  . ASP A 1 48  ? -4.51981  2.72610   16.87988  1.000 33.06480 ? 48  ASP A CG  1 
ATOM   405  O  OD1 . ASP A 1 48  ? -4.51005  1.57690   16.40266  1.000 33.81539 ? 48  ASP A OD1 1 
ATOM   406  O  OD2 . ASP A 1 48  ? -4.43861  3.74707   16.16971  1.000 39.23289 ? 48  ASP A OD2 1 
ATOM   407  N  N   . GLY A 1 49  ? -5.17297  -0.62037  18.42887  1.000 26.72276 ? 49  GLY A N   1 
ATOM   408  C  CA  . GLY A 1 49  ? -6.16760  -1.61665  18.11985  1.000 24.80295 ? 49  GLY A CA  1 
ATOM   409  C  C   . GLY A 1 49  ? -6.58381  -1.66091  16.66930  1.000 27.99247 ? 49  GLY A C   1 
ATOM   410  O  O   . GLY A 1 49  ? -7.34416  -2.55961  16.28677  1.000 28.93546 ? 49  GLY A O   1 
ATOM   411  N  N   . SER A 1 50  ? -6.13179  -0.71158  15.85625  1.000 24.93896 ? 50  SER A N   1 
ATOM   412  C  CA  . SER A 1 50  ? -6.36236  -0.80478  14.42798  1.000 19.87481 ? 50  SER A CA  1 
ATOM   413  C  C   . SER A 1 50  ? -5.42857  -1.85634  13.83988  1.000 21.89267 ? 50  SER A C   1 
ATOM   414  O  O   . SER A 1 50  ? -4.52061  -2.35533  14.50102  1.000 22.81468 ? 50  SER A O   1 
ATOM   415  C  CB  . SER A 1 50  ? -6.12327  0.55288   13.77010  1.000 20.86599 ? 50  SER A CB  1 
ATOM   416  O  OG  . SER A 1 50  ? -4.81790  1.01059   14.06535  1.000 21.81255 ? 50  SER A OG  1 
ATOM   417  N  N   . THR A 1 51  ? -5.67089  -2.20067  12.58033  1.000 18.99263 ? 51  THR A N   1 
ATOM   418  C  CA  . THR A 1 51  ? -4.88909  -3.21909  11.89229  1.000 18.42492 ? 51  THR A CA  1 
ATOM   419  C  C   . THR A 1 51  ? -4.53338  -2.69698  10.51241  1.000 17.43641 ? 51  THR A C   1 
ATOM   420  O  O   . THR A 1 51  ? -5.31419  -1.96695  9.90306   1.000 18.52676 ? 51  THR A O   1 
ATOM   421  C  CB  . THR A 1 51  ? -5.71669  -4.50508  11.74304  1.000 19.76365 ? 51  THR A CB  1 
ATOM   422  O  OG1 . THR A 1 51  ? -6.10219  -4.96865  13.04423  1.000 21.83852 ? 51  THR A OG1 1 
ATOM   423  C  CG2 . THR A 1 51  ? -4.94268  -5.60550  11.03082  1.000 20.87781 ? 51  THR A CG2 1 
ATOM   424  N  N   . ASP A 1 52  ? -3.34123  -3.05915  10.03280  1.000 17.94760 ? 52  ASP A N   1 
ATOM   425  C  CA  . ASP A 1 52  ? -2.89995  -2.70168  8.68617   1.000 17.39111 ? 52  ASP A CA  1 
ATOM   426  C  C   . ASP A 1 52  ? -3.03797  -3.91060  7.76745   1.000 18.24603 ? 52  ASP A C   1 
ATOM   427  O  O   . ASP A 1 52  ? -2.74351  -5.03854  8.16872   1.000 19.80064 ? 52  ASP A O   1 
ATOM   428  C  CB  . ASP A 1 52  ? -1.43362  -2.28747  8.72969   1.000 18.43373 ? 52  ASP A CB  1 
ATOM   429  C  CG  . ASP A 1 52  ? -1.14932  -1.32525  9.85282   1.000 25.00942 ? 52  ASP A CG  1 
ATOM   430  O  OD1 . ASP A 1 52  ? -1.80262  -0.27004  9.89513   1.000 24.81035 ? 52  ASP A OD1 1 
ATOM   431  O  OD2 . ASP A 1 52  ? -0.30872  -1.64748  10.72128  1.000 27.67681 ? 52  ASP A OD2 1 
ATOM   432  N  N   . TYR A 1 53  ? -3.47256  -3.68131  6.53327   1.000 18.70779 ? 53  TYR A N   1 
ATOM   433  C  CA  . TYR A 1 53  ? -3.89337  -4.77996  5.66999   1.000 18.99542 ? 53  TYR A CA  1 
ATOM   434  C  C   . TYR A 1 53  ? -3.22191  -4.71469  4.31205   1.000 20.41514 ? 53  TYR A C   1 
ATOM   435  O  O   . TYR A 1 53  ? -3.26644  -3.68051  3.64168   1.000 19.51685 ? 53  TYR A O   1 
ATOM   436  C  CB  . TYR A 1 53  ? -5.40511  -4.73866  5.43469   1.000 17.44211 ? 53  TYR A CB  1 
ATOM   437  C  CG  . TYR A 1 53  ? -6.20018  -5.03912  6.66458   1.000 18.05308 ? 53  TYR A CG  1 
ATOM   438  C  CD1 . TYR A 1 53  ? -6.56527  -4.03006  7.53028   1.000 19.87480 ? 53  TYR A CD1 1 
ATOM   439  C  CD2 . TYR A 1 53  ? -6.58189  -6.34074  6.96700   1.000 19.33075 ? 53  TYR A CD2 1 
ATOM   440  C  CE1 . TYR A 1 53  ? -7.28362  -4.29946  8.66612   1.000 19.49183 ? 53  TYR A CE1 1 
ATOM   441  C  CE2 . TYR A 1 53  ? -7.30151  -6.61941  8.10502   1.000 18.29113 ? 53  TYR A CE2 1 
ATOM   442  C  CZ  . TYR A 1 53  ? -7.65167  -5.58717  8.95293   1.000 20.51389 ? 53  TYR A CZ  1 
ATOM   443  O  OH  . TYR A 1 53  ? -8.37439  -5.81799  10.10401  1.000 21.02859 ? 53  TYR A OH  1 
ATOM   444  N  N   . GLY A 1 54  ? -2.64070  -5.83298  3.89895   1.000 17.83091 ? 54  GLY A N   1 
ATOM   445  C  CA  . GLY A 1 54  ? -2.36513  -6.03825  2.49751   1.000 19.81761 ? 54  GLY A CA  1 
ATOM   446  C  C   . GLY A 1 54  ? -0.99608  -5.56897  2.08115   1.000 19.13272 ? 54  GLY A C   1 
ATOM   447  O  O   . GLY A 1 54  ? -0.11672  -5.28437  2.88445   1.000 18.34935 ? 54  GLY A O   1 
ATOM   448  N  N   . ILE A 1 55  ? -0.82734  -5.50598  0.76202   1.000 19.36106 ? 55  ILE A N   1 
ATOM   449  C  CA  . ILE A 1 55  ? 0.49634   -5.32086  0.19302   1.000 20.68209 ? 55  ILE A CA  1 
ATOM   450  C  C   . ILE A 1 55  ? 1.06109   -3.95504  0.55589   1.000 19.21768 ? 55  ILE A C   1 
ATOM   451  O  O   . ILE A 1 55  ? 2.27927   -3.78723  0.65319   1.000 19.84838 ? 55  ILE A O   1 
ATOM   452  C  CB  . ILE A 1 55  ? 0.44495   -5.58591  -1.32088  1.000 24.59388 ? 55  ILE A CB  1 
ATOM   453  C  CG1 . ILE A 1 55  ? 1.85529   -5.77135  -1.87210  1.000 29.29215 ? 55  ILE A CG1 1 
ATOM   454  C  CG2 . ILE A 1 55  ? -0.35033  -4.49220  -2.03465  1.000 25.32308 ? 55  ILE A CG2 1 
ATOM   455  C  CD1 . ILE A 1 55  ? 1.88389   -6.51564  -3.16655  1.000 36.04087 ? 55  ILE A CD1 1 
ATOM   456  N  N   . LEU A 1 56  ? 0.19753   -2.96931  0.78797   1.000 19.74223 ? 56  LEU A N   1 
ATOM   457  C  CA  . LEU A 1 56  ? 0.62629   -1.64264  1.20277   1.000 16.95544 ? 56  LEU A CA  1 
ATOM   458  C  C   . LEU A 1 56  ? 0.22563   -1.31319  2.63680   1.000 21.91546 ? 56  LEU A C   1 
ATOM   459  O  O   . LEU A 1 56  ? 0.35206   -0.16020  3.06041   1.000 21.36760 ? 56  LEU A O   1 
ATOM   460  C  CB  . LEU A 1 56  ? 0.09715   -0.58651  0.22805   1.000 19.64342 ? 56  LEU A CB  1 
ATOM   461  C  CG  . LEU A 1 56  ? 0.74241   -0.64687  -1.15712  1.000 21.88781 ? 56  LEU A CG  1 
ATOM   462  C  CD1 . LEU A 1 56  ? -0.09571  0.13488   -2.15535  1.000 23.49884 ? 56  LEU A CD1 1 
ATOM   463  C  CD2 . LEU A 1 56  ? 2.14139   -0.09456  -1.09975  1.000 25.28190 ? 56  LEU A CD2 1 
ATOM   464  N  N   . GLN A 1 57  ? -0.21817  -2.30253  3.40922   1.000 18.43033 ? 57  GLN A N   1 
ATOM   465  C  CA  . GLN A 1 57  ? -0.37728  -2.12618  4.85361   1.000 16.37653 ? 57  GLN A CA  1 
ATOM   466  C  C   . GLN A 1 57  ? -1.26485  -0.93854  5.19416   1.000 19.20240 ? 57  GLN A C   1 
ATOM   467  O  O   . GLN A 1 57  ? -0.94435  -0.10525  6.04178   1.000 20.32199 ? 57  GLN A O   1 
ATOM   468  C  CB  . GLN A 1 57  ? 0.95627   -2.08659  5.57970   1.000 19.08928 ? 57  GLN A CB  1 
ATOM   469  C  CG  . GLN A 1 57  ? 1.61220   -3.46028  5.60434   1.000 18.45492 ? 57  GLN A CG  1 
ATOM   470  C  CD  . GLN A 1 57  ? 0.84172   -4.44182  6.47191   1.000 19.86172 ? 57  GLN A CD  1 
ATOM   471  O  OE1 . GLN A 1 57  ? 0.98570   -4.43185  7.68607   1.000 21.75799 ? 57  GLN A OE1 1 
ATOM   472  N  NE2 . GLN A 1 57  ? 0.03358   -5.29521  5.85352   1.000 18.71201 ? 57  GLN A NE2 1 
ATOM   473  N  N   A ILE A 1 58  ? -2.41990  -0.90287  4.54665   0.802 18.30080 ? 58  ILE A N   1 
ATOM   474  N  N   B ILE A 1 58  ? -2.41806  -0.89692  4.53164   0.198 18.37407 ? 58  ILE A N   1 
ATOM   475  C  CA  A ILE A 1 58  ? -3.36670  0.19618   4.69776   0.802 18.67865 ? 58  ILE A CA  1 
ATOM   476  C  CA  B ILE A 1 58  ? -3.36922  0.18851   4.71554   0.198 18.75758 ? 58  ILE A CA  1 
ATOM   477  C  C   A ILE A 1 58  ? -4.13231  0.02623   6.00785   0.802 19.84607 ? 58  ILE A C   1 
ATOM   478  C  C   B ILE A 1 58  ? -4.08958  0.01709   6.04651   0.198 19.81169 ? 58  ILE A C   1 
ATOM   479  O  O   A ILE A 1 58  ? -4.62858  -1.06731  6.31998   0.802 18.70155 ? 58  ILE A O   1 
ATOM   480  O  O   B ILE A 1 58  ? -4.51562  -1.08813  6.41169   0.198 18.84494 ? 58  ILE A O   1 
ATOM   481  C  CB  A ILE A 1 58  ? -4.29984  0.24678   3.48340   0.802 18.39686 ? 58  ILE A CB  1 
ATOM   482  C  CB  B ILE A 1 58  ? -4.34007  0.21888   3.52430   0.198 18.47640 ? 58  ILE A CB  1 
ATOM   483  C  CG1 A ILE A 1 58  ? -3.53580  0.79380   2.28236   0.802 17.77183 ? 58  ILE A CG1 1 
ATOM   484  C  CG1 B ILE A 1 58  ? -3.55843  0.35538   2.21706   0.198 19.64852 ? 58  ILE A CG1 1 
ATOM   485  C  CG2 A ILE A 1 58  ? -5.52535  1.08902   3.76503   0.802 20.91146 ? 58  ILE A CG2 1 
ATOM   486  C  CG2 B ILE A 1 58  ? -5.31548  1.35620   3.65785   0.198 20.33572 ? 58  ILE A CG2 1 
ATOM   487  C  CD1 A ILE A 1 58  ? -4.24946  0.60362   0.98807   0.802 19.44153 ? 58  ILE A CD1 1 
ATOM   488  C  CD1 B ILE A 1 58  ? -2.52004  1.45643   2.24077   0.198 20.28252 ? 58  ILE A CD1 1 
ATOM   489  N  N   . ASN A 1 59  ? -4.23691  1.12059   6.77502   1.000 18.90389 ? 59  ASN A N   1 
ATOM   490  C  CA  . ASN A 1 59  ? -4.65184  1.09490   8.17688   1.000 22.40270 ? 59  ASN A CA  1 
ATOM   491  C  C   . ASN A 1 59  ? -6.16738  1.23398   8.32665   1.000 21.67078 ? 59  ASN A C   1 
ATOM   492  O  O   . ASN A 1 59  ? -6.78018  2.12152   7.72822   1.000 23.75518 ? 59  ASN A O   1 
ATOM   493  C  CB  . ASN A 1 59  ? -3.94831  2.26643   8.86306   1.000 19.74098 ? 59  ASN A CB  1 
ATOM   494  C  CG  . ASN A 1 59  ? -4.01809  2.21778   10.37802  1.000 25.93813 ? 59  ASN A CG  1 
ATOM   495  O  OD1 . ASN A 1 59  ? -4.86430  1.54852   10.95788  1.000 27.40105 ? 59  ASN A OD1 1 
ATOM   496  N  ND2 . ASN A 1 59  ? -3.12545  2.96116   11.02868  1.000 27.58788 ? 59  ASN A ND2 1 
ATOM   497  N  N   . SER A 1 60  ? -6.77062  0.36516   9.15283   1.000 19.19964 ? 60  SER A N   1 
ATOM   498  C  CA  . SER A 1 60  ? -8.21334  0.42847   9.38926   1.000 19.16553 ? 60  SER A CA  1 
ATOM   499  C  C   . SER A 1 60  ? -8.62005  1.62881   10.23198  1.000 21.08775 ? 60  SER A C   1 
ATOM   500  O  O   . SER A 1 60  ? -9.81708  1.90425   10.33236  1.000 24.67938 ? 60  SER A O   1 
ATOM   501  C  CB  . SER A 1 60  ? -8.70766  -0.83211  10.09491  1.000 18.57223 ? 60  SER A CB  1 
ATOM   502  O  OG  . SER A 1 60  ? -8.14025  -0.94727  11.38742  1.000 19.78424 ? 60  SER A OG  1 
ATOM   503  N  N   . ARG A 1 61  ? -7.66693  2.31749   10.86027  1.000 19.28720 ? 61  ARG A N   1 
ATOM   504  C  CA  . ARG A 1 61  ? -8.00067  3.52321   11.60903  1.000 25.99342 ? 61  ARG A CA  1 
ATOM   505  C  C   . ARG A 1 61  ? -8.67580  4.55687   10.72105  1.000 24.10411 ? 61  ARG A C   1 
ATOM   506  O  O   . ARG A 1 61  ? -9.55435  5.29416   11.18395  1.000 25.27597 ? 61  ARG A O   1 
ATOM   507  C  CB  . ARG A 1 61  ? -6.72969  4.08934   12.26363  1.000 26.01515 ? 61  ARG A CB  1 
ATOM   508  C  CG  . ARG A 1 61  ? -6.88416  5.43795   12.98406  1.000 32.47885 ? 61  ARG A CG  1 
ATOM   509  C  CD  . ARG A 1 61  ? -7.88182  5.35721   14.11997  1.000 33.99575 ? 61  ARG A CD  1 
ATOM   510  N  NE  . ARG A 1 61  ? -7.53131  4.32729   15.09368  1.000 42.16405 ? 61  ARG A NE  1 
ATOM   511  C  CZ  . ARG A 1 61  ? -8.35094  3.90076   16.04958  1.000 44.23818 ? 61  ARG A CZ  1 
ATOM   512  N  NH1 . ARG A 1 61  ? -9.57132  4.41797   16.15599  1.000 50.25031 ? 61  ARG A NH1 1 
ATOM   513  N  NH2 . ARG A 1 61  ? -7.95693  2.95620   16.89543  1.000 37.96884 ? 61  ARG A NH2 1 
ATOM   514  N  N   . TRP A 1 62  ? -8.30555  4.61256   9.44100   1.000 22.55803 ? 62  TRP A N   1 
ATOM   515  C  CA  . TRP A 1 62  ? -8.81896  5.65239   8.55560   1.000 21.40576 ? 62  TRP A CA  1 
ATOM   516  C  C   . TRP A 1 62  ? -9.43871  5.16068   7.25798   1.000 23.24948 ? 62  TRP A C   1 
ATOM   517  O  O   . TRP A 1 62  ? -10.31734 5.82846   6.71605   1.000 23.11067 ? 62  TRP A O   1 
ATOM   518  C  CB  . TRP A 1 62  ? -7.69837  6.62753   8.18251   1.000 24.38516 ? 62  TRP A CB  1 
ATOM   519  C  CG  . TRP A 1 62  ? -7.07198  7.27703   9.34904   1.000 26.87434 ? 62  TRP A CG  1 
ATOM   520  C  CD1 . TRP A 1 62  ? -5.85020  7.00502   9.88129   1.000 31.31942 ? 62  TRP A CD1 1 
ATOM   521  C  CD2 . TRP A 1 62  ? -7.64138  8.31329   10.15218  1.000 33.27183 ? 62  TRP A CD2 1 
ATOM   522  N  NE1 . TRP A 1 62  ? -5.61801  7.81306   10.96460  1.000 40.13316 ? 62  TRP A NE1 1 
ATOM   523  C  CE2 . TRP A 1 62  ? -6.70579  8.62477   11.15285  1.000 36.59831 ? 62  TRP A CE2 1 
ATOM   524  C  CE3 . TRP A 1 62  ? -8.85519  9.00780   10.12095  1.000 39.95459 ? 62  TRP A CE3 1 
ATOM   525  C  CZ2 . TRP A 1 62  ? -6.94098  9.60465   12.11668  1.000 52.02895 ? 62  TRP A CZ2 1 
ATOM   526  C  CZ3 . TRP A 1 62  ? -9.08735  9.98163   11.07616  1.000 46.49487 ? 62  TRP A CZ3 1 
ATOM   527  C  CH2 . TRP A 1 62  ? -8.13533  10.27001  12.06082  1.000 53.29028 ? 62  TRP A CH2 1 
ATOM   528  N  N   . TRP A 1 63  ? -8.97523  4.02830   6.71390   1.000 21.21275 ? 63  TRP A N   1 
ATOM   529  C  CA  . TRP A 1 63  ? -9.12571  3.77862   5.28712   1.000 21.65171 ? 63  TRP A CA  1 
ATOM   530  C  C   . TRP A 1 63  ? -10.04862 2.63102   4.92651   1.000 20.32506 ? 63  TRP A C   1 
ATOM   531  O  O   . TRP A 1 63  ? -10.53829 2.59768   3.79743   1.000 22.36595 ? 63  TRP A O   1 
ATOM   532  C  CB  . TRP A 1 63  ? -7.75444  3.51120   4.65107   1.000 20.45446 ? 63  TRP A CB  1 
ATOM   533  C  CG  . TRP A 1 63  ? -6.81616  4.62957   4.90458   1.000 21.73790 ? 63  TRP A CG  1 
ATOM   534  C  CD1 . TRP A 1 63  ? -5.72872  4.62712   5.72925   1.000 21.07381 ? 63  TRP A CD1 1 
ATOM   535  C  CD2 . TRP A 1 63  ? -6.91955  5.94792   4.37870   1.000 23.76482 ? 63  TRP A CD2 1 
ATOM   536  N  NE1 . TRP A 1 63  ? -5.12903  5.87208   5.72854   1.000 25.08602 ? 63  TRP A NE1 1 
ATOM   537  C  CE2 . TRP A 1 63  ? -5.85233  6.69872   4.91108   1.000 23.25229 ? 63  TRP A CE2 1 
ATOM   538  C  CE3 . TRP A 1 63  ? -7.81219  6.56843   3.50434   1.000 24.71881 ? 63  TRP A CE3 1 
ATOM   539  C  CZ2 . TRP A 1 63  ? -5.64850  8.04006   4.58610   1.000 23.41894 ? 63  TRP A CZ2 1 
ATOM   540  C  CZ3 . TRP A 1 63  ? -7.60493  7.89790   3.18383   1.000 28.88384 ? 63  TRP A CZ3 1 
ATOM   541  C  CH2 . TRP A 1 63  ? -6.53518  8.61426   3.72260   1.000 23.73852 ? 63  TRP A CH2 1 
ATOM   542  N  N   . CYS A 1 64  ? -10.29026 1.69316   5.83482   1.000 21.01722 ? 64  CYS A N   1 
ATOM   543  C  CA  . CYS A 1 64  ? -11.15393 0.57268   5.50610   1.000 21.46533 ? 64  CYS A CA  1 
ATOM   544  C  C   . CYS A 1 64  ? -11.88402 0.14339   6.76601   1.000 19.99163 ? 64  CYS A C   1 
ATOM   545  O  O   . CYS A 1 64  ? -11.48387 0.48063   7.88246   1.000 22.18483 ? 64  CYS A O   1 
ATOM   546  C  CB  . CYS A 1 64  ? -10.35365 -0.59557  4.90164   1.000 23.95851 ? 64  CYS A CB  1 
ATOM   547  S  SG  . CYS A 1 64  ? -9.05288  -1.30452  5.97441   1.000 20.72909 ? 64  CYS A SG  1 
ATOM   548  N  N   . ASN A 1 65  ? -12.94541 -0.63639  6.57172   1.000 20.75401 ? 65  ASN A N   1 
ATOM   549  C  CA  . ASN A 1 65  ? -13.73852 -1.15110  7.67779   1.000 22.58303 ? 65  ASN A CA  1 
ATOM   550  C  C   . ASN A 1 65  ? -13.40831 -2.61567  7.93886   1.000 20.46203 ? 65  ASN A C   1 
ATOM   551  O  O   . ASN A 1 65  ? -13.56438 -3.45629  7.04749   1.000 21.81546 ? 65  ASN A O   1 
ATOM   552  C  CB  . ASN A 1 65  ? -15.22719 -1.02703  7.37894   1.000 24.51685 ? 65  ASN A CB  1 
ATOM   553  C  CG  . ASN A 1 65  ? -16.06218 -1.60911  8.48916   1.000 28.50294 ? 65  ASN A CG  1 
ATOM   554  O  OD1 . ASN A 1 65  ? -15.94921 -1.18400  9.63120   1.000 32.11544 ? 65  ASN A OD1 1 
ATOM   555  N  ND2 . ASN A 1 65  ? -16.88589 -2.60205  8.16666   1.000 42.04842 ? 65  ASN A ND2 1 
ATOM   556  N  N   . ASP A 1 66  ? -12.99635 -2.91964  9.17239   1.000 19.77057 ? 66  ASP A N   1 
ATOM   557  C  CA  . ASP A 1 66  ? -12.79553 -4.29816  9.59099   1.000 21.54357 ? 66  ASP A CA  1 
ATOM   558  C  C   . ASP A 1 66  ? -13.72879 -4.70281  10.71562  1.000 21.48370 ? 66  ASP A C   1 
ATOM   559  O  O   . ASP A 1 66  ? -13.59820 -5.81724  11.23300  1.000 23.91128 ? 66  ASP A O   1 
ATOM   560  C  CB  . ASP A 1 66  ? -11.33056 -4.59666  9.96220   1.000 23.87022 ? 66  ASP A CB  1 
ATOM   561  C  CG  . ASP A 1 66  ? -10.81588 -3.79942  11.15702  1.000 21.05193 ? 66  ASP A CG  1 
ATOM   562  O  OD1 . ASP A 1 66  ? -11.57341 -3.03156  11.80552  1.000 20.36128 ? 66  ASP A OD1 1 
ATOM   563  O  OD2 . ASP A 1 66  ? -9.60389  -3.94894  11.45413  1.000 22.26356 ? 66  ASP A OD2 1 
ATOM   564  N  N   . GLY A 1 67  ? -14.65707 -3.83253  11.09782  1.000 25.35667 ? 67  GLY A N   1 
ATOM   565  C  CA  . GLY A 1 67  ? -15.64521 -4.16272  12.10477  1.000 28.14138 ? 67  GLY A CA  1 
ATOM   566  C  C   . GLY A 1 67  ? -15.12546 -4.25966  13.51761  1.000 28.56472 ? 67  GLY A C   1 
ATOM   567  O  O   . GLY A 1 67  ? -15.89309 -4.62728  14.41695  1.000 33.73818 ? 67  GLY A O   1 
ATOM   568  N  N   A ARG A 1 68  ? -13.85416 -3.94642  13.76064  0.570 23.34474 ? 68  ARG A N   1 
ATOM   569  N  N   B ARG A 1 68  ? -13.84908 -3.94162  13.75061  0.430 23.36514 ? 68  ARG A N   1 
ATOM   570  C  CA  A ARG A 1 68  ? -13.33609 -4.05861  15.11799  0.570 22.74713 ? 68  ARG A CA  1 
ATOM   571  C  CA  B ARG A 1 68  ? -13.25109 -4.08721  15.07113  0.430 22.75525 ? 68  ARG A CA  1 
ATOM   572  C  C   A ARG A 1 68  ? -12.41016 -2.90470  15.49372  0.570 24.09033 ? 68  ARG A C   1 
ATOM   573  C  C   B ARG A 1 68  ? -12.30546 -2.93711  15.40499  0.430 23.96281 ? 68  ARG A C   1 
ATOM   574  O  O   A ARG A 1 68  ? -11.59485 -3.04956  16.41601  0.570 28.30899 ? 68  ARG A O   1 
ATOM   575  O  O   B ARG A 1 68  ? -11.37368 -3.11111  16.19984  0.430 27.80044 ? 68  ARG A O   1 
ATOM   576  C  CB  A ARG A 1 68  ? -12.63761 -5.40140  15.33628  0.570 26.84326 ? 68  ARG A CB  1 
ATOM   577  C  CB  B ARG A 1 68  ? -12.51033 -5.41990  15.20428  0.430 26.87534 ? 68  ARG A CB  1 
ATOM   578  C  CG  A ARG A 1 68  ? -11.36033 -5.55525  14.54935  0.570 25.84277 ? 68  ARG A CG  1 
ATOM   579  C  CG  B ARG A 1 68  ? -11.48703 -5.66193  14.10698  0.430 25.37389 ? 68  ARG A CG  1 
ATOM   580  C  CD  A ARG A 1 68  ? -10.54570 -6.72078  15.05883  0.570 27.98104 ? 68  ARG A CD  1 
ATOM   581  C  CD  B ARG A 1 68  ? -10.35058 -6.56810  14.57276  0.430 29.06784 ? 68  ARG A CD  1 
ATOM   582  N  NE  A ARG A 1 68  ? -9.17047  -6.63222  14.58273  0.570 26.63245 ? 68  ARG A NE  1 
ATOM   583  N  NE  B ARG A 1 68  ? -9.37221  -5.84755  15.38418  0.430 25.49441 ? 68  ARG A NE  1 
ATOM   584  C  CZ  A ARG A 1 68  ? -8.29226  -7.62715  14.62540  0.570 23.11950 ? 68  ARG A CZ  1 
ATOM   585  C  CZ  B ARG A 1 68  ? -9.05158  -6.16229  16.63517  0.430 27.87101 ? 68  ARG A CZ  1 
ATOM   586  N  NH1 A ARG A 1 68  ? -8.64188  -8.80391  15.12465  0.570 23.00813 ? 68  ARG A NH1 1 
ATOM   587  N  NH1 B ARG A 1 68  ? -9.61957  -7.20342  17.22668  0.430 34.06820 ? 68  ARG A NH1 1 
ATOM   588  N  NH2 A ARG A 1 68  ? -7.05838  -7.43751  14.16592  0.570 20.89404 ? 68  ARG A NH2 1 
ATOM   589  N  NH2 B ARG A 1 68  ? -8.15173  -5.43847  17.29217  0.430 25.06880 ? 68  ARG A NH2 1 
ATOM   590  N  N   . THR A 1 69  ? -12.52291 -1.76008  14.81698  1.000 24.55314 ? 69  THR A N   1 
ATOM   591  C  CA  . THR A 1 69  ? -11.72640 -0.56918  15.10908  1.000 20.32570 ? 69  THR A CA  1 
ATOM   592  C  C   . THR A 1 69  ? -12.71137 0.53843   15.45938  1.000 21.53992 ? 69  THR A C   1 
ATOM   593  O  O   . THR A 1 69  ? -13.00994 1.40886   14.63099  1.000 29.14235 ? 69  THR A O   1 
ATOM   594  C  CB  . THR A 1 69  ? -10.85295 -0.17331  13.91774  1.000 24.56661 ? 69  THR A CB  1 
ATOM   595  O  OG1 . THR A 1 69  ? -10.15813 -1.33163  13.42002  1.000 24.51176 ? 69  THR A OG1 1 
ATOM   596  C  CG2 . THR A 1 69  ? -9.82340  0.86387   14.35142  1.000 22.38254 ? 69  THR A CG2 1 
ATOM   597  N  N   . PRO A 1 70  ? -13.24453 0.53244   16.67919  1.000 24.65259 ? 70  PRO A N   1 
ATOM   598  C  CA  . PRO A 1 70  ? -14.32845 1.46509   17.01913  1.000 28.54648 ? 70  PRO A CA  1 
ATOM   599  C  C   . PRO A 1 70  ? -13.93135 2.92367   16.83358  1.000 28.07210 ? 70  PRO A C   1 
ATOM   600  O  O   . PRO A 1 70  ? -12.83139 3.34354   17.20047  1.000 32.49256 ? 70  PRO A O   1 
ATOM   601  C  CB  . PRO A 1 70  ? -14.60575 1.15613   18.49456  1.000 30.33489 ? 70  PRO A CB  1 
ATOM   602  C  CG  . PRO A 1 70  ? -14.08092 -0.21598  18.71098  1.000 34.15585 ? 70  PRO A CG  1 
ATOM   603  C  CD  . PRO A 1 70  ? -12.89627 -0.35155  17.80317  1.000 31.14385 ? 70  PRO A CD  1 
ATOM   604  N  N   . GLY A 1 71  ? -14.85416 3.70183   16.27229  1.000 30.06707 ? 71  GLY A N   1 
ATOM   605  C  CA  . GLY A 1 71  ? -14.60441 5.11093   16.05956  1.000 34.87010 ? 71  GLY A CA  1 
ATOM   606  C  C   . GLY A 1 71  ? -13.66422 5.41940   14.92123  1.000 36.12760 ? 71  GLY A C   1 
ATOM   607  O  O   . GLY A 1 71  ? -13.19629 6.55787   14.81333  1.000 36.50417 ? 71  GLY A O   1 
ATOM   608  N  N   . SER A 1 72  ? -13.37123 4.44643   14.06986  1.000 31.00296 ? 72  SER A N   1 
ATOM   609  C  CA  . SER A 1 72  ? -12.48389 4.67285   12.94523  1.000 28.71249 ? 72  SER A CA  1 
ATOM   610  C  C   . SER A 1 72  ? -13.27677 5.12666   11.72401  1.000 35.83809 ? 72  SER A C   1 
ATOM   611  O  O   . SER A 1 72  ? -14.50906 5.09859   11.69345  1.000 33.35493 ? 72  SER A O   1 
ATOM   612  C  CB  . SER A 1 72  ? -11.72222 3.39219   12.62340  1.000 27.41925 ? 72  SER A CB  1 
ATOM   613  O  OG  . SER A 1 72  ? -12.62267 2.39292   12.20160  1.000 30.31403 ? 72  SER A OG  1 
ATOM   614  N  N   . ARG A 1 73  ? -12.54755 5.55276   10.70365  1.000 25.50732 ? 73  ARG A N   1 
ATOM   615  C  CA  . ARG A 1 73  ? -13.14794 5.93402   9.43861   1.000 29.30909 ? 73  ARG A CA  1 
ATOM   616  C  C   . ARG A 1 73  ? -12.94073 4.82761   8.41002   1.000 27.99280 ? 73  ARG A C   1 
ATOM   617  O  O   . ARG A 1 73  ? -12.14906 3.90408   8.59806   1.000 29.15691 ? 73  ARG A O   1 
ATOM   618  C  CB  . ARG A 1 73  ? -12.54946 7.24918   8.93135   1.000 27.10635 ? 73  ARG A CB  1 
ATOM   619  C  CG  . ARG A 1 73  ? -12.63124 8.39339   9.92239   1.000 41.77336 ? 73  ARG A CG  1 
ATOM   620  C  CD  . ARG A 1 73  ? -14.07153 8.75910   10.23245  1.000 41.53812 ? 73  ARG A CD  1 
ATOM   621  N  NE  . ARG A 1 73  ? -14.80108 9.19932   9.04516   1.000 63.51104 ? 73  ARG A NE  1 
ATOM   622  C  CZ  . ARG A 1 73  ? -14.72672 10.42160  8.52134   1.000 69.45937 ? 73  ARG A CZ  1 
ATOM   623  N  NH1 . ARG A 1 73  ? -13.94335 11.34315  9.07062   1.000 62.64781 ? 73  ARG A NH1 1 
ATOM   624  N  NH2 . ARG A 1 73  ? -15.43524 10.72299  7.43985   1.000 59.73235 ? 73  ARG A NH2 1 
ATOM   625  N  N   . ASN A 1 74  ? -13.68096 4.92938   7.31954   1.000 26.18658 ? 74  ASN A N   1 
ATOM   626  C  CA  . ASN A 1 74  ? -13.59643 4.00016   6.19458   1.000 24.93442 ? 74  ASN A CA  1 
ATOM   627  C  C   . ASN A 1 74  ? -13.51580 4.84880   4.92012   1.000 25.49417 ? 74  ASN A C   1 
ATOM   628  O  O   . ASN A 1 74  ? -14.41517 4.83245   4.07957   1.000 27.65628 ? 74  ASN A O   1 
ATOM   629  C  CB  . ASN A 1 74  ? -14.79852 3.04985   6.17630   1.000 25.26590 ? 74  ASN A CB  1 
ATOM   630  C  CG  . ASN A 1 74  ? -14.77334 2.08943   4.99513   1.000 31.09402 ? 74  ASN A CG  1 
ATOM   631  O  OD1 . ASN A 1 74  ? -13.75833 1.95437   4.30462   1.000 27.82755 ? 74  ASN A OD1 1 
ATOM   632  N  ND2 . ASN A 1 74  ? -15.89542 1.41629   4.75705   1.000 31.94636 ? 74  ASN A ND2 1 
ATOM   633  N  N   . LEU A 1 75  ? -12.41702 5.59457   4.78572   1.000 24.21623 ? 75  LEU A N   1 
ATOM   634  C  CA  . LEU A 1 75  ? -12.34099 6.60363   3.73383   1.000 24.83830 ? 75  LEU A CA  1 
ATOM   635  C  C   . LEU A 1 75  ? -12.19915 6.00534   2.34000   1.000 29.90738 ? 75  LEU A C   1 
ATOM   636  O  O   . LEU A 1 75  ? -12.53805 6.67547   1.35808   1.000 29.39546 ? 75  LEU A O   1 
ATOM   637  C  CB  . LEU A 1 75  ? -11.22073 7.59736   4.03345   1.000 26.55412 ? 75  LEU A CB  1 
ATOM   638  C  CG  . LEU A 1 75  ? -11.45672 8.48967   5.25552   1.000 30.16160 ? 75  LEU A CG  1 
ATOM   639  C  CD1 . LEU A 1 75  ? -10.22593 9.31577   5.54986   1.000 34.90186 ? 75  LEU A CD1 1 
ATOM   640  C  CD2 . LEU A 1 75  ? -12.66628 9.37982   5.02711   1.000 40.23447 ? 75  LEU A CD2 1 
ATOM   641  N  N   . CYS A 1 76  ? -11.71238 4.76919   2.21407   1.000 24.46955 ? 76  CYS A N   1 
ATOM   642  C  CA  . CYS A 1 76  ? -11.73034 4.12618   0.90942   1.000 23.57073 ? 76  CYS A CA  1 
ATOM   643  C  C   . CYS A 1 76  ? -13.02704 3.39212   0.62773   1.000 24.02027 ? 76  CYS A C   1 
ATOM   644  O  O   . CYS A 1 76  ? -13.19768 2.88233   -0.48649  1.000 24.79459 ? 76  CYS A O   1 
ATOM   645  C  CB  . CYS A 1 76  ? -10.53601 3.19096   0.73017   1.000 22.67232 ? 76  CYS A CB  1 
ATOM   646  S  SG  . CYS A 1 76  ? -9.01194  4.13772   0.63350   1.000 23.32863 ? 76  CYS A SG  1 
ATOM   647  N  N   A ASN A 1 77  ? -13.93456 3.33059   1.60683   0.551 26.41497 ? 77  ASN A N   1 
ATOM   648  N  N   B ASN A 1 77  ? -13.93418 3.32767   1.60420   0.449 26.42102 ? 77  ASN A N   1 
ATOM   649  C  CA  A ASN A 1 77  ? -15.25687 2.72398   1.44249   0.551 24.97321 ? 77  ASN A CA  1 
ATOM   650  C  CA  B ASN A 1 77  ? -15.25567 2.72385   1.43031   0.449 25.02974 ? 77  ASN A CA  1 
ATOM   651  C  C   A ASN A 1 77  ? -15.15228 1.27057   0.98575   0.551 28.96585 ? 77  ASN A C   1 
ATOM   652  C  C   B ASN A 1 77  ? -15.15198 1.26639   0.98201   0.449 28.95495 ? 77  ASN A C   1 
ATOM   653  O  O   A ASN A 1 77  ? -15.76104 0.85804   -0.00289  0.551 29.72788 ? 77  ASN A O   1 
ATOM   654  O  O   B ASN A 1 77  ? -15.76017 0.84683   -0.00467  0.449 29.71272 ? 77  ASN A O   1 
ATOM   655  C  CB  A ASN A 1 77  ? -16.15039 3.55117   0.51148   0.551 29.32140 ? 77  ASN A CB  1 
ATOM   656  C  CB  B ASN A 1 77  ? -16.13383 3.55105   0.48500   0.449 29.32084 ? 77  ASN A CB  1 
ATOM   657  C  CG  A ASN A 1 77  ? -16.47240 4.92257   1.07642   0.551 33.41765 ? 77  ASN A CG  1 
ATOM   658  C  CG  B ASN A 1 77  ? -17.58510 3.12551   0.52100   0.449 31.59286 ? 77  ASN A CG  1 
ATOM   659  O  OD1 A ASN A 1 77  ? -16.71582 5.07650   2.27689   0.551 40.55597 ? 77  ASN A OD1 1 
ATOM   660  O  OD1 B ASN A 1 77  ? -18.09487 2.71710   1.56117   0.449 37.22085 ? 77  ASN A OD1 1 
ATOM   661  N  ND2 A ASN A 1 77  ? -16.47518 5.92861   0.21248   0.551 40.07772 ? 77  ASN A ND2 1 
ATOM   662  N  ND2 B ASN A 1 77  ? -18.25429 3.20298   -0.62329  0.449 32.90049 ? 77  ASN A ND2 1 
ATOM   663  N  N   . ILE A 1 78  ? -14.36044 0.49029   1.71909   1.000 26.20389 ? 78  ILE A N   1 
ATOM   664  C  CA  . ILE A 1 78  ? -14.14588 -0.91644  1.40130   1.000 25.39038 ? 78  ILE A CA  1 
ATOM   665  C  C   . ILE A 1 78  ? -13.98036 -1.70708  2.69321   1.000 22.82751 ? 78  ILE A C   1 
ATOM   666  O  O   . ILE A 1 78  ? -13.48976 -1.16775  3.69504   1.000 23.57618 ? 78  ILE A O   1 
ATOM   667  C  CB  . ILE A 1 78  ? -12.90571 -1.13137  0.51380   1.000 26.87929 ? 78  ILE A CB  1 
ATOM   668  C  CG1 . ILE A 1 78  ? -11.70025 -0.40499  1.10520   1.000 25.50515 ? 78  ILE A CG1 1 
ATOM   669  C  CG2 . ILE A 1 78  ? -13.17395 -0.75163  -0.95074  1.000 34.93842 ? 78  ILE A CG2 1 
ATOM   670  C  CD1 . ILE A 1 78  ? -10.40100 -0.85395  0.52219   1.000 32.09958 ? 78  ILE A CD1 1 
ATOM   671  N  N   . PRO A 1 79  ? -14.35498 -2.98159  2.70680   1.000 21.22991 ? 79  PRO A N   1 
ATOM   672  C  CA  . PRO A 1 79  ? -13.94201 -3.84944  3.81053   1.000 20.54775 ? 79  PRO A CA  1 
ATOM   673  C  C   . PRO A 1 79  ? -12.44576 -4.06315  3.71083   1.000 18.94657 ? 79  PRO A C   1 
ATOM   674  O  O   . PRO A 1 79  ? -11.89530 -4.18769  2.61616   1.000 22.05193 ? 79  PRO A O   1 
ATOM   675  C  CB  . PRO A 1 79  ? -14.69497 -5.15970  3.54324   1.000 24.86814 ? 79  PRO A CB  1 
ATOM   676  C  CG  . PRO A 1 79  ? -15.60546 -4.89313  2.38910   1.000 30.62440 ? 79  PRO A CG  1 
ATOM   677  C  CD  . PRO A 1 79  ? -15.06829 -3.71691  1.65240   1.000 27.38567 ? 79  PRO A CD  1 
ATOM   678  N  N   . CYS A 1 80  ? -11.78607 -4.11432  4.86235   1.000 21.53668 ? 80  CYS A N   1 
ATOM   679  C  CA  . CYS A 1 80  ? -10.33975 -4.29417  4.84152   1.000 19.38402 ? 80  CYS A CA  1 
ATOM   680  C  C   . CYS A 1 80  ? -9.93666  -5.60445  4.17861   1.000 22.14661 ? 80  CYS A C   1 
ATOM   681  O  O   . CYS A 1 80  ? -8.83738  -5.70776  3.62803   1.000 22.71184 ? 80  CYS A O   1 
ATOM   682  C  CB  . CYS A 1 80  ? -9.78945  -4.23792  6.26390   1.000 19.54293 ? 80  CYS A CB  1 
ATOM   683  S  SG  . CYS A 1 80  ? -10.09129 -2.65442  7.09082   1.000 19.21949 ? 80  CYS A SG  1 
ATOM   684  N  N   . SER A 1 81  ? -10.79496 -6.62242  4.23602   1.000 21.26737 ? 81  SER A N   1 
ATOM   685  C  CA  . SER A 1 81  ? -10.45116 -7.90513  3.62160   1.000 21.30838 ? 81  SER A CA  1 
ATOM   686  C  C   . SER A 1 81  ? -10.24189 -7.78776  2.11629   1.000 23.62281 ? 81  SER A C   1 
ATOM   687  O  O   . SER A 1 81  ? -9.49500  -8.58155  1.53095   1.000 24.03526 ? 81  SER A O   1 
ATOM   688  C  CB  . SER A 1 81  ? -11.54615 -8.92409  3.92177   1.000 22.89358 ? 81  SER A CB  1 
ATOM   689  O  OG  . SER A 1 81  ? -12.76953 -8.49128  3.36482   1.000 27.57495 ? 81  SER A OG  1 
ATOM   690  N  N   . ALA A 1 82  ? -10.89265 -6.82141  1.46836   1.000 21.77200 ? 82  ALA A N   1 
ATOM   691  C  CA  . ALA A 1 82  ? -10.65337 -6.59294  0.04752   1.000 26.76972 ? 82  ALA A CA  1 
ATOM   692  C  C   . ALA A 1 82  ? -9.20141  -6.25029  -0.24727  1.000 23.02625 ? 82  ALA A C   1 
ATOM   693  O  O   . ALA A 1 82  ? -8.73151  -6.48256  -1.36514  1.000 26.87611 ? 82  ALA A O   1 
ATOM   694  C  CB  . ALA A 1 82  ? -11.54973 -5.46631  -0.45740  1.000 29.90060 ? 82  ALA A CB  1 
ATOM   695  N  N   . LEU A 1 83  ? -8.48740  -5.69180  0.72212   1.000 23.86450 ? 83  LEU A N   1 
ATOM   696  C  CA  . LEU A 1 83  ? -7.08445  -5.33458  0.56326   1.000 21.73063 ? 83  LEU A CA  1 
ATOM   697  C  C   . LEU A 1 83  ? -6.15568  -6.53342  0.61604   1.000 23.58593 ? 83  LEU A C   1 
ATOM   698  O  O   . LEU A 1 83  ? -4.95157  -6.37044  0.39532   1.000 23.16443 ? 83  LEU A O   1 
ATOM   699  C  CB  . LEU A 1 83  ? -6.68651  -4.34461  1.66229   1.000 22.11322 ? 83  LEU A CB  1 
ATOM   700  C  CG  . LEU A 1 83  ? -7.50610  -3.06115  1.62496   1.000 22.59414 ? 83  LEU A CG  1 
ATOM   701  C  CD1 . LEU A 1 83  ? -7.15094  -2.17059  2.79819   1.000 24.25666 ? 83  LEU A CD1 1 
ATOM   702  C  CD2 . LEU A 1 83  ? -7.24488  -2.34563  0.30427   1.000 27.32516 ? 83  LEU A CD2 1 
ATOM   703  N  N   . LEU A 1 84  ? -6.66781  -7.72397  0.92562   1.000 21.54949 ? 84  LEU A N   1 
ATOM   704  C  CA  . LEU A 1 84  ? -5.83913  -8.91401  1.03047   1.000 23.83648 ? 84  LEU A CA  1 
ATOM   705  C  C   . LEU A 1 84  ? -5.88866  -9.76480  -0.22950  1.000 28.86502 ? 84  LEU A C   1 
ATOM   706  O  O   . LEU A 1 84  ? -5.18466  -10.77789 -0.30894  1.000 29.27997 ? 84  LEU A O   1 
ATOM   707  C  CB  . LEU A 1 84  ? -6.27288  -9.74213  2.24539   1.000 22.40359 ? 84  LEU A CB  1 
ATOM   708  C  CG  . LEU A 1 84  ? -6.16882  -8.98218  3.57144   1.000 28.23752 ? 84  LEU A CG  1 
ATOM   709  C  CD1 . LEU A 1 84  ? -6.62735  -9.83629  4.71547   1.000 31.81353 ? 84  LEU A CD1 1 
ATOM   710  C  CD2 . LEU A 1 84  ? -4.75547  -8.50367  3.82846   1.000 26.70431 ? 84  LEU A CD2 1 
ATOM   711  N  N   A SER A 1 85  ? -6.69935  -9.38517  -1.21033  0.334 25.65754 ? 85  SER A N   1 
ATOM   712  N  N   B SER A 1 85  ? -6.68177  -9.36113  -1.21726  0.666 25.59910 ? 85  SER A N   1 
ATOM   713  C  CA  A SER A 1 85  ? -6.89138  -10.22042 -2.38424  0.334 26.99201 ? 85  SER A CA  1 
ATOM   714  C  CA  B SER A 1 85  ? -6.88136  -10.14927 -2.42323  0.666 26.97830 ? 85  SER A CA  1 
ATOM   715  C  C   A SER A 1 85  ? -5.62982  -10.26086 -3.24208  0.334 28.89778 ? 85  SER A C   1 
ATOM   716  C  C   B SER A 1 85  ? -5.58936  -10.27099 -3.22458  0.666 28.94542 ? 85  SER A C   1 
ATOM   717  O  O   A SER A 1 85  ? -4.77867  -9.36709  -3.19865  0.334 26.57230 ? 85  SER A O   1 
ATOM   718  O  O   B SER A 1 85  ? -4.67874  -9.44263  -3.12840  0.666 26.46607 ? 85  SER A O   1 
ATOM   719  C  CB  A SER A 1 85  ? -8.05363  -9.68990  -3.21950  0.334 27.80565 ? 85  SER A CB  1 
ATOM   720  C  CB  B SER A 1 85  ? -7.94081  -9.48640  -3.30252  0.666 27.08510 ? 85  SER A CB  1 
ATOM   721  O  OG  A SER A 1 85  ? -7.84149  -8.33267  -3.55661  0.334 29.99143 ? 85  SER A OG  1 
ATOM   722  O  OG  B SER A 1 85  ? -8.07381  -10.16057 -4.54062  0.666 27.18108 ? 85  SER A OG  1 
ATOM   723  N  N   . SER A 1 86  ? -5.52254  -11.32604 -4.03885  1.000 26.67646 ? 86  SER A N   1 
ATOM   724  C  CA  . SER A 1 86  ? -4.41324  -11.45956 -4.97168  1.000 27.95773 ? 86  SER A CA  1 
ATOM   725  C  C   . SER A 1 86  ? -4.49234  -10.43798 -6.10067  1.000 25.99091 ? 86  SER A C   1 
ATOM   726  O  O   . SER A 1 86  ? -3.47229  -10.15456 -6.73701  1.000 32.69286 ? 86  SER A O   1 
ATOM   727  C  CB  . SER A 1 86  ? -4.40030  -12.87311 -5.55091  1.000 37.32901 ? 86  SER A CB  1 
ATOM   728  O  OG  . SER A 1 86  ? -5.62765  -13.13922 -6.20608  1.000 40.19207 ? 86  SER A OG  1 
ATOM   729  N  N   . ASP A 1 87  ? -5.67776  -9.90057  -6.36888  1.000 29.61831 ? 87  ASP A N   1 
ATOM   730  C  CA  . ASP A 1 87  ? -5.86703  -8.78645  -7.28981  1.000 26.92719 ? 87  ASP A CA  1 
ATOM   731  C  C   . ASP A 1 87  ? -5.62167  -7.50781  -6.50050  1.000 28.82872 ? 87  ASP A C   1 
ATOM   732  O  O   . ASP A 1 87  ? -6.30972  -7.25431  -5.51041  1.000 28.15782 ? 87  ASP A O   1 
ATOM   733  C  CB  . ASP A 1 87  ? -7.31213  -8.82420  -7.78950  1.000 30.62936 ? 87  ASP A CB  1 
ATOM   734  C  CG  . ASP A 1 87  ? -7.65941  -7.67898  -8.73329  1.000 37.35851 ? 87  ASP A CG  1 
ATOM   735  O  OD1 . ASP A 1 87  ? -6.81951  -6.79559  -8.98908  1.000 35.32927 ? 87  ASP A OD1 1 
ATOM   736  O  OD2 . ASP A 1 87  ? -8.80223  -7.67322  -9.23511  1.000 49.07225 ? 87  ASP A OD2 1 
ATOM   737  N  N   . ILE A 1 88  ? -4.63610  -6.70801  -6.92724  1.000 26.06671 ? 88  ILE A N   1 
ATOM   738  C  CA  . ILE A 1 88  ? -4.23432  -5.53663  -6.14806  1.000 22.64005 ? 88  ILE A CA  1 
ATOM   739  C  C   . ILE A 1 88  ? -5.10167  -4.31952  -6.40879  1.000 23.39518 ? 88  ILE A C   1 
ATOM   740  O  O   . ILE A 1 88  ? -4.83019  -3.25341  -5.83673  1.000 23.75077 ? 88  ILE A O   1 
ATOM   741  C  CB  . ILE A 1 88  ? -2.74734  -5.15849  -6.32777  1.000 25.26232 ? 88  ILE A CB  1 
ATOM   742  C  CG1 . ILE A 1 88  ? -2.48946  -4.66523  -7.75915  1.000 26.96732 ? 88  ILE A CG1 1 
ATOM   743  C  CG2 . ILE A 1 88  ? -1.84926  -6.32300  -5.97230  1.000 27.26836 ? 88  ILE A CG2 1 
ATOM   744  C  CD1 . ILE A 1 88  ? -1.08112  -4.12909  -7.96033  1.000 29.56301 ? 88  ILE A CD1 1 
ATOM   745  N  N   . THR A 1 89  ? -6.14923  -4.44236  -7.23156  1.000 25.06270 ? 89  THR A N   1 
ATOM   746  C  CA  . THR A 1 89  ? -6.93211  -3.27893  -7.63530  1.000 24.40704 ? 89  THR A CA  1 
ATOM   747  C  C   . THR A 1 89  ? -7.42605  -2.47361  -6.43647  1.000 23.76536 ? 89  THR A C   1 
ATOM   748  O  O   . THR A 1 89  ? -7.26538  -1.24955  -6.39324  1.000 26.25585 ? 89  THR A O   1 
ATOM   749  C  CB  . THR A 1 89  ? -8.11121  -3.71615  -8.51375  1.000 32.09936 ? 89  THR A CB  1 
ATOM   750  O  OG1 . THR A 1 89  ? -7.62065  -4.36213  -9.69323  1.000 34.04539 ? 89  THR A OG1 1 
ATOM   751  C  CG2 . THR A 1 89  ? -8.94378  -2.50630  -8.92037  1.000 29.96473 ? 89  THR A CG2 1 
ATOM   752  N  N   . ALA A 1 90  ? -8.04182  -3.13867  -5.45273  1.000 24.37278 ? 90  ALA A N   1 
ATOM   753  C  CA  . ALA A 1 90  ? -8.60851  -2.38257  -4.34162  1.000 23.46190 ? 90  ALA A CA  1 
ATOM   754  C  C   . ALA A 1 90  ? -7.51885  -1.65993  -3.56223  1.000 24.34168 ? 90  ALA A C   1 
ATOM   755  O  O   . ALA A 1 90  ? -7.70719  -0.51057  -3.13797  1.000 24.61047 ? 90  ALA A O   1 
ATOM   756  C  CB  . ALA A 1 90  ? -9.42783  -3.29792  -3.43116  1.000 25.90844 ? 90  ALA A CB  1 
ATOM   757  N  N   . SER A 1 91  ? -6.36258  -2.31378  -3.37823  1.000 21.77140 ? 91  SER A N   1 
ATOM   758  C  CA  . SER A 1 91  ? -5.25901  -1.66962  -2.67611  1.000 21.38887 ? 91  SER A CA  1 
ATOM   759  C  C   . SER A 1 91  ? -4.74872  -0.46587  -3.44929  1.000 23.38858 ? 91  SER A C   1 
ATOM   760  O  O   . SER A 1 91  ? -4.46423  0.58356   -2.85959  1.000 22.51924 ? 91  SER A O   1 
ATOM   761  C  CB  . SER A 1 91  ? -4.12405  -2.66730  -2.44668  1.000 22.43459 ? 91  SER A CB  1 
ATOM   762  O  OG  . SER A 1 91  ? -4.41352  -3.54712  -1.37059  1.000 22.01073 ? 91  SER A OG  1 
ATOM   763  N  N   . VAL A 1 92  ? -4.61627  -0.60569  -4.77222  1.000 21.89090 ? 92  VAL A N   1 
ATOM   764  C  CA  . VAL A 1 92  ? -4.11742  0.49505   -5.58715  1.000 19.71308 ? 92  VAL A CA  1 
ATOM   765  C  C   . VAL A 1 92  ? -5.09468  1.65649   -5.57022  1.000 23.30312 ? 92  VAL A C   1 
ATOM   766  O  O   . VAL A 1 92  ? -4.69896  2.81530   -5.42680  1.000 22.17942 ? 92  VAL A O   1 
ATOM   767  C  CB  . VAL A 1 92  ? -3.83364  0.01168   -7.01930  1.000 22.83021 ? 92  VAL A CB  1 
ATOM   768  C  CG1 . VAL A 1 92  ? -3.66824  1.21089   -7.95595  1.000 26.99582 ? 92  VAL A CG1 1 
ATOM   769  C  CG2 . VAL A 1 92  ? -2.59671  -0.87062  -7.03688  1.000 30.16675 ? 92  VAL A CG2 1 
ATOM   770  N  N   . ASN A 1 93  ? -6.38840  1.36739   -5.73326  1.000 21.75262 ? 93  ASN A N   1 
ATOM   771  C  CA  . ASN A 1 93  ? -7.36968  2.44331   -5.74023  1.000 23.44090 ? 93  ASN A CA  1 
ATOM   772  C  C   . ASN A 1 93  ? -7.39307  3.17398   -4.40971  1.000 23.90045 ? 93  ASN A C   1 
ATOM   773  O  O   . ASN A 1 93  ? -7.53271  4.40092   -4.36606  1.000 23.47538 ? 93  ASN A O   1 
ATOM   774  C  CB  . ASN A 1 93  ? -8.74835  1.89415   -6.09422  1.000 28.62941 ? 93  ASN A CB  1 
ATOM   775  C  CG  . ASN A 1 93  ? -8.87467  1.58783   -7.56495  1.000 34.30337 ? 93  ASN A CG  1 
ATOM   776  O  OD1 . ASN A 1 93  ? -8.09517  2.08782   -8.37527  1.000 39.40486 ? 93  ASN A OD1 1 
ATOM   777  N  ND2 . ASN A 1 93  ? -9.84882  0.76243   -7.92146  1.000 43.84460 ? 93  ASN A ND2 1 
ATOM   778  N  N   . CYS A 1 94  ? -7.24780  2.43744   -3.30931  1.000 21.39443 ? 94  CYS A N   1 
ATOM   779  C  CA  . CYS A 1 94  ? -7.23578  3.08499   -2.00911  1.000 21.91317 ? 94  CYS A CA  1 
ATOM   780  C  C   . CYS A 1 94  ? -5.95052  3.88511   -1.82129  1.000 21.14043 ? 94  CYS A C   1 
ATOM   781  O  O   . CYS A 1 94  ? -5.98983  5.02012   -1.34391  1.000 20.73778 ? 94  CYS A O   1 
ATOM   782  C  CB  . CYS A 1 94  ? -7.45384  2.03951   -0.91281  1.000 20.84936 ? 94  CYS A CB  1 
ATOM   783  S  SG  . CYS A 1 94  ? -7.58229  2.70919   0.75551   1.000 23.69356 ? 94  CYS A SG  1 
ATOM   784  N  N   . ALA A 1 95  ? -4.81595  3.32968   -2.25129  1.000 20.45736 ? 95  ALA A N   1 
ATOM   785  C  CA  . ALA A 1 95  ? -3.54366  4.04614   -2.16793  1.000 20.07648 ? 95  ALA A CA  1 
ATOM   786  C  C   . ALA A 1 95  ? -3.58619  5.36908   -2.92087  1.000 20.67531 ? 95  ALA A C   1 
ATOM   787  O  O   . ALA A 1 95  ? -2.98486  6.35422   -2.48080  1.000 20.58724 ? 95  ALA A O   1 
ATOM   788  C  CB  . ALA A 1 95  ? -2.41658  3.17189   -2.70766  1.000 20.22572 ? 95  ALA A CB  1 
ATOM   789  N  N   . LYS A 1 96  ? -4.26880  5.40887   -4.07122  1.000 22.37725 ? 96  LYS A N   1 
ATOM   790  C  CA  . LYS A 1 96  ? -4.38308  6.66497   -4.80939  1.000 20.20736 ? 96  LYS A CA  1 
ATOM   791  C  C   . LYS A 1 96  ? -5.10841  7.72063   -3.99004  1.000 24.08010 ? 96  LYS A C   1 
ATOM   792  O  O   . LYS A 1 96  ? -4.75492  8.90432   -4.03609  1.000 24.94878 ? 96  LYS A O   1 
ATOM   793  C  CB  . LYS A 1 96  ? -5.10165  6.43031   -6.13849  1.000 23.11569 ? 96  LYS A CB  1 
ATOM   794  C  CG  . LYS A 1 96  ? -4.30625  5.59643   -7.12363  1.000 21.56098 ? 96  LYS A CG  1 
ATOM   795  C  CD  . LYS A 1 96  ? -5.10567  5.34378   -8.41137  1.000 28.15326 ? 96  LYS A CD  1 
ATOM   796  C  CE  . LYS A 1 96  ? -4.22963  4.70967   -9.48913  1.000 31.01886 ? 96  LYS A CE  1 
ATOM   797  N  NZ  . LYS A 1 96  ? -5.01255  4.38413   -10.72119 1.000 36.70108 ? 96  LYS A NZ  1 
ATOM   798  N  N   . LYS A 1 97  ? -6.12775  7.31500   -3.22851  1.000 21.14589 ? 97  LYS A N   1 
ATOM   799  C  CA  . LYS A 1 97  ? -6.80173  8.26953   -2.35096  1.000 22.55489 ? 97  LYS A CA  1 
ATOM   800  C  C   . LYS A 1 97  ? -5.88151  8.73349   -1.22613  1.000 24.79398 ? 97  LYS A C   1 
ATOM   801  O  O   . LYS A 1 97  ? -5.83603  9.92459   -0.89681  1.000 24.71693 ? 97  LYS A O   1 
ATOM   802  C  CB  . LYS A 1 97  ? -8.07914  7.64487   -1.78034  1.000 24.50066 ? 97  LYS A CB  1 
ATOM   803  N  N   . ILE A 1 98  ? -5.12944  7.80748   -0.62937  1.000 19.44044 ? 98  ILE A N   1 
ATOM   804  C  CA  . ILE A 1 98  ? -4.24186  8.15926   0.48046   1.000 19.11557 ? 98  ILE A CA  1 
ATOM   805  C  C   . ILE A 1 98  ? -3.18185  9.15643   0.03441   1.000 23.62043 ? 98  ILE A C   1 
ATOM   806  O  O   . ILE A 1 98  ? -2.96467  10.18798  0.67972   1.000 23.30995 ? 98  ILE A O   1 
ATOM   807  C  CB  . ILE A 1 98  ? -3.61182  6.87985   1.05350   1.000 21.23248 ? 98  ILE A CB  1 
ATOM   808  C  CG1 . ILE A 1 98  ? -4.70714  5.97269   1.60947   1.000 20.11079 ? 98  ILE A CG1 1 
ATOM   809  C  CG2 . ILE A 1 98  ? -2.57612  7.18552   2.14110   1.000 20.15782 ? 98  ILE A CG2 1 
ATOM   810  C  CD1 . ILE A 1 98  ? -4.19973  4.61469   2.01797   1.000 22.72273 ? 98  ILE A CD1 1 
ATOM   811  N  N   . VAL A 1 99  ? -2.49986  8.86171   -1.07533  1.000 20.91236 ? 99  VAL A N   1 
ATOM   812  C  CA  . VAL A 1 99  ? -1.36489  9.67965   -1.49111  1.000 20.88533 ? 99  VAL A CA  1 
ATOM   813  C  C   . VAL A 1 99  ? -1.80620  11.06478  -1.93938  1.000 26.94415 ? 99  VAL A C   1 
ATOM   814  O  O   . VAL A 1 99  ? -0.98820  11.99477  -1.96666  1.000 27.06551 ? 99  VAL A O   1 
ATOM   815  C  CB  . VAL A 1 99  ? -0.53227  8.93816   -2.55618  1.000 20.08012 ? 99  VAL A CB  1 
ATOM   816  C  CG1 . VAL A 1 99  ? -1.22952  8.98257   -3.93419  1.000 21.76545 ? 99  VAL A CG1 1 
ATOM   817  C  CG2 . VAL A 1 99  ? 0.87749   9.50185   -2.63735  1.000 24.92797 ? 99  VAL A CG2 1 
ATOM   818  N  N   . SER A 1 100 ? -3.08878  11.22962  -2.25809  1.000 24.41346 ? 100 SER A N   1 
ATOM   819  C  CA  . SER A 1 100 ? -3.64978  12.50507  -2.68865  1.000 25.50178 ? 100 SER A CA  1 
ATOM   820  C  C   . SER A 1 100 ? -4.13091  13.37001  -1.53055  1.000 29.68689 ? 100 SER A C   1 
ATOM   821  O  O   . SER A 1 100 ? -4.58455  14.49233  -1.76785  1.000 36.46176 ? 100 SER A O   1 
ATOM   822  C  CB  . SER A 1 100 ? -4.83130  12.26135  -3.63523  1.000 27.41434 ? 100 SER A CB  1 
ATOM   823  O  OG  . SER A 1 100 ? -4.46012  11.46110  -4.73531  1.000 35.23084 ? 100 SER A OG  1 
ATOM   824  N  N   . ASP A 1 101 ? -4.05489  12.88381  -0.29468  1.000 28.18102 ? 101 ASP A N   1 
ATOM   825  C  CA  . ASP A 1 101 ? -4.70361  13.55411  0.82560   1.000 28.41555 ? 101 ASP A CA  1 
ATOM   826  C  C   . ASP A 1 101 ? -3.86412  14.66861  1.42872   1.000 34.43030 ? 101 ASP A C   1 
ATOM   827  O  O   . ASP A 1 101 ? -4.24607  15.22343  2.46393   1.000 38.53002 ? 101 ASP A O   1 
ATOM   828  C  CB  . ASP A 1 101 ? -5.16614  12.54541  1.88415   1.000 29.47068 ? 101 ASP A CB  1 
ATOM   829  C  CG  . ASP A 1 101 ? -4.05015  12.07844  2.81112   1.000 39.85009 ? 101 ASP A CG  1 
ATOM   830  O  OD1 . ASP A 1 101 ? -2.87186  12.48465  2.66650   1.000 36.22896 ? 101 ASP A OD1 1 
ATOM   831  O  OD2 . ASP A 1 101 ? -4.36539  11.27828  3.71406   1.000 42.21250 ? 101 ASP A OD2 1 
ATOM   832  N  N   . GLY A 1 102 ? -2.71907  14.98819  0.82715   1.000 29.69562 ? 102 GLY A N   1 
ATOM   833  C  CA  . GLY A 1 102 ? -1.89682  16.10724  1.23719   1.000 35.26415 ? 102 GLY A CA  1 
ATOM   834  C  C   . GLY A 1 102 ? -0.52862  15.71270  1.75464   1.000 36.41009 ? 102 GLY A C   1 
ATOM   835  O  O   . GLY A 1 102 ? 0.41588   16.50602  1.64396   1.000 33.62715 ? 102 GLY A O   1 
ATOM   836  N  N   . ASN A 1 103 ? -0.39818  14.50773  2.30992   1.000 27.50638 ? 103 ASN A N   1 
ATOM   837  C  CA  . ASN A 1 103 ? 0.84881   14.06833  2.92323   1.000 26.48064 ? 103 ASN A CA  1 
ATOM   838  C  C   . ASN A 1 103 ? 1.67363   13.16272  2.02457   1.000 22.05256 ? 103 ASN A C   1 
ATOM   839  O  O   . ASN A 1 103 ? 2.76193   12.73486  2.42611   1.000 23.67825 ? 103 ASN A O   1 
ATOM   840  C  CB  . ASN A 1 103 ? 0.56849   13.40081  4.26996   1.000 31.92485 ? 103 ASN A CB  1 
ATOM   841  C  CG  . ASN A 1 103 ? -0.07752  14.34558  5.25067   1.000 45.58657 ? 103 ASN A CG  1 
ATOM   842  O  OD1 . ASN A 1 103 ? -1.16696  14.08622  5.76020   1.000 54.76208 ? 103 ASN A OD1 1 
ATOM   843  N  ND2 . ASN A 1 103 ? 0.58457   15.46252  5.50738   1.000 38.80867 ? 103 ASN A ND2 1 
ATOM   844  N  N   . GLY A 1 104 ? 1.21320   12.90804  0.80961   1.000 21.57336 ? 104 GLY A N   1 
ATOM   845  C  CA  . GLY A 1 104 ? 1.99766   12.16014  -0.13264  1.000 21.12571 ? 104 GLY A CA  1 
ATOM   846  C  C   . GLY A 1 104 ? 2.27226   10.77360  0.39907   1.000 19.83498 ? 104 GLY A C   1 
ATOM   847  O  O   . GLY A 1 104 ? 1.47198   10.18863  1.12667   1.000 22.17493 ? 104 GLY A O   1 
ATOM   848  N  N   . MET A 1 105 ? 3.43565   10.24717  0.04918   1.000 17.92862 ? 105 MET A N   1 
ATOM   849  C  CA  . MET A 1 105 ? 3.73861   8.89281   0.48767   1.000 15.11691 ? 105 MET A CA  1 
ATOM   850  C  C   . MET A 1 105 ? 4.25640   8.84165   1.91521   1.000 18.05867 ? 105 MET A C   1 
ATOM   851  O  O   . MET A 1 105 ? 4.52980   7.74972   2.41056   1.000 17.81663 ? 105 MET A O   1 
ATOM   852  C  CB  . MET A 1 105 ? 4.70612   8.21712   -0.47396  1.000 15.09951 ? 105 MET A CB  1 
ATOM   853  C  CG  . MET A 1 105 ? 4.04917   7.81189   -1.78604  1.000 18.57049 ? 105 MET A CG  1 
ATOM   854  S  SD  . MET A 1 105 ? 5.04117   6.67046   -2.77100  1.000 21.56127 ? 105 MET A SD  1 
ATOM   855  C  CE  . MET A 1 105 ? 4.83783   5.17123   -1.82133  1.000 21.78274 ? 105 MET A CE  1 
ATOM   856  N  N   . ASN A 1 106 ? 4.36556   9.98065   2.60333   1.000 18.70984 ? 106 ASN A N   1 
ATOM   857  C  CA  . ASN A 1 106 ? 4.76911   9.94406   4.00642   1.000 18.03578 ? 106 ASN A CA  1 
ATOM   858  C  C   . ASN A 1 106 ? 3.76672   9.20449   4.87454   1.000 19.32390 ? 106 ASN A C   1 
ATOM   859  O  O   . ASN A 1 106 ? 4.09973   8.85159   6.01285   1.000 20.65633 ? 106 ASN A O   1 
ATOM   860  C  CB  . ASN A 1 106 ? 4.98010   11.35423  4.55161   1.000 19.29522 ? 106 ASN A CB  1 
ATOM   861  C  CG  . ASN A 1 106 ? 6.11498   12.05501  3.87198   1.000 19.36644 ? 106 ASN A CG  1 
ATOM   862  O  OD1 . ASN A 1 106 ? 7.27289   11.66360  4.00911   1.000 22.93333 ? 106 ASN A OD1 1 
ATOM   863  N  ND2 . ASN A 1 106 ? 5.79199   13.08086  3.10406   1.000 23.88822 ? 106 ASN A ND2 1 
ATOM   864  N  N   . ALA A 1 107 ? 2.56057   8.95751   4.36849   1.000 19.00748 ? 107 ALA A N   1 
ATOM   865  C  CA  . ALA A 1 107 ? 1.60172   8.14512   5.10528   1.000 19.27792 ? 107 ALA A CA  1 
ATOM   866  C  C   . ALA A 1 107 ? 2.08660   6.71897   5.33369   1.000 19.53823 ? 107 ALA A C   1 
ATOM   867  O  O   . ALA A 1 107 ? 1.59221   6.04855   6.25188   1.000 21.37022 ? 107 ALA A O   1 
ATOM   868  C  CB  . ALA A 1 107 ? 0.26206   8.12339   4.38091   1.000 23.08360 ? 107 ALA A CB  1 
ATOM   869  N  N   . TRP A 1 108 ? 3.01457   6.22590   4.51098   1.000 17.80182 ? 108 TRP A N   1 
ATOM   870  C  CA  . TRP A 1 108 ? 3.56034   4.88585   4.65861   1.000 16.12489 ? 108 TRP A CA  1 
ATOM   871  C  C   . TRP A 1 108 ? 4.86242   4.99533   5.43811   1.000 18.58020 ? 108 TRP A C   1 
ATOM   872  O  O   . TRP A 1 108 ? 5.86353   5.49195   4.92260   1.000 19.81150 ? 108 TRP A O   1 
ATOM   873  C  CB  . TRP A 1 108 ? 3.77385   4.23021   3.29524   1.000 17.41141 ? 108 TRP A CB  1 
ATOM   874  C  CG  . TRP A 1 108 ? 2.49246   3.77143   2.70807   1.000 17.08608 ? 108 TRP A CG  1 
ATOM   875  C  CD1 . TRP A 1 108 ? 1.84094   2.61205   3.00080   1.000 18.72134 ? 108 TRP A CD1 1 
ATOM   876  C  CD2 . TRP A 1 108 ? 1.68115   4.45837   1.74932   1.000 16.98110 ? 108 TRP A CD2 1 
ATOM   877  N  NE1 . TRP A 1 108 ? 0.67924   2.52312   2.27343   1.000 17.81405 ? 108 TRP A NE1 1 
ATOM   878  C  CE2 . TRP A 1 108 ? 0.55192   3.65048   1.50391   1.000 17.94873 ? 108 TRP A CE2 1 
ATOM   879  C  CE3 . TRP A 1 108 ? 1.79579   5.68210   1.07728   1.000 18.31817 ? 108 TRP A CE3 1 
ATOM   880  C  CZ2 . TRP A 1 108 ? -0.44803  4.01272   0.61395   1.000 20.10332 ? 108 TRP A CZ2 1 
ATOM   881  C  CZ3 . TRP A 1 108 ? 0.78894   6.04822   0.19322   1.000 19.20826 ? 108 TRP A CZ3 1 
ATOM   882  C  CH2 . TRP A 1 108 ? -0.31354  5.20646   -0.03589  1.000 17.57883 ? 108 TRP A CH2 1 
ATOM   883  N  N   . VAL A 1 109 ? 4.83660   4.53499   6.68927   1.000 18.78884 ? 109 VAL A N   1 
ATOM   884  C  CA  . VAL A 1 109 ? 5.99225   4.66554   7.57162   1.000 19.93543 ? 109 VAL A CA  1 
ATOM   885  C  C   . VAL A 1 109 ? 7.22463   4.00942   6.96306   1.000 17.96843 ? 109 VAL A C   1 
ATOM   886  O  O   . VAL A 1 109 ? 8.32731   4.58167   6.98508   1.000 19.02857 ? 109 VAL A O   1 
ATOM   887  C  CB  . VAL A 1 109 ? 5.64791   4.06572   8.94609   1.000 21.41003 ? 109 VAL A CB  1 
ATOM   888  C  CG1 . VAL A 1 109 ? 6.85427   4.14406   9.86666   1.000 26.52417 ? 109 VAL A CG1 1 
ATOM   889  C  CG2 . VAL A 1 109 ? 4.44594   4.78207   9.55325   1.000 23.78909 ? 109 VAL A CG2 1 
ATOM   890  N  N   . ALA A 1 110 ? 7.05720   2.82252   6.37311   1.000 18.79492 ? 110 ALA A N   1 
ATOM   891  C  CA  . ALA A 1 110 ? 8.21546   2.14489   5.81301   1.000 18.06840 ? 110 ALA A CA  1 
ATOM   892  C  C   . ALA A 1 110 ? 8.77722   2.89429   4.61896   1.000 18.72522 ? 110 ALA A C   1 
ATOM   893  O  O   . ALA A 1 110 ? 9.99285   2.88029   4.40601   1.000 21.69595 ? 110 ALA A O   1 
ATOM   894  C  CB  . ALA A 1 110 ? 7.87930   0.69450   5.46672   1.000 21.96526 ? 110 ALA A CB  1 
ATOM   895  N  N   . TRP A 1 111 ? 7.92130   3.56189   3.84162   1.000 18.59248 ? 111 TRP A N   1 
ATOM   896  C  CA  . TRP A 1 111 ? 8.43095   4.36777   2.74060   1.000 16.70279 ? 111 TRP A CA  1 
ATOM   897  C  C   . TRP A 1 111 ? 9.25632   5.52776   3.26633   1.000 19.59221 ? 111 TRP A C   1 
ATOM   898  O  O   . TRP A 1 111 ? 10.36626  5.78481   2.78375   1.000 19.50762 ? 111 TRP A O   1 
ATOM   899  C  CB  . TRP A 1 111 ? 7.28147   4.86684   1.85501   1.000 17.59455 ? 111 TRP A CB  1 
ATOM   900  C  CG  . TRP A 1 111 ? 7.79563   5.72669   0.73472   1.000 18.05557 ? 111 TRP A CG  1 
ATOM   901  C  CD1 . TRP A 1 111 ? 8.26502   5.30040   -0.48023  1.000 18.10325 ? 111 TRP A CD1 1 
ATOM   902  C  CD2 . TRP A 1 111 ? 7.92190   7.15082   0.74180   1.000 18.97648 ? 111 TRP A CD2 1 
ATOM   903  N  NE1 . TRP A 1 111 ? 8.68181   6.38654   -1.22651  1.000 18.47853 ? 111 TRP A NE1 1 
ATOM   904  C  CE2 . TRP A 1 111 ? 8.48268   7.52879   -0.49885  1.000 18.79581 ? 111 TRP A CE2 1 
ATOM   905  C  CE3 . TRP A 1 111 ? 7.62763   8.14649   1.68380   1.000 18.77085 ? 111 TRP A CE3 1 
ATOM   906  C  CZ2 . TRP A 1 111 ? 8.73425   8.85927   -0.83169  1.000 20.41350 ? 111 TRP A CZ2 1 
ATOM   907  C  CZ3 . TRP A 1 111 ? 7.87581   9.46619   1.35311   1.000 20.26584 ? 111 TRP A CZ3 1 
ATOM   908  C  CH2 . TRP A 1 111 ? 8.41537   9.81283   0.09771   1.000 20.53252 ? 111 TRP A CH2 1 
ATOM   909  N  N   . ARG A 1 112 ? 8.73033   6.23880   4.26911   1.000 16.97583 ? 112 ARG A N   1 
ATOM   910  C  CA  . ARG A 1 112 ? 9.46003   7.37024   4.82830   1.000 19.04301 ? 112 ARG A CA  1 
ATOM   911  C  C   . ARG A 1 112 ? 10.80956  6.92919   5.37075   1.000 20.44512 ? 112 ARG A C   1 
ATOM   912  O  O   . ARG A 1 112 ? 11.82067  7.61276   5.18035   1.000 21.65391 ? 112 ARG A O   1 
ATOM   913  C  CB  . ARG A 1 112 ? 8.62296   8.00637   5.94050   1.000 20.99832 ? 112 ARG A CB  1 
ATOM   914  C  CG  . ARG A 1 112 ? 8.98705   9.42065   6.31175   1.000 30.62052 ? 112 ARG A CG  1 
ATOM   915  C  CD  . ARG A 1 112 ? 7.91140   9.98032   7.24585   1.000 33.09337 ? 112 ARG A CD  1 
ATOM   916  N  NE  . ARG A 1 112 ? 7.89764   9.28239   8.52944   1.000 39.81859 ? 112 ARG A NE  1 
ATOM   917  C  CZ  . ARG A 1 112 ? 6.86451   8.61219   9.03275   1.000 43.75480 ? 112 ARG A CZ  1 
ATOM   918  N  NH1 . ARG A 1 112 ? 5.71119   8.54147   8.37567   1.000 40.82902 ? 112 ARG A NH1 1 
ATOM   919  N  NH2 . ARG A 1 112 ? 6.98316   8.02322   10.21912  1.000 38.71941 ? 112 ARG A NH2 1 
ATOM   920  N  N   . ASN A 1 113 ? 10.85285  5.77263   6.02759   1.000 19.42954 ? 113 ASN A N   1 
ATOM   921  C  CA  . ASN A 1 113 ? 12.06102  5.40455   6.75168   1.000 20.00957 ? 113 ASN A CA  1 
ATOM   922  C  C   . ASN A 1 113 ? 13.06088  4.62984   5.91384   1.000 22.23621 ? 113 ASN A C   1 
ATOM   923  O  O   . ASN A 1 113 ? 14.25201  4.62100   6.24254   1.000 23.55737 ? 113 ASN A O   1 
ATOM   924  C  CB  . ASN A 1 113 ? 11.70531  4.62931   8.01992   1.000 20.16591 ? 113 ASN A CB  1 
ATOM   925  C  CG  . ASN A 1 113 ? 11.11133  5.52708   9.08286   1.000 20.72885 ? 113 ASN A CG  1 
ATOM   926  O  OD1 . ASN A 1 113 ? 11.42007  6.72382   9.13368   1.000 24.31268 ? 113 ASN A OD1 1 
ATOM   927  N  ND2 . ASN A 1 113 ? 10.24005  4.97615   9.91503   1.000 25.44642 ? 113 ASN A ND2 1 
ATOM   928  N  N   . ARG A 1 114 ? 12.62245  3.99128   4.83979   1.000 21.72280 ? 114 ARG A N   1 
ATOM   929  C  CA  . ARG A 1 114 ? 13.48015  3.07263   4.11148   1.000 21.13146 ? 114 ARG A CA  1 
ATOM   930  C  C   . ARG A 1 114 ? 13.52041  3.30557   2.61706   1.000 23.02908 ? 114 ARG A C   1 
ATOM   931  O  O   . ARG A 1 114 ? 14.38057  2.71823   1.95166   1.000 23.06497 ? 114 ARG A O   1 
ATOM   932  C  CB  . ARG A 1 114 ? 13.06397  1.62391   4.37957   1.000 22.53412 ? 114 ARG A CB  1 
ATOM   933  C  CG  . ARG A 1 114 ? 12.92823  1.38201   5.87050   1.000 24.93088 ? 114 ARG A CG  1 
ATOM   934  C  CD  . ARG A 1 114 ? 12.51397  -0.01295  6.18520   1.000 23.40615 ? 114 ARG A CD  1 
ATOM   935  N  NE  . ARG A 1 114 ? 13.57466  -0.97168  5.90360   1.000 23.50224 ? 114 ARG A NE  1 
ATOM   936  C  CZ  . ARG A 1 114 ? 13.44866  -2.26593  6.15172   1.000 22.80924 ? 114 ARG A CZ  1 
ATOM   937  N  NH1 . ARG A 1 114 ? 12.31347  -2.70507  6.66626   1.000 25.34587 ? 114 ARG A NH1 1 
ATOM   938  N  NH2 . ARG A 1 114 ? 14.44433  -3.11105  5.88324   1.000 25.85732 ? 114 ARG A NH2 1 
ATOM   939  N  N   . CYS A 1 115 ? 12.64249  4.13690   2.06950   1.000 18.16877 ? 115 CYS A N   1 
ATOM   940  C  CA  . CYS A 1 115 ? 12.65126  4.42153   0.64343   1.000 18.27778 ? 115 CYS A CA  1 
ATOM   941  C  C   . CYS A 1 115 ? 12.91890  5.87857   0.32673   1.000 20.55672 ? 115 CYS A C   1 
ATOM   942  O  O   . CYS A 1 115 ? 13.64930  6.17502   -0.62128  1.000 22.30332 ? 115 CYS A O   1 
ATOM   943  C  CB  . CYS A 1 115 ? 11.30392  4.03869   0.02678   1.000 20.57693 ? 115 CYS A CB  1 
ATOM   944  S  SG  . CYS A 1 115 ? 10.84697  2.31959   0.32649   1.000 20.03109 ? 115 CYS A SG  1 
ATOM   945  N  N   . LYS A 1 116 ? 12.32363  6.79500   1.08213   1.000 18.86883 ? 116 LYS A N   1 
ATOM   946  C  CA  . LYS A 1 116 ? 12.46801  8.21170   0.80521   1.000 20.27149 ? 116 LYS A CA  1 
ATOM   947  C  C   . LYS A 1 116 ? 13.94051  8.60322   0.81004   1.000 21.30763 ? 116 LYS A C   1 
ATOM   948  O  O   . LYS A 1 116 ? 14.68037  8.27662   1.73975   1.000 24.65431 ? 116 LYS A O   1 
ATOM   949  C  CB  . LYS A 1 116 ? 11.70851  8.98002   1.88075   1.000 21.20244 ? 116 LYS A CB  1 
ATOM   950  C  CG  . LYS A 1 116 ? 11.60420  10.46243  1.63682   1.000 21.34094 ? 116 LYS A CG  1 
ATOM   951  C  CD  . LYS A 1 116 ? 10.86844  11.11023  2.80262   1.000 21.61276 ? 116 LYS A CD  1 
ATOM   952  C  CE  . LYS A 1 116 ? 10.58020  12.58087  2.54755   1.000 24.22037 ? 116 LYS A CE  1 
ATOM   953  N  NZ  . LYS A 1 116 ? 9.71703   13.09897  3.64777   1.000 25.00349 ? 116 LYS A NZ  1 
ATOM   954  N  N   . GLY A 1 117 ? 14.36342  9.28641   -0.24914  1.000 23.62743 ? 117 GLY A N   1 
ATOM   955  C  CA  . GLY A 1 117 ? 15.74034  9.73276   -0.34153  1.000 24.56932 ? 117 GLY A CA  1 
ATOM   956  C  C   . GLY A 1 117 ? 16.73277  8.66052   -0.72233  1.000 29.19899 ? 117 GLY A C   1 
ATOM   957  O  O   . GLY A 1 117 ? 17.94187  8.87509   -0.58232  1.000 34.31852 ? 117 GLY A O   1 
ATOM   958  N  N   . THR A 1 118 ? 16.26935  7.50867   -1.17786  1.000 27.04485 ? 118 THR A N   1 
ATOM   959  C  CA  . THR A 1 118 ? 17.14268  6.46933   -1.69738  1.000 24.55508 ? 118 THR A CA  1 
ATOM   960  C  C   . THR A 1 118 ? 16.95149  6.37044   -3.20492  1.000 23.73506 ? 118 THR A C   1 
ATOM   961  O  O   . THR A 1 118 ? 16.07942  7.01682   -3.78836  1.000 25.49170 ? 118 THR A O   1 
ATOM   962  C  CB  . THR A 1 118 ? 16.86350  5.11700   -1.02252  1.000 25.43777 ? 118 THR A CB  1 
ATOM   963  O  OG1 . THR A 1 118 ? 15.64299  4.55994   -1.53319  1.000 25.27026 ? 118 THR A OG1 1 
ATOM   964  C  CG2 . THR A 1 118 ? 16.72280  5.30172   0.48209   1.000 26.94016 ? 118 THR A CG2 1 
ATOM   965  N  N   . ASP A 1 119 ? 17.80465  5.56591   -3.84181  1.000 26.54806 ? 119 ASP A N   1 
ATOM   966  C  CA  . ASP A 1 119 ? 17.70126  5.30798   -5.27778  1.000 31.34558 ? 119 ASP A CA  1 
ATOM   967  C  C   . ASP A 1 119 ? 16.59192  4.28340   -5.48774  1.000 26.87127 ? 119 ASP A C   1 
ATOM   968  O  O   . ASP A 1 119 ? 16.81964  3.07639   -5.59259  1.000 32.55074 ? 119 ASP A O   1 
ATOM   969  C  CB  . ASP A 1 119 ? 19.02981  4.79517   -5.81619  1.000 34.99256 ? 119 ASP A CB  1 
ATOM   970  C  CG  . ASP A 1 119 ? 18.97069  4.44992   -7.29577  1.000 44.49393 ? 119 ASP A CG  1 
ATOM   971  O  OD1 . ASP A 1 119 ? 18.08027  4.96733   -8.00271  1.000 40.90231 ? 119 ASP A OD1 1 
ATOM   972  O  OD2 . ASP A 1 119 ? 19.81866  3.65195   -7.75191  1.000 53.07507 ? 119 ASP A OD2 1 
ATOM   973  N  N   . VAL A 1 120 ? 15.35456  4.78130   -5.55389  1.000 26.91650 ? 120 VAL A N   1 
ATOM   974  C  CA  . VAL A 1 120 ? 14.22076  3.86999   -5.67318  1.000 23.30623 ? 120 VAL A CA  1 
ATOM   975  C  C   . VAL A 1 120 ? 14.10783  3.26582   -7.06421  1.000 25.13620 ? 120 VAL A C   1 
ATOM   976  O  O   . VAL A 1 120 ? 13.43872  2.23801   -7.23669  1.000 25.28334 ? 120 VAL A O   1 
ATOM   977  C  CB  . VAL A 1 120 ? 12.90525  4.53384   -5.23011  1.000 22.75018 ? 120 VAL A CB  1 
ATOM   978  C  CG1 . VAL A 1 120 ? 12.96707  4.86210   -3.75531  1.000 23.89218 ? 120 VAL A CG1 1 
ATOM   979  C  CG2 . VAL A 1 120 ? 12.63681  5.78908   -6.04428  1.000 25.73654 ? 120 VAL A CG2 1 
ATOM   980  N  N   . GLN A 1 121 ? 14.72782  3.88330   -8.07271  1.000 27.62497 ? 121 GLN A N   1 
ATOM   981  C  CA  . GLN A 1 121 ? 14.72515  3.28216   -9.40073  1.000 25.97033 ? 121 GLN A CA  1 
ATOM   982  C  C   . GLN A 1 121 ? 15.31617  1.88034   -9.36789  1.000 26.43171 ? 121 GLN A C   1 
ATOM   983  O  O   . GLN A 1 121 ? 14.96621  1.03992   -10.20497 1.000 30.94436 ? 121 GLN A O   1 
ATOM   984  C  CB  . GLN A 1 121 ? 15.49440  4.17032   -10.38513 1.000 33.35754 ? 121 GLN A CB  1 
ATOM   985  C  CG  . GLN A 1 121 ? 15.35206  3.76697   -11.86208 1.000 41.19807 ? 121 GLN A CG  1 
ATOM   986  C  CD  . GLN A 1 121 ? 16.27886  2.62119   -12.27988 1.000 53.95074 ? 121 GLN A CD  1 
ATOM   987  O  OE1 . GLN A 1 121 ? 17.35270  2.42609   -11.70563 1.000 55.43560 ? 121 GLN A OE1 1 
ATOM   988  N  NE2 . GLN A 1 121 ? 15.85517  1.85434   -13.27971 1.000 50.59926 ? 121 GLN A NE2 1 
ATOM   989  N  N   . ALA A 1 122 ? 16.18513  1.59750   -8.39022  1.000 27.54655 ? 122 ALA A N   1 
ATOM   990  C  CA  . ALA A 1 122 ? 16.77660  0.26746   -8.27647  1.000 26.37961 ? 122 ALA A CA  1 
ATOM   991  C  C   . ALA A 1 122 ? 15.71359  -0.81497  -8.13103  1.000 28.69721 ? 122 ALA A C   1 
ATOM   992  O  O   . ALA A 1 122 ? 15.94235  -1.96808  -8.51324  1.000 26.55640 ? 122 ALA A O   1 
ATOM   993  C  CB  . ALA A 1 122 ? 17.75950  0.21619   -7.10421  1.000 31.51713 ? 122 ALA A CB  1 
ATOM   994  N  N   . TRP A 1 123 ? 14.53941  -0.46170  -7.60416  1.000 24.49295 ? 123 TRP A N   1 
ATOM   995  C  CA  . TRP A 1 123 ? 13.49915  -1.45431  -7.37589  1.000 23.34533 ? 123 TRP A CA  1 
ATOM   996  C  C   . TRP A 1 123 ? 12.83908  -1.92582  -8.65608  1.000 23.49790 ? 123 TRP A C   1 
ATOM   997  O  O   . TRP A 1 123 ? 12.18606  -2.97421  -8.64469  1.000 28.68727 ? 123 TRP A O   1 
ATOM   998  C  CB  . TRP A 1 123 ? 12.45709  -0.93000  -6.38695  1.000 23.31100 ? 123 TRP A CB  1 
ATOM   999  C  CG  . TRP A 1 123 ? 13.05359  -0.86725  -5.05622  1.000 25.99730 ? 123 TRP A CG  1 
ATOM   1000 C  CD1 . TRP A 1 123 ? 13.58493  0.22158   -4.44841  1.000 26.27175 ? 123 TRP A CD1 1 
ATOM   1001 C  CD2 . TRP A 1 123 ? 13.26709  -1.96766  -4.17964  1.000 24.90845 ? 123 TRP A CD2 1 
ATOM   1002 N  NE1 . TRP A 1 123 ? 14.10014  -0.12391  -3.22209  1.000 24.74292 ? 123 TRP A NE1 1 
ATOM   1003 C  CE2 . TRP A 1 123 ? 13.91128  -1.46648  -3.03305  1.000 21.38231 ? 123 TRP A CE2 1 
ATOM   1004 C  CE3 . TRP A 1 123 ? 12.95898  -3.33091  -4.24320  1.000 26.89929 ? 123 TRP A CE3 1 
ATOM   1005 C  CZ2 . TRP A 1 123 ? 14.25243  -2.27779  -1.95780  1.000 27.37115 ? 123 TRP A CZ2 1 
ATOM   1006 C  CZ3 . TRP A 1 123 ? 13.30443  -4.13833  -3.17391  1.000 32.09510 ? 123 TRP A CZ3 1 
ATOM   1007 C  CH2 . TRP A 1 123 ? 13.94780  -3.60573  -2.04967  1.000 26.36626 ? 123 TRP A CH2 1 
ATOM   1008 N  N   . ILE A 1 124 ? 12.99082  -1.19223  -9.75547  1.000 24.57024 ? 124 ILE A N   1 
ATOM   1009 C  CA  . ILE A 1 124 ? 12.41163  -1.61144  -11.02532 1.000 25.01684 ? 124 ILE A CA  1 
ATOM   1010 C  C   . ILE A 1 124 ? 13.47976  -1.96116  -12.05178 1.000 24.12482 ? 124 ILE A C   1 
ATOM   1011 O  O   . ILE A 1 124 ? 13.14983  -2.26447  -13.20161 1.000 27.16326 ? 124 ILE A O   1 
ATOM   1012 C  CB  . ILE A 1 124 ? 11.38261  -0.60759  -11.56963 1.000 28.65378 ? 124 ILE A CB  1 
ATOM   1013 C  CG1 . ILE A 1 124 ? 12.03314  0.75725   -11.80715 1.000 30.22736 ? 124 ILE A CG1 1 
ATOM   1014 C  CG2 . ILE A 1 124 ? 10.18860  -0.51339  -10.59961 1.000 28.20403 ? 124 ILE A CG2 1 
ATOM   1015 C  CD1 . ILE A 1 124 ? 11.12762  1.75018   -12.51475 1.000 37.45658 ? 124 ILE A CD1 1 
ATOM   1016 N  N   . ARG A 1 125 ? 14.75018  -1.94878  -11.65558 1.000 27.24347 ? 125 ARG A N   1 
ATOM   1017 C  CA  . ARG A 1 125 ? 15.83155  -2.23786  -12.58842 1.000 31.30988 ? 125 ARG A CA  1 
ATOM   1018 C  C   . ARG A 1 125 ? 15.74028  -3.67770  -13.07689 1.000 30.76250 ? 125 ARG A C   1 
ATOM   1019 O  O   . ARG A 1 125 ? 15.46965  -4.60073  -12.30380 1.000 30.95887 ? 125 ARG A O   1 
ATOM   1020 C  CB  . ARG A 1 125 ? 17.18293  -1.99980  -11.91501 1.000 32.20721 ? 125 ARG A CB  1 
ATOM   1021 N  N   . GLY A 1 126 ? 15.94921  -3.86324  -14.38226 1.000 32.16941 ? 126 GLY A N   1 
ATOM   1022 C  CA  . GLY A 1 126 ? 15.86908  -5.16858  -14.99975 1.000 33.75846 ? 126 GLY A CA  1 
ATOM   1023 C  C   . GLY A 1 126 ? 14.47903  -5.61232  -15.39038 1.000 35.71657 ? 126 GLY A C   1 
ATOM   1024 O  O   . GLY A 1 126 ? 14.34412  -6.60396  -16.11816 1.000 41.12500 ? 126 GLY A O   1 
ATOM   1025 N  N   . CYS A 1 127 ? 13.43818  -4.91383  -14.95243 1.000 29.33327 ? 127 CYS A N   1 
ATOM   1026 C  CA  . CYS A 1 127 ? 12.08433  -5.37738  -15.19993 1.000 26.47946 ? 127 CYS A CA  1 
ATOM   1027 C  C   . CYS A 1 127 ? 11.62366  -4.97209  -16.58447 1.000 31.10323 ? 127 CYS A C   1 
ATOM   1028 O  O   . CYS A 1 127 ? 11.90505  -3.86413  -17.04944 1.000 30.67623 ? 127 CYS A O   1 
ATOM   1029 C  CB  . CYS A 1 127 ? 11.12092  -4.77444  -14.18423 1.000 28.63506 ? 127 CYS A CB  1 
ATOM   1030 S  SG  . CYS A 1 127 ? 11.53442  -5.17006  -12.47114 1.000 29.22353 ? 127 CYS A SG  1 
ATOM   1031 N  N   . ARG A 1 128 ? 10.87615  -5.86474  -17.22421 1.000 30.90546 ? 128 ARG A N   1 
ATOM   1032 C  CA  . ARG A 1 128 ? 10.22718  -5.56642  -18.49471 1.000 34.31176 ? 128 ARG A CA  1 
ATOM   1033 C  C   . ARG A 1 128 ? 8.87427   -4.94225  -18.18445 1.000 41.97233 ? 128 ARG A C   1 
ATOM   1034 O  O   . ARG A 1 128 ? 8.00346   -5.59269  -17.59758 1.000 45.61848 ? 128 ARG A O   1 
ATOM   1035 C  CB  . ARG A 1 128 ? 10.06633  -6.84697  -19.30723 1.000 35.93600 ? 128 ARG A CB  1 
ATOM   1036 C  CG  . ARG A 1 128 ? 9.90244   -6.63479  -20.79626 1.000 41.91013 ? 128 ARG A CG  1 
ATOM   1037 C  CD  . ARG A 1 128 ? 10.50730  -7.81474  -21.53213 1.000 47.30536 ? 128 ARG A CD  1 
ATOM   1038 N  NE  . ARG A 1 128 ? 10.10204  -9.07531  -20.91988 1.000 53.94919 ? 128 ARG A NE  1 
ATOM   1039 C  CZ  . ARG A 1 128 ? 10.83157  -10.18724 -20.93113 1.000 58.41775 ? 128 ARG A CZ  1 
ATOM   1040 N  NH1 . ARG A 1 128 ? 12.02418  -10.20174 -21.51620 1.000 59.05227 ? 128 ARG A NH1 1 
ATOM   1041 N  NH2 . ARG A 1 128 ? 10.36956  -11.28403 -20.34600 1.000 58.16881 ? 128 ARG A NH2 1 
ATOM   1042 N  N   . LEU A 1 129 ? 8.70142   -3.68086  -18.56083 1.000 41.07958 ? 129 LEU A N   1 
ATOM   1043 C  CA  . LEU A 1 129 ? 7.46159   -2.96822  -18.26373 1.000 49.29680 ? 129 LEU A CA  1 
ATOM   1044 C  C   . LEU A 1 129 ? 6.73926   -2.53479  -19.53695 1.000 50.02322 ? 129 LEU A C   1 
ATOM   1045 O  O   . LEU A 1 129 ? 6.48932   -1.34796  -19.74628 1.000 50.40814 ? 129 LEU A O   1 
ATOM   1046 C  CB  . LEU A 1 129 ? 7.74740   -1.75560  -17.37911 1.000 42.34493 ? 129 LEU A CB  1 
ATOM   1047 C  CG  . LEU A 1 129 ? 8.41742   -2.05279  -16.03770 1.000 40.76187 ? 129 LEU A CG  1 
ATOM   1048 C  CD1 . LEU A 1 129 ? 9.02346   -0.78600  -15.44849 1.000 46.68097 ? 129 LEU A CD1 1 
ATOM   1049 C  CD2 . LEU A 1 129 ? 7.41350   -2.66578  -15.07186 1.000 45.84133 ? 129 LEU A CD2 1 
HETATM 1050 C  C1  . NDG B 2 .   ? 1.48457   1.68818   7.36529   0.889 20.42238 ? 201 NDG A C1  1 
HETATM 1051 C  C2  . NDG B 2 .   ? 0.24525   2.55114   7.60498   0.889 19.95490 ? 201 NDG A C2  1 
HETATM 1052 C  C3  . NDG B 2 .   ? 0.40885   3.37685   8.87971   0.889 21.79306 ? 201 NDG A C3  1 
HETATM 1053 C  C4  . NDG B 2 .   ? 0.79298   2.50150   10.06245  0.889 24.42412 ? 201 NDG A C4  1 
HETATM 1054 C  C5  . NDG B 2 .   ? 2.02493   1.67355   9.71647   0.889 21.82655 ? 201 NDG A C5  1 
HETATM 1055 C  C6  . NDG B 2 .   ? 2.36849   0.67715   10.80243  0.889 24.63936 ? 201 NDG A C6  1 
HETATM 1056 C  C7  . NDG B 2 .   ? -1.14696  3.63388   5.86431   0.889 23.50924 ? 201 NDG A C7  1 
HETATM 1057 C  C8  . NDG B 2 .   ? -1.13047  4.55597   4.68222   0.889 21.04779 ? 201 NDG A C8  1 
HETATM 1058 O  O5  . NDG B 2 .   ? 1.76727   0.90962   8.53076   0.889 21.48714 ? 201 NDG A O5  1 
HETATM 1059 O  O3  . NDG B 2 .   ? -0.80268  4.07708   9.15299   0.889 22.40048 ? 201 NDG A O3  1 
HETATM 1060 O  O4  . NDG B 2 .   ? 1.11051   3.32559   11.18164  0.889 25.42859 ? 201 NDG A O4  1 
HETATM 1061 O  O6  . NDG B 2 .   ? 3.46849   -0.15123  10.44542  0.889 27.79901 ? 201 NDG A O6  1 
HETATM 1062 O  O7  . NDG B 2 .   ? -2.18148  3.10013   6.25447   0.889 23.25317 ? 201 NDG A O7  1 
HETATM 1063 N  N2  . NDG B 2 .   ? 0.03643   3.42740   6.45973   0.889 20.68857 ? 201 NDG A N2  1 
HETATM 1064 O  O1  . NDG B 2 .   ? 2.58315   2.51328   7.05148   0.889 20.69464 ? 201 NDG A O1  1 
HETATM 1065 CL CL  . CL  C 3 .   ? 3.76451   14.84033  -2.57535  1.000 27.55424 ? 202 CL  A CL  1 
HETATM 1066 CL CL  . CL  D 3 .   ? 11.52400  4.62635   -10.15055 1.000 38.85941 ? 203 CL  A CL  1 
HETATM 1067 CL CL  . CL  E 3 .   ? -14.88131 -0.65160  12.93443  1.000 40.87940 ? 204 CL  A CL  1 
HETATM 1068 CL CL  . CL  F 3 .   ? -3.57553  -7.42210  -9.77421  1.000 53.68621 ? 205 CL  A CL  1 
HETATM 1069 NA NA  . NA  G 4 .   ? -12.12240 1.69455   9.84620   1.000 24.78065 ? 206 NA  A NA  1 
HETATM 1070 O  O   . HOH H 5 .   ? -2.94807  -6.44650  -0.88567  1.000 32.05883 ? 301 HOH A O   1 
HETATM 1071 O  O   . HOH H 5 .   ? 10.04972  9.18239   9.73408   1.000 38.48042 ? 302 HOH A O   1 
HETATM 1072 O  O   . HOH H 5 .   ? 8.82366   -11.93048 -3.96669  1.000 36.49690 ? 303 HOH A O   1 
HETATM 1073 O  O   . HOH H 5 .   ? 18.22058  2.07920   -3.76353  1.000 48.61467 ? 304 HOH A O   1 
HETATM 1074 O  O   . HOH H 5 .   ? -0.59448  14.45052  -1.31113  1.000 35.19912 ? 305 HOH A O   1 
HETATM 1075 O  O   . HOH H 5 .   ? -1.74780  -11.94213 7.96758   1.000 22.90895 ? 306 HOH A O   1 
HETATM 1076 O  O   . HOH H 5 .   ? -0.84473  10.84678  2.43913   1.000 34.33351 ? 307 HOH A O   1 
HETATM 1077 O  O   . HOH H 5 .   ? 16.54287  1.25538   2.28761   1.000 31.88181 ? 308 HOH A O   1 
HETATM 1078 O  O   . HOH H 5 .   ? -4.08127  6.35762   16.18966  1.000 40.95716 ? 309 HOH A O   1 
HETATM 1079 O  O   . HOH H 5 .   ? -8.45095  -3.83561  13.83913  1.000 23.37049 ? 310 HOH A O   1 
HETATM 1080 O  O   . HOH H 5 .   ? -2.52900  -10.83947 -9.12409  1.000 45.11255 ? 311 HOH A O   1 
HETATM 1081 O  O   . HOH H 5 .   ? 0.02807   -14.84920 0.16097   1.000 24.09650 ? 312 HOH A O   1 
HETATM 1082 O  O   . HOH H 5 .   ? 7.20843   -2.21520  7.66786   1.000 35.97352 ? 313 HOH A O   1 
HETATM 1083 O  O   . HOH H 5 .   ? 7.92208   13.70195  -9.74229  1.000 36.14402 ? 314 HOH A O   1 
HETATM 1084 O  O   . HOH H 5 .   ? -2.26986  10.30938  5.12498   1.000 45.75509 ? 315 HOH A O   1 
HETATM 1085 O  O   . HOH H 5 .   ? 15.72084  1.87153   -1.88411  1.000 34.12021 ? 316 HOH A O   1 
HETATM 1086 O  O   . HOH H 5 .   ? 5.11655   0.36869   8.33602   1.000 29.77438 ? 317 HOH A O   1 
HETATM 1087 O  O   . HOH H 5 .   ? -7.46912  12.13177  -0.62542  1.000 46.92033 ? 318 HOH A O   1 
HETATM 1088 O  O   . HOH H 5 .   ? 11.59057  8.95256   -2.91136  1.000 33.73414 ? 319 HOH A O   1 
HETATM 1089 O  O   . HOH H 5 .   ? 14.64208  6.66755   3.99544   1.000 28.57711 ? 320 HOH A O   1 
HETATM 1090 O  O   . HOH H 5 .   ? 2.24673   -8.56915  -13.29763 1.000 41.43788 ? 321 HOH A O   1 
HETATM 1091 O  O   . HOH H 5 .   ? 4.13340   -6.93477  7.04320   1.000 37.01558 ? 322 HOH A O   1 
HETATM 1092 O  O   . HOH H 5 .   ? 1.77243   -3.13261  -17.01880 1.000 45.05373 ? 323 HOH A O   1 
HETATM 1093 O  O   . HOH H 5 .   ? 3.82874   -14.61567 -7.59110  1.000 48.64152 ? 324 HOH A O   1 
HETATM 1094 O  O   . HOH H 5 .   ? -4.93514  -13.51578 -0.86573  1.000 41.04833 ? 325 HOH A O   1 
HETATM 1095 O  O   . HOH H 5 .   ? 2.71612   -2.69143  9.05814   1.000 31.11999 ? 326 HOH A O   1 
HETATM 1096 O  O   . HOH H 5 .   ? -3.31734  -15.72683 -2.33594  1.000 38.93344 ? 327 HOH A O   1 
HETATM 1097 O  O   . HOH H 5 .   ? -3.97162  -6.65456  -3.00546  1.000 32.88338 ? 328 HOH A O   1 
HETATM 1098 O  O   . HOH H 5 .   ? 14.15448  9.10653   -3.59838  1.000 39.08093 ? 329 HOH A O   1 
HETATM 1099 O  O   . HOH H 5 .   ? -17.25930 -4.27080  5.88911   1.000 46.20584 ? 330 HOH A O   1 
HETATM 1100 O  O   . HOH H 5 .   ? -12.54922 -0.52534  10.85337  1.000 27.58706 ? 331 HOH A O   1 
HETATM 1101 O  O   . HOH H 5 .   ? 4.36219   -10.69317 4.74617   1.000 32.46950 ? 332 HOH A O   1 
HETATM 1102 O  O   . HOH H 5 .   ? -2.76902  -2.92709  0.92490   1.000 21.44760 ? 333 HOH A O   1 
HETATM 1103 O  O   . HOH H 5 .   ? -8.89660  -6.00966  -5.59141  1.000 31.59688 ? 334 HOH A O   1 
HETATM 1104 O  O   . HOH H 5 .   ? 1.42879   3.82344   -14.40066 1.000 35.35438 ? 335 HOH A O   1 
HETATM 1105 O  O   . HOH H 5 .   ? -3.44808  -9.55351  12.21575  0.50  32.70273 ? 336 HOH A O   1 
HETATM 1106 O  O   . HOH H 5 .   ? 11.49888  12.81696  5.89420   1.000 43.34458 ? 337 HOH A O   1 
HETATM 1107 O  O   . HOH H 5 .   ? 5.35375   -3.54012  8.07178   1.000 38.31062 ? 338 HOH A O   1 
HETATM 1108 O  O   . HOH H 5 .   ? -9.50972  -11.00202 -0.04198  1.000 41.55113 ? 339 HOH A O   1 
HETATM 1109 O  O   . HOH H 5 .   ? 10.97207  -2.34908  -19.75248 1.000 42.83899 ? 340 HOH A O   1 
HETATM 1110 O  O   . HOH H 5 .   ? 14.47630  -9.73984  1.56139   1.000 57.73235 ? 341 HOH A O   1 
HETATM 1111 O  O   . HOH H 5 .   ? -10.45567 0.45286   -3.03067  1.000 35.79471 ? 342 HOH A O   1 
HETATM 1112 O  O   . HOH H 5 .   ? -10.89432 -9.81450  16.94023  1.000 33.94033 ? 343 HOH A O   1 
HETATM 1113 O  O   . HOH H 5 .   ? 5.48664   14.20182  -5.55116  1.000 31.86412 ? 344 HOH A O   1 
HETATM 1114 O  O   . HOH H 5 .   ? -13.30404 -9.07688  0.54365   1.000 39.78158 ? 345 HOH A O   1 
HETATM 1115 O  O   . HOH H 5 .   ? -5.40335  -3.25953  -17.92436 1.000 48.41194 ? 346 HOH A O   1 
HETATM 1116 O  O   . HOH H 5 .   ? -14.01825 6.40171   -1.38364  1.000 46.51319 ? 347 HOH A O   1 
HETATM 1117 O  O   . HOH H 5 .   ? 13.66291  -5.97280  6.00780   1.000 28.09636 ? 348 HOH A O   1 
HETATM 1118 O  O   . HOH H 5 .   ? -10.56309 -7.08668  -3.62505  1.000 35.98040 ? 349 HOH A O   1 
HETATM 1119 O  O   . HOH H 5 .   ? -15.61110 7.17023   6.91756   1.000 36.50050 ? 350 HOH A O   1 
HETATM 1120 O  O   . HOH H 5 .   ? -17.65949 2.82118   15.75410  0.50  41.19589 ? 351 HOH A O   1 
HETATM 1121 O  O   . HOH H 5 .   ? -6.28683  -5.39149  -3.15403  1.000 29.78527 ? 352 HOH A O   1 
HETATM 1122 O  O   . HOH H 5 .   ? -18.09376 -4.85051  9.77380   1.000 37.85908 ? 353 HOH A O   1 
HETATM 1123 O  O   . HOH H 5 .   ? 0.22836   -8.19720  14.61622  1.000 33.14523 ? 354 HOH A O   1 
HETATM 1124 O  O   . HOH H 5 .   ? 8.94779   -10.89487 -10.89074 1.000 32.50241 ? 355 HOH A O   1 
HETATM 1125 O  O   . HOH H 5 .   ? 2.15129   -16.83740 -3.82515  1.000 35.26023 ? 356 HOH A O   1 
HETATM 1126 O  O   . HOH H 5 .   ? -0.06974  8.21869   -13.15101 1.000 46.87872 ? 357 HOH A O   1 
HETATM 1127 O  O   . HOH H 5 .   ? -14.51166 1.53133   9.59766   1.000 31.74902 ? 358 HOH A O   1 
HETATM 1128 O  O   . HOH H 5 .   ? 20.36406  5.08119   -2.20107  1.000 47.10668 ? 359 HOH A O   1 
HETATM 1129 O  O   . HOH H 5 .   ? -7.85043  -13.32550 -3.75206  1.000 39.67202 ? 360 HOH A O   1 
HETATM 1130 O  O   . HOH H 5 .   ? 8.25173   14.49668  5.98419   1.000 51.08634 ? 361 HOH A O   1 
HETATM 1131 O  O   . HOH H 5 .   ? -11.14085 2.81394   -2.79820  1.000 39.20796 ? 362 HOH A O   1 
HETATM 1132 O  O   . HOH H 5 .   ? 16.27891  -0.44948  4.48266   1.000 26.13980 ? 363 HOH A O   1 
HETATM 1133 O  O   . HOH H 5 .   ? 11.11151  -10.68259 -5.72681  1.000 41.89420 ? 364 HOH A O   1 
HETATM 1134 O  O   . HOH H 5 .   ? -3.48264  7.01453   -13.04571 1.000 50.11434 ? 365 HOH A O   1 
HETATM 1135 O  O   . HOH H 5 .   ? 1.53048   0.71131   16.33554  1.000 41.62177 ? 366 HOH A O   1 
HETATM 1136 O  O   . HOH H 5 .   ? 16.29848  -5.16914  4.34331   1.000 40.35577 ? 367 HOH A O   1 
HETATM 1137 O  O   . HOH H 5 .   ? -15.68963 2.37023   13.18787  1.000 44.29716 ? 368 HOH A O   1 
HETATM 1138 O  O   . HOH H 5 .   ? -2.60079  6.94536   7.39223   1.000 40.41816 ? 369 HOH A O   1 
HETATM 1139 O  O   . HOH H 5 .   ? 10.67981  -8.86610  -16.04356 1.000 39.58905 ? 370 HOH A O   1 
HETATM 1140 O  O   . HOH H 5 .   ? -17.43648 -1.33106  3.82949   1.000 46.76010 ? 371 HOH A O   1 
HETATM 1141 O  O   . HOH H 5 .   ? -18.11061 1.97940   7.33696   1.000 53.96643 ? 372 HOH A O   1 
HETATM 1142 O  O   . HOH H 5 .   ? 14.94125  12.33313  1.40064   1.000 36.16529 ? 373 HOH A O   1 
HETATM 1143 O  O   . HOH H 5 .   ? -5.58185  -2.85008  22.01761  1.000 51.68134 ? 374 HOH A O   1 
HETATM 1144 O  O   . HOH H 5 .   ? -11.95115 -0.62026  -4.99777  1.000 50.86395 ? 375 HOH A O   1 
HETATM 1145 O  O   . HOH H 5 .   ? -16.72543 2.99715   8.90932   1.000 48.01127 ? 376 HOH A O   1 
HETATM 1146 O  O   . HOH H 5 .   ? 14.19244  12.32293  4.76261   1.000 50.81699 ? 377 HOH A O   1 
HETATM 1147 O  O   . HOH H 5 .   ? -20.69697 3.17056   7.07455   1.000 57.79243 ? 378 HOH A O   1 
# 
